data_7RKD
# 
_entry.id   7RKD 
# 
_audit_conform.dict_name       mmcif_pdbx.dic 
_audit_conform.dict_version    5.398 
_audit_conform.dict_location   http://mmcif.pdb.org/dictionaries/ascii/mmcif_pdbx.dic 
# 
loop_
_database_2.database_id 
_database_2.database_code 
_database_2.pdbx_database_accession 
_database_2.pdbx_DOI 
PDB   7RKD         pdb_00007rkd 10.2210/pdb7rkd/pdb 
WWPDB D_1000258068 ?            ?                   
# 
loop_
_pdbx_audit_revision_history.ordinal 
_pdbx_audit_revision_history.data_content_type 
_pdbx_audit_revision_history.major_revision 
_pdbx_audit_revision_history.minor_revision 
_pdbx_audit_revision_history.revision_date 
1 'Structure model' 1 0 2022-07-27 
2 'Structure model' 1 1 2023-10-18 
3 'Structure model' 1 2 2024-11-06 
# 
_pdbx_audit_revision_details.ordinal             1 
_pdbx_audit_revision_details.revision_ordinal    1 
_pdbx_audit_revision_details.data_content_type   'Structure model' 
_pdbx_audit_revision_details.provider            repository 
_pdbx_audit_revision_details.type                'Initial release' 
_pdbx_audit_revision_details.description         ? 
_pdbx_audit_revision_details.details             ? 
# 
loop_
_pdbx_audit_revision_group.ordinal 
_pdbx_audit_revision_group.revision_ordinal 
_pdbx_audit_revision_group.data_content_type 
_pdbx_audit_revision_group.group 
1 2 'Structure model' 'Data collection'        
2 2 'Structure model' 'Refinement description' 
3 3 'Structure model' 'Structure summary'      
# 
loop_
_pdbx_audit_revision_category.ordinal 
_pdbx_audit_revision_category.revision_ordinal 
_pdbx_audit_revision_category.data_content_type 
_pdbx_audit_revision_category.category 
1 2 'Structure model' chem_comp_atom                
2 2 'Structure model' chem_comp_bond                
3 2 'Structure model' pdbx_initial_refinement_model 
4 3 'Structure model' pdbx_entry_details            
5 3 'Structure model' pdbx_modification_feature     
# 
_pdbx_audit_revision_item.ordinal             1 
_pdbx_audit_revision_item.revision_ordinal    3 
_pdbx_audit_revision_item.data_content_type   'Structure model' 
_pdbx_audit_revision_item.item                '_pdbx_entry_details.has_protein_modification' 
# 
_pdbx_database_status.status_code                     REL 
_pdbx_database_status.status_code_sf                  REL 
_pdbx_database_status.status_code_mr                  ? 
_pdbx_database_status.entry_id                        7RKD 
_pdbx_database_status.recvd_initial_deposition_date   2021-07-22 
_pdbx_database_status.SG_entry                        N 
_pdbx_database_status.deposit_site                    RCSB 
_pdbx_database_status.process_site                    RCSB 
_pdbx_database_status.status_code_cs                  ? 
_pdbx_database_status.status_code_nmr_data            ? 
_pdbx_database_status.methods_development_category    ? 
_pdbx_database_status.pdb_format_compatible           Y 
# 
_audit_author.name               'Reyes-Grajeda, J.P.' 
_audit_author.pdbx_ordinal       1 
_audit_author.identifier_ORCID   ? 
# 
_citation.abstract                  ? 
_citation.abstract_id_CAS           ? 
_citation.book_id_ISBN              ? 
_citation.book_publisher            ? 
_citation.book_publisher_city       ? 
_citation.book_title                ? 
_citation.coordinate_linkage        ? 
_citation.country                   ? 
_citation.database_id_Medline       ? 
_citation.details                   ? 
_citation.id                        primary 
_citation.journal_abbrev            'To Be Published' 
_citation.journal_id_ASTM           ? 
_citation.journal_id_CSD            0353 
_citation.journal_id_ISSN           ? 
_citation.journal_full              ? 
_citation.journal_issue             ? 
_citation.journal_volume            ? 
_citation.language                  ? 
_citation.page_first                ? 
_citation.page_last                 ? 
_citation.title                     'Insulin ANALOGS' 
_citation.year                      ? 
_citation.database_id_CSD           ? 
_citation.pdbx_database_id_DOI      ? 
_citation.pdbx_database_id_PubMed   ? 
_citation.pdbx_database_id_patent   ? 
_citation.unpublished_flag          ? 
# 
_citation_author.citation_id        primary 
_citation_author.name               'Reyes-Grajeda, J.P.' 
_citation_author.ordinal            1 
_citation_author.identifier_ORCID   0000-0001-6498-3286 
# 
loop_
_entity.id 
_entity.type 
_entity.src_method 
_entity.pdbx_description 
_entity.formula_weight 
_entity.pdbx_number_of_molecules 
_entity.pdbx_ec 
_entity.pdbx_mutation 
_entity.pdbx_fragment 
_entity.details 
1 polymer     man 'Insulin chain A'        2383.698 2  ? ? ? ? 
2 polymer     man 'Insulin B chain analog' 3448.964 2  ? ? ? ? 
3 non-polymer syn 'ZINC ION'               65.409   2  ? ? ? ? 
4 water       nat water                    18.015   47 ? ? ? ? 
# 
loop_
_entity_poly.entity_id 
_entity_poly.type 
_entity_poly.nstd_linkage 
_entity_poly.nstd_monomer 
_entity_poly.pdbx_seq_one_letter_code 
_entity_poly.pdbx_seq_one_letter_code_can 
_entity_poly.pdbx_strand_id 
_entity_poly.pdbx_target_identifier 
1 'polypeptide(L)' no no GIVEQCCTSICSLYQLENYCN          GIVEQCCTSICSLYQLENYCN          A,C ? 
2 'polypeptide(L)' no no FVKQHLCGSHLVEALYLVCGERGFFYTPET FVKQHLCGSHLVEALYLVCGERGFFYTPET B,D ? 
# 
loop_
_pdbx_entity_nonpoly.entity_id 
_pdbx_entity_nonpoly.name 
_pdbx_entity_nonpoly.comp_id 
3 'ZINC ION' ZN  
4 water      HOH 
# 
loop_
_entity_poly_seq.entity_id 
_entity_poly_seq.num 
_entity_poly_seq.mon_id 
_entity_poly_seq.hetero 
1 1  GLY n 
1 2  ILE n 
1 3  VAL n 
1 4  GLU n 
1 5  GLN n 
1 6  CYS n 
1 7  CYS n 
1 8  THR n 
1 9  SER n 
1 10 ILE n 
1 11 CYS n 
1 12 SER n 
1 13 LEU n 
1 14 TYR n 
1 15 GLN n 
1 16 LEU n 
1 17 GLU n 
1 18 ASN n 
1 19 TYR n 
1 20 CYS n 
1 21 ASN n 
2 1  PHE n 
2 2  VAL n 
2 3  LYS n 
2 4  GLN n 
2 5  HIS n 
2 6  LEU n 
2 7  CYS n 
2 8  GLY n 
2 9  SER n 
2 10 HIS n 
2 11 LEU n 
2 12 VAL n 
2 13 GLU n 
2 14 ALA n 
2 15 LEU n 
2 16 TYR n 
2 17 LEU n 
2 18 VAL n 
2 19 CYS n 
2 20 GLY n 
2 21 GLU n 
2 22 ARG n 
2 23 GLY n 
2 24 PHE n 
2 25 PHE n 
2 26 TYR n 
2 27 THR n 
2 28 PRO n 
2 29 GLU n 
2 30 THR n 
# 
loop_
_entity_src_gen.entity_id 
_entity_src_gen.pdbx_src_id 
_entity_src_gen.pdbx_alt_source_flag 
_entity_src_gen.pdbx_seq_type 
_entity_src_gen.pdbx_beg_seq_num 
_entity_src_gen.pdbx_end_seq_num 
_entity_src_gen.gene_src_common_name 
_entity_src_gen.gene_src_genus 
_entity_src_gen.pdbx_gene_src_gene 
_entity_src_gen.gene_src_species 
_entity_src_gen.gene_src_strain 
_entity_src_gen.gene_src_tissue 
_entity_src_gen.gene_src_tissue_fraction 
_entity_src_gen.gene_src_details 
_entity_src_gen.pdbx_gene_src_fragment 
_entity_src_gen.pdbx_gene_src_scientific_name 
_entity_src_gen.pdbx_gene_src_ncbi_taxonomy_id 
_entity_src_gen.pdbx_gene_src_variant 
_entity_src_gen.pdbx_gene_src_cell_line 
_entity_src_gen.pdbx_gene_src_atcc 
_entity_src_gen.pdbx_gene_src_organ 
_entity_src_gen.pdbx_gene_src_organelle 
_entity_src_gen.pdbx_gene_src_cell 
_entity_src_gen.pdbx_gene_src_cellular_location 
_entity_src_gen.host_org_common_name 
_entity_src_gen.pdbx_host_org_scientific_name 
_entity_src_gen.pdbx_host_org_ncbi_taxonomy_id 
_entity_src_gen.host_org_genus 
_entity_src_gen.pdbx_host_org_gene 
_entity_src_gen.pdbx_host_org_organ 
_entity_src_gen.host_org_species 
_entity_src_gen.pdbx_host_org_tissue 
_entity_src_gen.pdbx_host_org_tissue_fraction 
_entity_src_gen.pdbx_host_org_strain 
_entity_src_gen.pdbx_host_org_variant 
_entity_src_gen.pdbx_host_org_cell_line 
_entity_src_gen.pdbx_host_org_atcc 
_entity_src_gen.pdbx_host_org_culture_collection 
_entity_src_gen.pdbx_host_org_cell 
_entity_src_gen.pdbx_host_org_organelle 
_entity_src_gen.pdbx_host_org_cellular_location 
_entity_src_gen.pdbx_host_org_vector_type 
_entity_src_gen.pdbx_host_org_vector 
_entity_src_gen.host_org_details 
_entity_src_gen.expression_system_id 
_entity_src_gen.plasmid_name 
_entity_src_gen.plasmid_details 
_entity_src_gen.pdbx_description 
1 1 sample 'Biological sequence' 1 21 Human ? INS ? ? ? ? ? ? 'Homo sapiens' 9606 ? ? ? ? ? ? ? ? 'Escherichia coli' 562 ? ? ? ? ? 
? ? ? ? ? ? ? ? ? ? ? ? ? ? ? ? 
2 1 sample 'Biological sequence' 1 30 Human ? INS ? ? ? ? ? ? 'Homo sapiens' 9606 ? ? ? ? ? ? ? ? 'Escherichia coli' 562 ? ? ? ? ? 
? ? ? ? ? ? ? ? ? ? ? ? ? ? ? ? 
# 
loop_
_chem_comp.id 
_chem_comp.type 
_chem_comp.mon_nstd_flag 
_chem_comp.name 
_chem_comp.pdbx_synonyms 
_chem_comp.formula 
_chem_comp.formula_weight 
ALA 'L-peptide linking' y ALANINE         ? 'C3 H7 N O2'     89.093  
ARG 'L-peptide linking' y ARGININE        ? 'C6 H15 N4 O2 1' 175.209 
ASN 'L-peptide linking' y ASPARAGINE      ? 'C4 H8 N2 O3'    132.118 
CYS 'L-peptide linking' y CYSTEINE        ? 'C3 H7 N O2 S'   121.158 
GLN 'L-peptide linking' y GLUTAMINE       ? 'C5 H10 N2 O3'   146.144 
GLU 'L-peptide linking' y 'GLUTAMIC ACID' ? 'C5 H9 N O4'     147.129 
GLY 'peptide linking'   y GLYCINE         ? 'C2 H5 N O2'     75.067  
HIS 'L-peptide linking' y HISTIDINE       ? 'C6 H10 N3 O2 1' 156.162 
HOH non-polymer         . WATER           ? 'H2 O'           18.015  
ILE 'L-peptide linking' y ISOLEUCINE      ? 'C6 H13 N O2'    131.173 
LEU 'L-peptide linking' y LEUCINE         ? 'C6 H13 N O2'    131.173 
LYS 'L-peptide linking' y LYSINE          ? 'C6 H15 N2 O2 1' 147.195 
PHE 'L-peptide linking' y PHENYLALANINE   ? 'C9 H11 N O2'    165.189 
PRO 'L-peptide linking' y PROLINE         ? 'C5 H9 N O2'     115.130 
SER 'L-peptide linking' y SERINE          ? 'C3 H7 N O3'     105.093 
THR 'L-peptide linking' y THREONINE       ? 'C4 H9 N O3'     119.119 
TYR 'L-peptide linking' y TYROSINE        ? 'C9 H11 N O3'    181.189 
VAL 'L-peptide linking' y VALINE          ? 'C5 H11 N O2'    117.146 
ZN  non-polymer         . 'ZINC ION'      ? 'Zn 2'           65.409  
# 
loop_
_pdbx_poly_seq_scheme.asym_id 
_pdbx_poly_seq_scheme.entity_id 
_pdbx_poly_seq_scheme.seq_id 
_pdbx_poly_seq_scheme.mon_id 
_pdbx_poly_seq_scheme.ndb_seq_num 
_pdbx_poly_seq_scheme.pdb_seq_num 
_pdbx_poly_seq_scheme.auth_seq_num 
_pdbx_poly_seq_scheme.pdb_mon_id 
_pdbx_poly_seq_scheme.auth_mon_id 
_pdbx_poly_seq_scheme.pdb_strand_id 
_pdbx_poly_seq_scheme.pdb_ins_code 
_pdbx_poly_seq_scheme.hetero 
A 1 1  GLY 1  1  1  GLY GLY A . n 
A 1 2  ILE 2  2  2  ILE ILE A . n 
A 1 3  VAL 3  3  3  VAL VAL A . n 
A 1 4  GLU 4  4  4  GLU GLU A . n 
A 1 5  GLN 5  5  5  GLN GLN A . n 
A 1 6  CYS 6  6  6  CYS CYS A . n 
A 1 7  CYS 7  7  7  CYS CYS A . n 
A 1 8  THR 8  8  8  THR THR A . n 
A 1 9  SER 9  9  9  SER SER A . n 
A 1 10 ILE 10 10 10 ILE ILE A . n 
A 1 11 CYS 11 11 11 CYS CYS A . n 
A 1 12 SER 12 12 12 SER SER A . n 
A 1 13 LEU 13 13 13 LEU LEU A . n 
A 1 14 TYR 14 14 14 TYR TYR A . n 
A 1 15 GLN 15 15 15 GLN GLN A . n 
A 1 16 LEU 16 16 16 LEU LEU A . n 
A 1 17 GLU 17 17 17 GLU GLU A . n 
A 1 18 ASN 18 18 18 ASN ASN A . n 
A 1 19 TYR 19 19 19 TYR TYR A . n 
A 1 20 CYS 20 20 20 CYS CYS A . n 
A 1 21 ASN 21 21 21 ASN ASN A . n 
B 2 1  PHE 1  1  1  PHE PHE B . n 
B 2 2  VAL 2  2  2  VAL VAL B . n 
B 2 3  LYS 3  3  3  LYS LYS B . n 
B 2 4  GLN 4  4  4  GLN GLN B . n 
B 2 5  HIS 5  5  5  HIS HIS B . n 
B 2 6  LEU 6  6  6  LEU LEU B . n 
B 2 7  CYS 7  7  7  CYS CYS B . n 
B 2 8  GLY 8  8  8  GLY GLY B . n 
B 2 9  SER 9  9  9  SER SER B . n 
B 2 10 HIS 10 10 10 HIS HIS B . n 
B 2 11 LEU 11 11 11 LEU LEU B . n 
B 2 12 VAL 12 12 12 VAL VAL B . n 
B 2 13 GLU 13 13 13 GLU GLU B . n 
B 2 14 ALA 14 14 14 ALA ALA B . n 
B 2 15 LEU 15 15 15 LEU LEU B . n 
B 2 16 TYR 16 16 16 TYR TYR B . n 
B 2 17 LEU 17 17 17 LEU LEU B . n 
B 2 18 VAL 18 18 18 VAL VAL B . n 
B 2 19 CYS 19 19 19 CYS CYS B . n 
B 2 20 GLY 20 20 20 GLY GLY B . n 
B 2 21 GLU 21 21 21 GLU GLU B . n 
B 2 22 ARG 22 22 22 ARG ARG B . n 
B 2 23 GLY 23 23 23 GLY GLY B . n 
B 2 24 PHE 24 24 24 PHE PHE B . n 
B 2 25 PHE 25 25 25 PHE PHE B . n 
B 2 26 TYR 26 26 26 TYR TYR B . n 
B 2 27 THR 27 27 27 THR THR B . n 
B 2 28 PRO 28 28 28 PRO PRO B . n 
B 2 29 GLU 29 29 29 GLU GLU B . n 
B 2 30 THR 30 30 ?  ?   ?   B . n 
C 1 1  GLY 1  1  1  GLY GLY C . n 
C 1 2  ILE 2  2  2  ILE ILE C . n 
C 1 3  VAL 3  3  3  VAL VAL C . n 
C 1 4  GLU 4  4  4  GLU GLU C . n 
C 1 5  GLN 5  5  5  GLN GLN C . n 
C 1 6  CYS 6  6  6  CYS CYS C . n 
C 1 7  CYS 7  7  7  CYS CYS C . n 
C 1 8  THR 8  8  8  THR THR C . n 
C 1 9  SER 9  9  9  SER SER C . n 
C 1 10 ILE 10 10 10 ILE ILE C . n 
C 1 11 CYS 11 11 11 CYS CYS C . n 
C 1 12 SER 12 12 12 SER SER C . n 
C 1 13 LEU 13 13 13 LEU LEU C . n 
C 1 14 TYR 14 14 14 TYR TYR C . n 
C 1 15 GLN 15 15 15 GLN GLN C . n 
C 1 16 LEU 16 16 16 LEU LEU C . n 
C 1 17 GLU 17 17 17 GLU GLU C . n 
C 1 18 ASN 18 18 18 ASN ASN C . n 
C 1 19 TYR 19 19 19 TYR TYR C . n 
C 1 20 CYS 20 20 20 CYS CYS C . n 
C 1 21 ASN 21 21 21 ASN ASN C . n 
D 2 1  PHE 1  1  1  PHE PHE D . n 
D 2 2  VAL 2  2  2  VAL VAL D . n 
D 2 3  LYS 3  3  3  LYS LYS D . n 
D 2 4  GLN 4  4  4  GLN GLN D . n 
D 2 5  HIS 5  5  5  HIS HIS D . n 
D 2 6  LEU 6  6  6  LEU LEU D . n 
D 2 7  CYS 7  7  7  CYS CYS D . n 
D 2 8  GLY 8  8  8  GLY GLY D . n 
D 2 9  SER 9  9  9  SER SER D . n 
D 2 10 HIS 10 10 10 HIS HIS D . n 
D 2 11 LEU 11 11 11 LEU LEU D . n 
D 2 12 VAL 12 12 12 VAL VAL D . n 
D 2 13 GLU 13 13 13 GLU GLU D . n 
D 2 14 ALA 14 14 14 ALA ALA D . n 
D 2 15 LEU 15 15 15 LEU LEU D . n 
D 2 16 TYR 16 16 16 TYR TYR D . n 
D 2 17 LEU 17 17 17 LEU LEU D . n 
D 2 18 VAL 18 18 18 VAL VAL D . n 
D 2 19 CYS 19 19 19 CYS CYS D . n 
D 2 20 GLY 20 20 20 GLY GLY D . n 
D 2 21 GLU 21 21 21 GLU GLU D . n 
D 2 22 ARG 22 22 22 ARG ARG D . n 
D 2 23 GLY 23 23 23 GLY GLY D . n 
D 2 24 PHE 24 24 24 PHE PHE D . n 
D 2 25 PHE 25 25 25 PHE PHE D . n 
D 2 26 TYR 26 26 26 TYR TYR D . n 
D 2 27 THR 27 27 27 THR THR D . n 
D 2 28 PRO 28 28 28 PRO PRO D . n 
D 2 29 GLU 29 29 29 GLU GLU D . n 
D 2 30 THR 30 30 ?  ?   ?   D . n 
# 
_pdbx_entity_instance_feature.ordinal        1 
_pdbx_entity_instance_feature.comp_id        ZN 
_pdbx_entity_instance_feature.asym_id        ? 
_pdbx_entity_instance_feature.seq_num        ? 
_pdbx_entity_instance_feature.auth_comp_id   ZN 
_pdbx_entity_instance_feature.auth_asym_id   ? 
_pdbx_entity_instance_feature.auth_seq_num   ? 
_pdbx_entity_instance_feature.feature_type   'SUBJECT OF INVESTIGATION' 
_pdbx_entity_instance_feature.details        ? 
# 
loop_
_pdbx_nonpoly_scheme.asym_id 
_pdbx_nonpoly_scheme.entity_id 
_pdbx_nonpoly_scheme.mon_id 
_pdbx_nonpoly_scheme.ndb_seq_num 
_pdbx_nonpoly_scheme.pdb_seq_num 
_pdbx_nonpoly_scheme.auth_seq_num 
_pdbx_nonpoly_scheme.pdb_mon_id 
_pdbx_nonpoly_scheme.auth_mon_id 
_pdbx_nonpoly_scheme.pdb_strand_id 
_pdbx_nonpoly_scheme.pdb_ins_code 
E 3 ZN  1  101 1  ZN  ZN  B . 
F 3 ZN  1  101 2  ZN  ZN  D . 
G 4 HOH 1  101 33 HOH HOH A . 
G 4 HOH 2  102 42 HOH HOH A . 
G 4 HOH 3  103 24 HOH HOH A . 
G 4 HOH 4  104 4  HOH HOH A . 
H 4 HOH 1  201 26 HOH HOH B . 
H 4 HOH 2  202 47 HOH HOH B . 
H 4 HOH 3  203 45 HOH HOH B . 
H 4 HOH 4  204 20 HOH HOH B . 
H 4 HOH 5  205 22 HOH HOH B . 
H 4 HOH 6  206 7  HOH HOH B . 
H 4 HOH 7  207 6  HOH HOH B . 
H 4 HOH 8  208 5  HOH HOH B . 
H 4 HOH 9  209 43 HOH HOH B . 
H 4 HOH 10 210 2  HOH HOH B . 
H 4 HOH 11 211 14 HOH HOH B . 
H 4 HOH 12 212 10 HOH HOH B . 
H 4 HOH 13 213 12 HOH HOH B . 
H 4 HOH 14 214 17 HOH HOH B . 
H 4 HOH 15 215 19 HOH HOH B . 
H 4 HOH 16 216 28 HOH HOH B . 
I 4 HOH 1  101 38 HOH HOH C . 
I 4 HOH 2  102 25 HOH HOH C . 
I 4 HOH 3  103 1  HOH HOH C . 
I 4 HOH 4  104 27 HOH HOH C . 
I 4 HOH 5  105 21 HOH HOH C . 
I 4 HOH 6  106 34 HOH HOH C . 
I 4 HOH 7  107 41 HOH HOH C . 
I 4 HOH 8  108 23 HOH HOH C . 
I 4 HOH 9  109 40 HOH HOH C . 
J 4 HOH 1  201 15 HOH HOH D . 
J 4 HOH 2  202 13 HOH HOH D . 
J 4 HOH 3  203 35 HOH HOH D . 
J 4 HOH 4  204 11 HOH HOH D . 
J 4 HOH 5  205 32 HOH HOH D . 
J 4 HOH 6  206 9  HOH HOH D . 
J 4 HOH 7  207 37 HOH HOH D . 
J 4 HOH 8  208 3  HOH HOH D . 
J 4 HOH 9  209 29 HOH HOH D . 
J 4 HOH 10 210 31 HOH HOH D . 
J 4 HOH 11 211 8  HOH HOH D . 
J 4 HOH 12 212 39 HOH HOH D . 
J 4 HOH 13 213 36 HOH HOH D . 
J 4 HOH 14 214 16 HOH HOH D . 
J 4 HOH 15 215 30 HOH HOH D . 
J 4 HOH 16 216 46 HOH HOH D . 
J 4 HOH 17 217 18 HOH HOH D . 
J 4 HOH 18 218 44 HOH HOH D . 
# 
loop_
_software.citation_id 
_software.classification 
_software.compiler_name 
_software.compiler_version 
_software.contact_author 
_software.contact_author_email 
_software.date 
_software.description 
_software.dependencies 
_software.hardware 
_software.language 
_software.location 
_software.mods 
_software.name 
_software.os 
_software.os_version 
_software.type 
_software.version 
_software.pdbx_ordinal 
? refinement       ? ? ? ? ? ? ? ? ? ? ? REFMAC   ? ? ? 5.8.0267 1 
? 'data reduction' ? ? ? ? ? ? ? ? ? ? ? TRUNCATE ? ? ? 1.17.29  2 
? 'data scaling'   ? ? ? ? ? ? ? ? ? ? ? Aimless  ? ? ? 0.7.7    3 
? phasing          ? ? ? ? ? ? ? ? ? ? ? MOLREP   ? ? ? 11.7.03  4 
# 
_cell.angle_alpha                  90.000 
_cell.angle_alpha_esd              ? 
_cell.angle_beta                   90.000 
_cell.angle_beta_esd               ? 
_cell.angle_gamma                  120.000 
_cell.angle_gamma_esd              ? 
_cell.entry_id                     7RKD 
_cell.details                      ? 
_cell.formula_units_Z              ? 
_cell.length_a                     81.945 
_cell.length_a_esd                 ? 
_cell.length_b                     81.945 
_cell.length_b_esd                 ? 
_cell.length_c                     33.468 
_cell.length_c_esd                 ? 
_cell.volume                       ? 
_cell.volume_esd                   ? 
_cell.Z_PDB                        18 
_cell.reciprocal_angle_alpha       ? 
_cell.reciprocal_angle_beta        ? 
_cell.reciprocal_angle_gamma       ? 
_cell.reciprocal_angle_alpha_esd   ? 
_cell.reciprocal_angle_beta_esd    ? 
_cell.reciprocal_angle_gamma_esd   ? 
_cell.reciprocal_length_a          ? 
_cell.reciprocal_length_b          ? 
_cell.reciprocal_length_c          ? 
_cell.reciprocal_length_a_esd      ? 
_cell.reciprocal_length_b_esd      ? 
_cell.reciprocal_length_c_esd      ? 
_cell.pdbx_unique_axis             ? 
# 
_symmetry.entry_id                         7RKD 
_symmetry.cell_setting                     ? 
_symmetry.Int_Tables_number                146 
_symmetry.space_group_name_Hall            ? 
_symmetry.space_group_name_H-M             'H 3' 
_symmetry.pdbx_full_space_group_name_H-M   ? 
# 
_exptl.absorpt_coefficient_mu     ? 
_exptl.absorpt_correction_T_max   ? 
_exptl.absorpt_correction_T_min   ? 
_exptl.absorpt_correction_type    ? 
_exptl.absorpt_process_details    ? 
_exptl.entry_id                   7RKD 
_exptl.crystals_number            1 
_exptl.details                    ? 
_exptl.method                     'X-RAY DIFFRACTION' 
_exptl.method_details             ? 
# 
_exptl_crystal.colour                      ? 
_exptl_crystal.density_diffrn              ? 
_exptl_crystal.density_Matthews            1.88 
_exptl_crystal.density_method              ? 
_exptl_crystal.density_percent_sol         34.77 
_exptl_crystal.description                 ? 
_exptl_crystal.F_000                       ? 
_exptl_crystal.id                          1 
_exptl_crystal.preparation                 ? 
_exptl_crystal.size_max                    ? 
_exptl_crystal.size_mid                    ? 
_exptl_crystal.size_min                    ? 
_exptl_crystal.size_rad                    ? 
_exptl_crystal.colour_lustre               ? 
_exptl_crystal.colour_modifier             ? 
_exptl_crystal.colour_primary              ? 
_exptl_crystal.density_meas                ? 
_exptl_crystal.density_meas_esd            ? 
_exptl_crystal.density_meas_gt             ? 
_exptl_crystal.density_meas_lt             ? 
_exptl_crystal.density_meas_temp           ? 
_exptl_crystal.density_meas_temp_esd       ? 
_exptl_crystal.density_meas_temp_gt        ? 
_exptl_crystal.density_meas_temp_lt        ? 
_exptl_crystal.pdbx_crystal_image_url      ? 
_exptl_crystal.pdbx_crystal_image_format   ? 
_exptl_crystal.pdbx_mosaicity              ? 
_exptl_crystal.pdbx_mosaicity_esd          ? 
# 
_exptl_crystal_grow.apparatus       ? 
_exptl_crystal_grow.atmosphere      ? 
_exptl_crystal_grow.crystal_id      1 
_exptl_crystal_grow.details         ? 
_exptl_crystal_grow.method          MICROBATCH 
_exptl_crystal_grow.method_ref      ? 
_exptl_crystal_grow.pH              ? 
_exptl_crystal_grow.pressure        ? 
_exptl_crystal_grow.pressure_esd    ? 
_exptl_crystal_grow.seeding         ? 
_exptl_crystal_grow.seeding_ref     ? 
_exptl_crystal_grow.temp            293.15 
_exptl_crystal_grow.temp_details    ? 
_exptl_crystal_grow.temp_esd        ? 
_exptl_crystal_grow.time            ? 
_exptl_crystal_grow.pdbx_details    '0.1 M Magnesium formate dihydrate' 
_exptl_crystal_grow.pdbx_pH_range   ? 
# 
_diffrn.ambient_environment              ? 
_diffrn.ambient_temp                     100 
_diffrn.ambient_temp_details             ? 
_diffrn.ambient_temp_esd                 ? 
_diffrn.crystal_id                       1 
_diffrn.crystal_support                  ? 
_diffrn.crystal_treatment                ? 
_diffrn.details                          ? 
_diffrn.id                               1 
_diffrn.ambient_pressure                 ? 
_diffrn.ambient_pressure_esd             ? 
_diffrn.ambient_pressure_gt              ? 
_diffrn.ambient_pressure_lt              ? 
_diffrn.ambient_temp_gt                  ? 
_diffrn.ambient_temp_lt                  ? 
_diffrn.pdbx_serial_crystal_experiment   N 
# 
_diffrn_detector.details                      ? 
_diffrn_detector.detector                     PIXEL 
_diffrn_detector.diffrn_id                    1 
_diffrn_detector.type                         'DECTRIS PILATUS 6M' 
_diffrn_detector.area_resol_mean              ? 
_diffrn_detector.dtime                        ? 
_diffrn_detector.pdbx_frames_total            ? 
_diffrn_detector.pdbx_collection_time_total   ? 
_diffrn_detector.pdbx_collection_date         2021-06-21 
_diffrn_detector.pdbx_frequency               ? 
# 
_diffrn_radiation.collimation                      ? 
_diffrn_radiation.diffrn_id                        1 
_diffrn_radiation.filter_edge                      ? 
_diffrn_radiation.inhomogeneity                    ? 
_diffrn_radiation.monochromator                    ? 
_diffrn_radiation.polarisn_norm                    ? 
_diffrn_radiation.polarisn_ratio                   ? 
_diffrn_radiation.probe                            ? 
_diffrn_radiation.type                             ? 
_diffrn_radiation.xray_symbol                      ? 
_diffrn_radiation.wavelength_id                    1 
_diffrn_radiation.pdbx_monochromatic_or_laue_m_l   M 
_diffrn_radiation.pdbx_wavelength_list             ? 
_diffrn_radiation.pdbx_wavelength                  ? 
_diffrn_radiation.pdbx_diffrn_protocol             'SINGLE WAVELENGTH' 
_diffrn_radiation.pdbx_analyzer                    ? 
_diffrn_radiation.pdbx_scattering_type             x-ray 
# 
_diffrn_radiation_wavelength.id           1 
_diffrn_radiation_wavelength.wavelength   0.9792 
_diffrn_radiation_wavelength.wt           1.0 
# 
_diffrn_source.current                     ? 
_diffrn_source.details                     ? 
_diffrn_source.diffrn_id                   1 
_diffrn_source.power                       ? 
_diffrn_source.size                        ? 
_diffrn_source.source                      SYNCHROTRON 
_diffrn_source.target                      ? 
_diffrn_source.type                        'ALBA BEAMLINE XALOC' 
_diffrn_source.voltage                     ? 
_diffrn_source.take-off_angle              ? 
_diffrn_source.pdbx_wavelength_list        0.9792 
_diffrn_source.pdbx_wavelength             ? 
_diffrn_source.pdbx_synchrotron_beamline   XALOC 
_diffrn_source.pdbx_synchrotron_site       ALBA 
# 
_reflns.B_iso_Wilson_estimate                          ? 
_reflns.entry_id                                       7RKD 
_reflns.data_reduction_details                         ? 
_reflns.data_reduction_method                          ? 
_reflns.d_resolution_high                              1.250 
_reflns.d_resolution_low                               40.9793 
_reflns.details                                        ? 
_reflns.limit_h_max                                    ? 
_reflns.limit_h_min                                    ? 
_reflns.limit_k_max                                    ? 
_reflns.limit_k_min                                    ? 
_reflns.limit_l_max                                    ? 
_reflns.limit_l_min                                    ? 
_reflns.number_all                                     ? 
_reflns.number_obs                                     23171 
_reflns.observed_criterion                             ? 
_reflns.observed_criterion_F_max                       ? 
_reflns.observed_criterion_F_min                       ? 
_reflns.observed_criterion_I_max                       ? 
_reflns.observed_criterion_I_min                       ? 
_reflns.observed_criterion_sigma_F                     ? 
_reflns.observed_criterion_sigma_I                     ? 
_reflns.percent_possible_obs                           99.900 
_reflns.R_free_details                                 ? 
_reflns.Rmerge_F_all                                   ? 
_reflns.Rmerge_F_obs                                   ? 
_reflns.Friedel_coverage                               ? 
_reflns.number_gt                                      ? 
_reflns.threshold_expression                           ? 
_reflns.pdbx_redundancy                                4.500 
_reflns.pdbx_Rmerge_I_obs                              0.070 
_reflns.pdbx_Rmerge_I_all                              ? 
_reflns.pdbx_Rsym_value                                ? 
_reflns.pdbx_netI_over_av_sigmaI                       ? 
_reflns.pdbx_netI_over_sigmaI                          8.800 
_reflns.pdbx_res_netI_over_av_sigmaI_2                 ? 
_reflns.pdbx_res_netI_over_sigmaI_2                    ? 
_reflns.pdbx_chi_squared                               ? 
_reflns.pdbx_scaling_rejects                           ? 
_reflns.pdbx_d_res_high_opt                            ? 
_reflns.pdbx_d_res_low_opt                             ? 
_reflns.pdbx_d_res_opt_method                          ? 
_reflns.phase_calculation_details                      ? 
_reflns.pdbx_Rrim_I_all                                0.079 
_reflns.pdbx_Rpim_I_all                                0.036 
_reflns.pdbx_d_opt                                     ? 
_reflns.pdbx_number_measured_all                       ? 
_reflns.pdbx_diffrn_id                                 1 
_reflns.pdbx_ordinal                                   1 
_reflns.pdbx_CC_half                                   0.998 
_reflns.pdbx_CC_star                                   ? 
_reflns.pdbx_R_split                                   ? 
_reflns.pdbx_aniso_diffraction_limit_axis_1_ortho[1]   ? 
_reflns.pdbx_aniso_diffraction_limit_axis_1_ortho[2]   ? 
_reflns.pdbx_aniso_diffraction_limit_axis_1_ortho[3]   ? 
_reflns.pdbx_aniso_diffraction_limit_axis_2_ortho[1]   ? 
_reflns.pdbx_aniso_diffraction_limit_axis_2_ortho[2]   ? 
_reflns.pdbx_aniso_diffraction_limit_axis_2_ortho[3]   ? 
_reflns.pdbx_aniso_diffraction_limit_axis_3_ortho[1]   ? 
_reflns.pdbx_aniso_diffraction_limit_axis_3_ortho[2]   ? 
_reflns.pdbx_aniso_diffraction_limit_axis_3_ortho[3]   ? 
_reflns.pdbx_aniso_diffraction_limit_1                 ? 
_reflns.pdbx_aniso_diffraction_limit_2                 ? 
_reflns.pdbx_aniso_diffraction_limit_3                 ? 
_reflns.pdbx_aniso_B_tensor_eigenvector_1_ortho[1]     ? 
_reflns.pdbx_aniso_B_tensor_eigenvector_1_ortho[2]     ? 
_reflns.pdbx_aniso_B_tensor_eigenvector_1_ortho[3]     ? 
_reflns.pdbx_aniso_B_tensor_eigenvector_2_ortho[1]     ? 
_reflns.pdbx_aniso_B_tensor_eigenvector_2_ortho[2]     ? 
_reflns.pdbx_aniso_B_tensor_eigenvector_2_ortho[3]     ? 
_reflns.pdbx_aniso_B_tensor_eigenvector_3_ortho[1]     ? 
_reflns.pdbx_aniso_B_tensor_eigenvector_3_ortho[2]     ? 
_reflns.pdbx_aniso_B_tensor_eigenvector_3_ortho[3]     ? 
_reflns.pdbx_aniso_B_tensor_eigenvalue_1               ? 
_reflns.pdbx_aniso_B_tensor_eigenvalue_2               ? 
_reflns.pdbx_aniso_B_tensor_eigenvalue_3               ? 
_reflns.pdbx_orthogonalization_convention              ? 
_reflns.pdbx_percent_possible_ellipsoidal              ? 
_reflns.pdbx_percent_possible_spherical                ? 
_reflns.pdbx_percent_possible_ellipsoidal_anomalous    ? 
_reflns.pdbx_percent_possible_spherical_anomalous      ? 
_reflns.pdbx_redundancy_anomalous                      ? 
_reflns.pdbx_CC_half_anomalous                         ? 
_reflns.pdbx_absDiff_over_sigma_anomalous              ? 
_reflns.pdbx_percent_possible_anomalous                ? 
_reflns.pdbx_observed_signal_threshold                 ? 
_reflns.pdbx_signal_type                               ? 
_reflns.pdbx_signal_details                            ? 
_reflns.pdbx_signal_software_id                        ? 
# 
loop_
_reflns_shell.d_res_high 
_reflns_shell.d_res_low 
_reflns_shell.meanI_over_sigI_all 
_reflns_shell.meanI_over_sigI_obs 
_reflns_shell.number_measured_all 
_reflns_shell.number_measured_obs 
_reflns_shell.number_possible 
_reflns_shell.number_unique_all 
_reflns_shell.number_unique_obs 
_reflns_shell.percent_possible_all 
_reflns_shell.percent_possible_obs 
_reflns_shell.Rmerge_F_all 
_reflns_shell.Rmerge_F_obs 
_reflns_shell.Rmerge_I_all 
_reflns_shell.Rmerge_I_obs 
_reflns_shell.meanI_over_sigI_gt 
_reflns_shell.meanI_over_uI_all 
_reflns_shell.meanI_over_uI_gt 
_reflns_shell.number_measured_gt 
_reflns_shell.number_unique_gt 
_reflns_shell.percent_possible_gt 
_reflns_shell.Rmerge_F_gt 
_reflns_shell.Rmerge_I_gt 
_reflns_shell.pdbx_redundancy 
_reflns_shell.pdbx_Rsym_value 
_reflns_shell.pdbx_chi_squared 
_reflns_shell.pdbx_netI_over_sigmaI_all 
_reflns_shell.pdbx_netI_over_sigmaI_obs 
_reflns_shell.pdbx_Rrim_I_all 
_reflns_shell.pdbx_Rpim_I_all 
_reflns_shell.pdbx_rejects 
_reflns_shell.pdbx_ordinal 
_reflns_shell.pdbx_diffrn_id 
_reflns_shell.pdbx_CC_half 
_reflns_shell.pdbx_CC_star 
_reflns_shell.pdbx_R_split 
_reflns_shell.pdbx_percent_possible_ellipsoidal 
_reflns_shell.pdbx_percent_possible_spherical 
_reflns_shell.pdbx_percent_possible_ellipsoidal_anomalous 
_reflns_shell.pdbx_percent_possible_spherical_anomalous 
_reflns_shell.pdbx_redundancy_anomalous 
_reflns_shell.pdbx_CC_half_anomalous 
_reflns_shell.pdbx_absDiff_over_sigma_anomalous 
_reflns_shell.pdbx_percent_possible_anomalous 
1.250 1.270  ? ? ? ? ? ? 1137 99.900 ? ? ? ? ?     ? ? ? ? ? ? ? ? 3.500 ? ? ? ? ?     ?     ? 1 1 0.133 ? ? ? ? ? ? ? ? ? ? 
6.850 40.970 ? ? ? ? ? ? 138  99.800 ? ? ? ? 0.051 ? ? ? ? ? ? ? ? 5.400 ? ? ? ? 0.057 0.024 ? 2 1 0.988 ? ? ? ? ? ? ? ? ? ? 
# 
_refine.aniso_B[1][1]                            0.0700 
_refine.aniso_B[1][2]                            0.0300 
_refine.aniso_B[1][3]                            -0.0000 
_refine.aniso_B[2][2]                            0.0700 
_refine.aniso_B[2][3]                            -0.0000 
_refine.aniso_B[3][3]                            -0.2200 
_refine.B_iso_max                                97.730 
_refine.B_iso_mean                               23.1200 
_refine.B_iso_min                                11.850 
_refine.correlation_coeff_Fo_to_Fc               0.9730 
_refine.correlation_coeff_Fo_to_Fc_free          0.9680 
_refine.details                                  'U VALUES      : REFINED INDIVIDUALLY' 
_refine.diff_density_max                         ? 
_refine.diff_density_max_esd                     ? 
_refine.diff_density_min                         ? 
_refine.diff_density_min_esd                     ? 
_refine.diff_density_rms                         ? 
_refine.diff_density_rms_esd                     ? 
_refine.entry_id                                 7RKD 
_refine.pdbx_refine_id                           'X-RAY DIFFRACTION' 
_refine.ls_abs_structure_details                 ? 
_refine.ls_abs_structure_Flack                   ? 
_refine.ls_abs_structure_Flack_esd               ? 
_refine.ls_abs_structure_Rogers                  ? 
_refine.ls_abs_structure_Rogers_esd              ? 
_refine.ls_d_res_high                            1.2500 
_refine.ls_d_res_low                             40.97 
_refine.ls_extinction_coef                       ? 
_refine.ls_extinction_coef_esd                   ? 
_refine.ls_extinction_expression                 ? 
_refine.ls_extinction_method                     ? 
_refine.ls_goodness_of_fit_all                   ? 
_refine.ls_goodness_of_fit_all_esd               ? 
_refine.ls_goodness_of_fit_obs                   ? 
_refine.ls_goodness_of_fit_obs_esd               ? 
_refine.ls_hydrogen_treatment                    ? 
_refine.ls_matrix_type                           ? 
_refine.ls_number_constraints                    ? 
_refine.ls_number_parameters                     ? 
_refine.ls_number_reflns_all                     ? 
_refine.ls_number_reflns_obs                     20773 
_refine.ls_number_reflns_R_free                  2397 
_refine.ls_number_reflns_R_work                  ? 
_refine.ls_number_restraints                     ? 
_refine.ls_percent_reflns_obs                    99.9200 
_refine.ls_percent_reflns_R_free                 10.3000 
_refine.ls_R_factor_all                          ? 
_refine.ls_R_factor_obs                          0.1960 
_refine.ls_R_factor_R_free                       0.2153 
_refine.ls_R_factor_R_free_error                 ? 
_refine.ls_R_factor_R_free_error_details         ? 
_refine.ls_R_factor_R_work                       0.1939 
_refine.ls_R_Fsqd_factor_obs                     ? 
_refine.ls_R_I_factor_obs                        ? 
_refine.ls_redundancy_reflns_all                 ? 
_refine.ls_redundancy_reflns_obs                 ? 
_refine.ls_restrained_S_all                      ? 
_refine.ls_restrained_S_obs                      ? 
_refine.ls_shift_over_esd_max                    ? 
_refine.ls_shift_over_esd_mean                   ? 
_refine.ls_structure_factor_coef                 ? 
_refine.ls_weighting_details                     ? 
_refine.ls_weighting_scheme                      ? 
_refine.ls_wR_factor_all                         ? 
_refine.ls_wR_factor_obs                         ? 
_refine.ls_wR_factor_R_free                      ? 
_refine.ls_wR_factor_R_work                      ? 
_refine.occupancy_max                            ? 
_refine.occupancy_min                            ? 
_refine.solvent_model_details                    'BABINET MODEL WITH MASK' 
_refine.solvent_model_param_bsol                 ? 
_refine.solvent_model_param_ksol                 ? 
_refine.pdbx_R_complete                          ? 
_refine.ls_R_factor_gt                           ? 
_refine.ls_goodness_of_fit_gt                    ? 
_refine.ls_goodness_of_fit_ref                   ? 
_refine.ls_shift_over_su_max                     ? 
_refine.ls_shift_over_su_max_lt                  ? 
_refine.ls_shift_over_su_mean                    ? 
_refine.ls_shift_over_su_mean_lt                 ? 
_refine.pdbx_ls_sigma_I                          ? 
_refine.pdbx_ls_sigma_F                          0.000 
_refine.pdbx_ls_sigma_Fsqd                       ? 
_refine.pdbx_data_cutoff_high_absF               ? 
_refine.pdbx_data_cutoff_high_rms_absF           ? 
_refine.pdbx_data_cutoff_low_absF                ? 
_refine.pdbx_isotropic_thermal_model             ? 
_refine.pdbx_ls_cross_valid_method               THROUGHOUT 
_refine.pdbx_method_to_determine_struct          'MOLECULAR REPLACEMENT' 
_refine.pdbx_starting_model                      6O17 
_refine.pdbx_stereochemistry_target_values       'MAXIMUM LIKELIHOOD WITH PHASES' 
_refine.pdbx_R_Free_selection_details            RANDOM 
_refine.pdbx_stereochem_target_val_spec_case     ? 
_refine.pdbx_overall_ESU_R                       0.0570 
_refine.pdbx_overall_ESU_R_Free                  0.0570 
_refine.pdbx_solvent_vdw_probe_radii             1.2000 
_refine.pdbx_solvent_ion_probe_radii             0.8000 
_refine.pdbx_solvent_shrinkage_radii             0.8000 
_refine.pdbx_real_space_R                        ? 
_refine.pdbx_density_correlation                 ? 
_refine.pdbx_pd_number_of_powder_patterns        ? 
_refine.pdbx_pd_number_of_points                 ? 
_refine.pdbx_pd_meas_number_of_points            ? 
_refine.pdbx_pd_proc_ls_prof_R_factor            ? 
_refine.pdbx_pd_proc_ls_prof_wR_factor           ? 
_refine.pdbx_pd_Marquardt_correlation_coeff      ? 
_refine.pdbx_pd_Fsqrd_R_factor                   ? 
_refine.pdbx_pd_ls_matrix_band_width             ? 
_refine.pdbx_overall_phase_error                 ? 
_refine.pdbx_overall_SU_R_free_Cruickshank_DPI   ? 
_refine.pdbx_overall_SU_R_free_Blow_DPI          ? 
_refine.pdbx_overall_SU_R_Blow_DPI               ? 
_refine.pdbx_TLS_residual_ADP_flag               ? 
_refine.pdbx_diffrn_id                           1 
_refine.overall_SU_B                             1.2580 
_refine.overall_SU_ML                            0.0500 
_refine.overall_SU_R_Cruickshank_DPI             ? 
_refine.overall_SU_R_free                        ? 
_refine.overall_FOM_free_R_set                   ? 
_refine.overall_FOM_work_R_set                   ? 
_refine.pdbx_average_fsc_overall                 ? 
_refine.pdbx_average_fsc_work                    ? 
_refine.pdbx_average_fsc_free                    ? 
# 
_refine_hist.pdbx_refine_id                   'X-RAY DIFFRACTION' 
_refine_hist.cycle_id                         final 
_refine_hist.details                          ? 
_refine_hist.d_res_high                       1.2500 
_refine_hist.d_res_low                        40.97 
_refine_hist.number_atoms_solvent             47 
_refine_hist.number_atoms_total               845 
_refine_hist.number_reflns_all                ? 
_refine_hist.number_reflns_obs                ? 
_refine_hist.number_reflns_R_free             ? 
_refine_hist.number_reflns_R_work             ? 
_refine_hist.R_factor_all                     ? 
_refine_hist.R_factor_obs                     ? 
_refine_hist.R_factor_R_free                  ? 
_refine_hist.R_factor_R_work                  ? 
_refine_hist.pdbx_number_residues_total       100 
_refine_hist.pdbx_B_iso_mean_ligand           60.96 
_refine_hist.pdbx_B_iso_mean_solvent          30.79 
_refine_hist.pdbx_number_atoms_protein        796 
_refine_hist.pdbx_number_atoms_nucleic_acid   0 
_refine_hist.pdbx_number_atoms_ligand         2 
_refine_hist.pdbx_number_atoms_lipid          ? 
_refine_hist.pdbx_number_atoms_carb           ? 
_refine_hist.pdbx_pseudo_atom_details         ? 
# 
loop_
_refine_ls_restr.pdbx_refine_id 
_refine_ls_restr.criterion 
_refine_ls_restr.dev_ideal 
_refine_ls_restr.dev_ideal_target 
_refine_ls_restr.number 
_refine_ls_restr.rejects 
_refine_ls_restr.type 
_refine_ls_restr.weight 
_refine_ls_restr.pdbx_restraint_function 
'X-RAY DIFFRACTION' ? 0.026  0.012  853  ? r_bond_refined_d       ? ? 
'X-RAY DIFFRACTION' ? 2.983  1.633  1165 ? r_angle_refined_deg    ? ? 
'X-RAY DIFFRACTION' ? 7.034  5.000  107  ? r_dihedral_angle_1_deg ? ? 
'X-RAY DIFFRACTION' ? 36.728 23.111 45   ? r_dihedral_angle_2_deg ? ? 
'X-RAY DIFFRACTION' ? 13.608 15.000 138  ? r_dihedral_angle_3_deg ? ? 
'X-RAY DIFFRACTION' ? 7.344  15.000 3    ? r_dihedral_angle_4_deg ? ? 
'X-RAY DIFFRACTION' ? 0.178  0.200  107  ? r_chiral_restr         ? ? 
'X-RAY DIFFRACTION' ? 0.020  0.020  663  ? r_gen_planes_refined   ? ? 
# 
_refine_ls_shell.pdbx_refine_id                   'X-RAY DIFFRACTION' 
_refine_ls_shell.d_res_high                       1.2500 
_refine_ls_shell.d_res_low                        1.2820 
_refine_ls_shell.number_reflns_all                ? 
_refine_ls_shell.number_reflns_obs                ? 
_refine_ls_shell.number_reflns_R_free             207 
_refine_ls_shell.number_reflns_R_work             1517 
_refine_ls_shell.percent_reflns_obs               99.8800 
_refine_ls_shell.percent_reflns_R_free            ? 
_refine_ls_shell.R_factor_all                     ? 
_refine_ls_shell.R_factor_obs                     ? 
_refine_ls_shell.R_factor_R_free                  0.3810 
_refine_ls_shell.R_factor_R_free_error            0.0000 
_refine_ls_shell.R_factor_R_work                  0.3810 
_refine_ls_shell.redundancy_reflns_all            ? 
_refine_ls_shell.redundancy_reflns_obs            ? 
_refine_ls_shell.wR_factor_all                    ? 
_refine_ls_shell.wR_factor_obs                    ? 
_refine_ls_shell.wR_factor_R_free                 ? 
_refine_ls_shell.wR_factor_R_work                 ? 
_refine_ls_shell.pdbx_R_complete                  ? 
_refine_ls_shell.pdbx_total_number_of_bins_used   ? 
_refine_ls_shell.pdbx_phase_error                 ? 
_refine_ls_shell.pdbx_fsc_work                    ? 
_refine_ls_shell.pdbx_fsc_free                    ? 
# 
_struct.entry_id                     7RKD 
_struct.title                        'X-Ray structure of Insulin Analog GLULISINE' 
_struct.pdbx_model_details           ? 
_struct.pdbx_formula_weight          ? 
_struct.pdbx_formula_weight_method   ? 
_struct.pdbx_model_type_details      ? 
_struct.pdbx_CASP_flag               N 
# 
_struct_keywords.entry_id        7RKD 
_struct_keywords.text            'biopharmaceutical compounds, HORMONE' 
_struct_keywords.pdbx_keywords   HORMONE 
# 
loop_
_struct_asym.id 
_struct_asym.pdbx_blank_PDB_chainid_flag 
_struct_asym.pdbx_modified 
_struct_asym.entity_id 
_struct_asym.details 
A N N 1 ? 
B N N 2 ? 
C N N 1 ? 
D N N 2 ? 
E N N 3 ? 
F N N 3 ? 
G N N 4 ? 
H N N 4 ? 
I N N 4 ? 
J N N 4 ? 
# 
loop_
_struct_ref.id 
_struct_ref.db_name 
_struct_ref.db_code 
_struct_ref.pdbx_db_accession 
_struct_ref.pdbx_db_isoform 
_struct_ref.entity_id 
_struct_ref.pdbx_seq_one_letter_code 
_struct_ref.pdbx_align_begin 
1 UNP INS_HUMAN P01308 ? 1 GIVEQCCTSICSLYQLENYCN          90 
2 UNP INS_HUMAN P01308 ? 2 FVNQHLCGSHLVEALYLVCGERGFFYTPKT 25 
# 
loop_
_struct_ref_seq.align_id 
_struct_ref_seq.ref_id 
_struct_ref_seq.pdbx_PDB_id_code 
_struct_ref_seq.pdbx_strand_id 
_struct_ref_seq.seq_align_beg 
_struct_ref_seq.pdbx_seq_align_beg_ins_code 
_struct_ref_seq.seq_align_end 
_struct_ref_seq.pdbx_seq_align_end_ins_code 
_struct_ref_seq.pdbx_db_accession 
_struct_ref_seq.db_align_beg 
_struct_ref_seq.pdbx_db_align_beg_ins_code 
_struct_ref_seq.db_align_end 
_struct_ref_seq.pdbx_db_align_end_ins_code 
_struct_ref_seq.pdbx_auth_seq_align_beg 
_struct_ref_seq.pdbx_auth_seq_align_end 
1 1 7RKD A 1 ? 21 ? P01308 90 ? 110 ? 1 21 
2 2 7RKD B 1 ? 30 ? P01308 25 ? 54  ? 1 30 
3 1 7RKD C 1 ? 21 ? P01308 90 ? 110 ? 1 21 
4 2 7RKD D 1 ? 30 ? P01308 25 ? 54  ? 1 30 
# 
loop_
_struct_ref_seq_dif.align_id 
_struct_ref_seq_dif.pdbx_pdb_id_code 
_struct_ref_seq_dif.mon_id 
_struct_ref_seq_dif.pdbx_pdb_strand_id 
_struct_ref_seq_dif.seq_num 
_struct_ref_seq_dif.pdbx_pdb_ins_code 
_struct_ref_seq_dif.pdbx_seq_db_name 
_struct_ref_seq_dif.pdbx_seq_db_accession_code 
_struct_ref_seq_dif.db_mon_id 
_struct_ref_seq_dif.pdbx_seq_db_seq_num 
_struct_ref_seq_dif.details 
_struct_ref_seq_dif.pdbx_auth_seq_num 
_struct_ref_seq_dif.pdbx_ordinal 
2 7RKD LYS B 3  ? UNP P01308 ASN 27 variant 3  1 
2 7RKD GLU B 29 ? UNP P01308 LYS 53 variant 29 2 
4 7RKD LYS D 3  ? UNP P01308 ASN 27 variant 3  3 
4 7RKD GLU D 29 ? UNP P01308 LYS 53 variant 29 4 
# 
_pdbx_struct_assembly.id                   1 
_pdbx_struct_assembly.details              author_and_software_defined_assembly 
_pdbx_struct_assembly.method_details       PISA 
_pdbx_struct_assembly.oligomeric_details   dodecameric 
_pdbx_struct_assembly.oligomeric_count     12 
# 
loop_
_pdbx_struct_assembly_prop.biol_id 
_pdbx_struct_assembly_prop.type 
_pdbx_struct_assembly_prop.value 
_pdbx_struct_assembly_prop.details 
1 'ABSA (A^2)' 19990 ? 
1 MORE         -267  ? 
1 'SSA (A^2)'  11420 ? 
# 
_pdbx_struct_assembly_gen.assembly_id       1 
_pdbx_struct_assembly_gen.oper_expression   1,2,3 
_pdbx_struct_assembly_gen.asym_id_list      A,B,C,D,E,F,G,H,I,J 
# 
_pdbx_struct_assembly_auth_evidence.id                     1 
_pdbx_struct_assembly_auth_evidence.assembly_id            1 
_pdbx_struct_assembly_auth_evidence.experimental_support   none 
_pdbx_struct_assembly_auth_evidence.details                ? 
# 
loop_
_pdbx_struct_oper_list.id 
_pdbx_struct_oper_list.type 
_pdbx_struct_oper_list.name 
_pdbx_struct_oper_list.symmetry_operation 
_pdbx_struct_oper_list.matrix[1][1] 
_pdbx_struct_oper_list.matrix[1][2] 
_pdbx_struct_oper_list.matrix[1][3] 
_pdbx_struct_oper_list.vector[1] 
_pdbx_struct_oper_list.matrix[2][1] 
_pdbx_struct_oper_list.matrix[2][2] 
_pdbx_struct_oper_list.matrix[2][3] 
_pdbx_struct_oper_list.vector[2] 
_pdbx_struct_oper_list.matrix[3][1] 
_pdbx_struct_oper_list.matrix[3][2] 
_pdbx_struct_oper_list.matrix[3][3] 
_pdbx_struct_oper_list.vector[3] 
1 'identity operation'         1_555 x,y,z     1.0000000000 0.0000000000  0.0000000000  0.0000000000  0.0000000000  1.0000000000  0.0000000000  0.0000000000  0.0000000000  0.0000000000  1.0000000000 0.0000000000   
2 'crystal symmetry operation' 2_555 -y,x-y,z  0.1012652876 -0.9181412997 -0.3830951519 12.1547367241 0.2970457096  -0.3396050213 0.8924305441  17.7032803658 -0.9494783768 -0.2041690069 0.2383397337 2.7173083515   
3 'crystal symmetry operation' 3_555 -x+y,-x,z 0.1012652876 0.2970457096  -0.9494783768 -3.9095108650 -0.9181412997 -0.3396050213 -0.2041690069 17.7266788256 -0.3830951519 0.8924305441  0.2383397337 -11.7901699662 
# 
loop_
_struct_conf.conf_type_id 
_struct_conf.id 
_struct_conf.pdbx_PDB_helix_id 
_struct_conf.beg_label_comp_id 
_struct_conf.beg_label_asym_id 
_struct_conf.beg_label_seq_id 
_struct_conf.pdbx_beg_PDB_ins_code 
_struct_conf.end_label_comp_id 
_struct_conf.end_label_asym_id 
_struct_conf.end_label_seq_id 
_struct_conf.pdbx_end_PDB_ins_code 
_struct_conf.beg_auth_comp_id 
_struct_conf.beg_auth_asym_id 
_struct_conf.beg_auth_seq_id 
_struct_conf.end_auth_comp_id 
_struct_conf.end_auth_asym_id 
_struct_conf.end_auth_seq_id 
_struct_conf.pdbx_PDB_helix_class 
_struct_conf.details 
_struct_conf.pdbx_PDB_helix_length 
HELX_P HELX_P1  AA1 GLY A 1  ? CYS A 7  ? GLY A 1  CYS A 7  1 ? 7  
HELX_P HELX_P2  AA2 SER A 12 ? GLU A 17 ? SER A 12 GLU A 17 1 ? 6  
HELX_P HELX_P3  AA3 ASN A 18 ? CYS A 20 ? ASN A 18 CYS A 20 5 ? 3  
HELX_P HELX_P4  AA4 CYS B 7  ? GLY B 20 ? CYS B 7  GLY B 20 1 ? 14 
HELX_P HELX_P5  AA5 GLU B 21 ? GLY B 23 ? GLU B 21 GLY B 23 5 ? 3  
HELX_P HELX_P6  AA6 ILE C 2  ? SER C 9  ? ILE C 2  SER C 9  1 ? 8  
HELX_P HELX_P7  AA7 SER C 12 ? GLU C 17 ? SER C 12 GLU C 17 1 ? 6  
HELX_P HELX_P8  AA8 ASN C 18 ? CYS C 20 ? ASN C 18 CYS C 20 5 ? 3  
HELX_P HELX_P9  AA9 GLY D 8  ? GLY D 20 ? GLY D 8  GLY D 20 1 ? 13 
HELX_P HELX_P10 AB1 GLU D 21 ? GLY D 23 ? GLU D 21 GLY D 23 5 ? 3  
# 
_struct_conf_type.id          HELX_P 
_struct_conf_type.criteria    ? 
_struct_conf_type.reference   ? 
# 
loop_
_struct_conn.id 
_struct_conn.conn_type_id 
_struct_conn.pdbx_leaving_atom_flag 
_struct_conn.pdbx_PDB_id 
_struct_conn.ptnr1_label_asym_id 
_struct_conn.ptnr1_label_comp_id 
_struct_conn.ptnr1_label_seq_id 
_struct_conn.ptnr1_label_atom_id 
_struct_conn.pdbx_ptnr1_label_alt_id 
_struct_conn.pdbx_ptnr1_PDB_ins_code 
_struct_conn.pdbx_ptnr1_standard_comp_id 
_struct_conn.ptnr1_symmetry 
_struct_conn.ptnr2_label_asym_id 
_struct_conn.ptnr2_label_comp_id 
_struct_conn.ptnr2_label_seq_id 
_struct_conn.ptnr2_label_atom_id 
_struct_conn.pdbx_ptnr2_label_alt_id 
_struct_conn.pdbx_ptnr2_PDB_ins_code 
_struct_conn.ptnr1_auth_asym_id 
_struct_conn.ptnr1_auth_comp_id 
_struct_conn.ptnr1_auth_seq_id 
_struct_conn.ptnr2_auth_asym_id 
_struct_conn.ptnr2_auth_comp_id 
_struct_conn.ptnr2_auth_seq_id 
_struct_conn.ptnr2_symmetry 
_struct_conn.pdbx_ptnr3_label_atom_id 
_struct_conn.pdbx_ptnr3_label_seq_id 
_struct_conn.pdbx_ptnr3_label_comp_id 
_struct_conn.pdbx_ptnr3_label_asym_id 
_struct_conn.pdbx_ptnr3_label_alt_id 
_struct_conn.pdbx_ptnr3_PDB_ins_code 
_struct_conn.details 
_struct_conn.pdbx_dist_value 
_struct_conn.pdbx_value_order 
_struct_conn.pdbx_role 
disulf1 disulf ? ? A CYS 6  SG  ? ? ? 1_555 A CYS 11 SG ? ? A CYS 6  A CYS 11  1_555 ? ? ? ? ? ? ? 2.139 ? ? 
disulf2 disulf ? ? A CYS 7  SG  ? ? ? 1_555 B CYS 7  SG ? ? A CYS 7  B CYS 7   1_555 ? ? ? ? ? ? ? 2.036 ? ? 
disulf3 disulf ? ? A CYS 20 SG  ? ? ? 1_555 B CYS 19 SG ? ? A CYS 20 B CYS 19  1_555 ? ? ? ? ? ? ? 1.983 ? ? 
disulf4 disulf ? ? C CYS 6  SG  ? ? ? 1_555 C CYS 11 SG ? ? C CYS 6  C CYS 11  1_555 ? ? ? ? ? ? ? 2.040 ? ? 
disulf5 disulf ? ? C CYS 7  SG  ? ? ? 1_555 D CYS 7  SG ? ? C CYS 7  D CYS 7   1_555 ? ? ? ? ? ? ? 2.224 ? ? 
disulf6 disulf ? ? C CYS 20 SG  ? ? ? 1_555 D CYS 19 SG ? ? C CYS 20 D CYS 19  1_555 ? ? ? ? ? ? ? 2.082 ? ? 
metalc1 metalc ? ? B HIS 10 NE2 A ? ? 1_555 E ZN  .  ZN ? ? B HIS 10 B ZN  101 1_555 ? ? ? ? ? ? ? 2.268 ? ? 
metalc2 metalc ? ? B HIS 10 NE2 A ? ? 1_555 E ZN  .  ZN ? ? B HIS 10 B ZN  101 2_555 ? ? ? ? ? ? ? 2.268 ? ? 
metalc3 metalc ? ? D HIS 10 NE2 ? ? ? 1_555 F ZN  .  ZN ? ? D HIS 10 D ZN  101 1_555 ? ? ? ? ? ? ? 2.070 ? ? 
metalc4 metalc ? ? D HIS 10 NE2 ? ? ? 1_555 F ZN  .  ZN ? ? D HIS 10 D ZN  101 2_555 ? ? ? ? ? ? ? 2.070 ? ? 
# 
loop_
_struct_conn_type.id 
_struct_conn_type.criteria 
_struct_conn_type.reference 
disulf ? ? 
metalc ? ? 
# 
loop_
_pdbx_struct_conn_angle.id 
_pdbx_struct_conn_angle.ptnr1_label_atom_id 
_pdbx_struct_conn_angle.ptnr1_label_alt_id 
_pdbx_struct_conn_angle.ptnr1_label_asym_id 
_pdbx_struct_conn_angle.ptnr1_label_comp_id 
_pdbx_struct_conn_angle.ptnr1_label_seq_id 
_pdbx_struct_conn_angle.ptnr1_auth_atom_id 
_pdbx_struct_conn_angle.ptnr1_auth_asym_id 
_pdbx_struct_conn_angle.ptnr1_auth_comp_id 
_pdbx_struct_conn_angle.ptnr1_auth_seq_id 
_pdbx_struct_conn_angle.ptnr1_PDB_ins_code 
_pdbx_struct_conn_angle.ptnr1_symmetry 
_pdbx_struct_conn_angle.ptnr2_label_atom_id 
_pdbx_struct_conn_angle.ptnr2_label_alt_id 
_pdbx_struct_conn_angle.ptnr2_label_asym_id 
_pdbx_struct_conn_angle.ptnr2_label_comp_id 
_pdbx_struct_conn_angle.ptnr2_label_seq_id 
_pdbx_struct_conn_angle.ptnr2_auth_atom_id 
_pdbx_struct_conn_angle.ptnr2_auth_asym_id 
_pdbx_struct_conn_angle.ptnr2_auth_comp_id 
_pdbx_struct_conn_angle.ptnr2_auth_seq_id 
_pdbx_struct_conn_angle.ptnr2_PDB_ins_code 
_pdbx_struct_conn_angle.ptnr2_symmetry 
_pdbx_struct_conn_angle.ptnr3_label_atom_id 
_pdbx_struct_conn_angle.ptnr3_label_alt_id 
_pdbx_struct_conn_angle.ptnr3_label_asym_id 
_pdbx_struct_conn_angle.ptnr3_label_comp_id 
_pdbx_struct_conn_angle.ptnr3_label_seq_id 
_pdbx_struct_conn_angle.ptnr3_auth_atom_id 
_pdbx_struct_conn_angle.ptnr3_auth_asym_id 
_pdbx_struct_conn_angle.ptnr3_auth_comp_id 
_pdbx_struct_conn_angle.ptnr3_auth_seq_id 
_pdbx_struct_conn_angle.ptnr3_PDB_ins_code 
_pdbx_struct_conn_angle.ptnr3_symmetry 
_pdbx_struct_conn_angle.value 
_pdbx_struct_conn_angle.value_esd 
1 NE2 A B HIS 10 ? B HIS 10 ? 1_555 ZN ? E ZN . ? B ZN 101 ? 1_555 NE2 A B HIS 10 ? B HIS 10 ? 1_555 0.0 ? 
2 NE2 ? D HIS 10 ? D HIS 10 ? 1_555 ZN ? F ZN . ? D ZN 101 ? 1_555 NE2 ? D HIS 10 ? D HIS 10 ? 1_555 0.0 ? 
# 
loop_
_pdbx_modification_feature.ordinal 
_pdbx_modification_feature.label_comp_id 
_pdbx_modification_feature.label_asym_id 
_pdbx_modification_feature.label_seq_id 
_pdbx_modification_feature.label_alt_id 
_pdbx_modification_feature.modified_residue_label_comp_id 
_pdbx_modification_feature.modified_residue_label_asym_id 
_pdbx_modification_feature.modified_residue_label_seq_id 
_pdbx_modification_feature.modified_residue_label_alt_id 
_pdbx_modification_feature.auth_comp_id 
_pdbx_modification_feature.auth_asym_id 
_pdbx_modification_feature.auth_seq_id 
_pdbx_modification_feature.PDB_ins_code 
_pdbx_modification_feature.symmetry 
_pdbx_modification_feature.modified_residue_auth_comp_id 
_pdbx_modification_feature.modified_residue_auth_asym_id 
_pdbx_modification_feature.modified_residue_auth_seq_id 
_pdbx_modification_feature.modified_residue_PDB_ins_code 
_pdbx_modification_feature.modified_residue_symmetry 
_pdbx_modification_feature.comp_id_linking_atom 
_pdbx_modification_feature.modified_residue_id_linking_atom 
_pdbx_modification_feature.modified_residue_id 
_pdbx_modification_feature.ref_pcm_id 
_pdbx_modification_feature.ref_comp_id 
_pdbx_modification_feature.type 
_pdbx_modification_feature.category 
1 CYS A 6  ? CYS A 11 ? CYS A 6  ? 1_555 CYS A 11 ? 1_555 SG SG . . . None 'Disulfide bridge' 
2 CYS A 7  ? CYS B 7  ? CYS A 7  ? 1_555 CYS B 7  ? 1_555 SG SG . . . None 'Disulfide bridge' 
3 CYS A 20 ? CYS B 19 ? CYS A 20 ? 1_555 CYS B 19 ? 1_555 SG SG . . . None 'Disulfide bridge' 
4 CYS C 6  ? CYS C 11 ? CYS C 6  ? 1_555 CYS C 11 ? 1_555 SG SG . . . None 'Disulfide bridge' 
5 CYS C 7  ? CYS D 7  ? CYS C 7  ? 1_555 CYS D 7  ? 1_555 SG SG . . . None 'Disulfide bridge' 
6 CYS C 20 ? CYS D 19 ? CYS C 20 ? 1_555 CYS D 19 ? 1_555 SG SG . . . None 'Disulfide bridge' 
# 
_struct_sheet.id               AA1 
_struct_sheet.type             ? 
_struct_sheet.number_strands   2 
_struct_sheet.details          ? 
# 
_struct_sheet_order.sheet_id     AA1 
_struct_sheet_order.range_id_1   1 
_struct_sheet_order.range_id_2   2 
_struct_sheet_order.offset       ? 
_struct_sheet_order.sense        anti-parallel 
# 
loop_
_struct_sheet_range.sheet_id 
_struct_sheet_range.id 
_struct_sheet_range.beg_label_comp_id 
_struct_sheet_range.beg_label_asym_id 
_struct_sheet_range.beg_label_seq_id 
_struct_sheet_range.pdbx_beg_PDB_ins_code 
_struct_sheet_range.end_label_comp_id 
_struct_sheet_range.end_label_asym_id 
_struct_sheet_range.end_label_seq_id 
_struct_sheet_range.pdbx_end_PDB_ins_code 
_struct_sheet_range.beg_auth_comp_id 
_struct_sheet_range.beg_auth_asym_id 
_struct_sheet_range.beg_auth_seq_id 
_struct_sheet_range.end_auth_comp_id 
_struct_sheet_range.end_auth_asym_id 
_struct_sheet_range.end_auth_seq_id 
AA1 1 PHE B 24 ? TYR B 26 ? PHE B 24 TYR B 26 
AA1 2 PHE D 24 ? TYR D 26 ? PHE D 24 TYR D 26 
# 
_pdbx_struct_sheet_hbond.sheet_id                AA1 
_pdbx_struct_sheet_hbond.range_id_1              1 
_pdbx_struct_sheet_hbond.range_id_2              2 
_pdbx_struct_sheet_hbond.range_1_label_atom_id   N 
_pdbx_struct_sheet_hbond.range_1_label_comp_id   TYR 
_pdbx_struct_sheet_hbond.range_1_label_asym_id   B 
_pdbx_struct_sheet_hbond.range_1_label_seq_id    26 
_pdbx_struct_sheet_hbond.range_1_PDB_ins_code    ? 
_pdbx_struct_sheet_hbond.range_1_auth_atom_id    N 
_pdbx_struct_sheet_hbond.range_1_auth_comp_id    TYR 
_pdbx_struct_sheet_hbond.range_1_auth_asym_id    B 
_pdbx_struct_sheet_hbond.range_1_auth_seq_id     26 
_pdbx_struct_sheet_hbond.range_2_label_atom_id   O 
_pdbx_struct_sheet_hbond.range_2_label_comp_id   PHE 
_pdbx_struct_sheet_hbond.range_2_label_asym_id   D 
_pdbx_struct_sheet_hbond.range_2_label_seq_id    24 
_pdbx_struct_sheet_hbond.range_2_PDB_ins_code    ? 
_pdbx_struct_sheet_hbond.range_2_auth_atom_id    O 
_pdbx_struct_sheet_hbond.range_2_auth_comp_id    PHE 
_pdbx_struct_sheet_hbond.range_2_auth_asym_id    D 
_pdbx_struct_sheet_hbond.range_2_auth_seq_id     24 
# 
_pdbx_entry_details.entry_id                   7RKD 
_pdbx_entry_details.has_ligand_of_interest     Y 
_pdbx_entry_details.compound_details           ? 
_pdbx_entry_details.source_details             ? 
_pdbx_entry_details.nonpolymer_details         ? 
_pdbx_entry_details.sequence_details           ? 
_pdbx_entry_details.has_protein_modification   Y 
# 
loop_
_pdbx_validate_rmsd_bond.id 
_pdbx_validate_rmsd_bond.PDB_model_num 
_pdbx_validate_rmsd_bond.auth_atom_id_1 
_pdbx_validate_rmsd_bond.auth_asym_id_1 
_pdbx_validate_rmsd_bond.auth_comp_id_1 
_pdbx_validate_rmsd_bond.auth_seq_id_1 
_pdbx_validate_rmsd_bond.PDB_ins_code_1 
_pdbx_validate_rmsd_bond.label_alt_id_1 
_pdbx_validate_rmsd_bond.auth_atom_id_2 
_pdbx_validate_rmsd_bond.auth_asym_id_2 
_pdbx_validate_rmsd_bond.auth_comp_id_2 
_pdbx_validate_rmsd_bond.auth_seq_id_2 
_pdbx_validate_rmsd_bond.PDB_ins_code_2 
_pdbx_validate_rmsd_bond.label_alt_id_2 
_pdbx_validate_rmsd_bond.bond_value 
_pdbx_validate_rmsd_bond.bond_target_value 
_pdbx_validate_rmsd_bond.bond_deviation 
_pdbx_validate_rmsd_bond.bond_standard_deviation 
_pdbx_validate_rmsd_bond.linker_flag 
1 1 CD A GLU 4  ? ? OE1 A GLU 4  ? ? 1.344 1.252 0.092  0.011 N 
2 1 CD D GLU 13 ? ? OE1 D GLU 13 ? ? 1.360 1.252 0.108  0.011 N 
3 1 CD D GLU 13 ? ? OE2 D GLU 13 ? ? 1.184 1.252 -0.068 0.011 N 
4 1 CD D GLU 21 ? ? OE1 D GLU 21 ? ? 1.320 1.252 0.068  0.011 N 
# 
loop_
_pdbx_validate_rmsd_angle.id 
_pdbx_validate_rmsd_angle.PDB_model_num 
_pdbx_validate_rmsd_angle.auth_atom_id_1 
_pdbx_validate_rmsd_angle.auth_asym_id_1 
_pdbx_validate_rmsd_angle.auth_comp_id_1 
_pdbx_validate_rmsd_angle.auth_seq_id_1 
_pdbx_validate_rmsd_angle.PDB_ins_code_1 
_pdbx_validate_rmsd_angle.label_alt_id_1 
_pdbx_validate_rmsd_angle.auth_atom_id_2 
_pdbx_validate_rmsd_angle.auth_asym_id_2 
_pdbx_validate_rmsd_angle.auth_comp_id_2 
_pdbx_validate_rmsd_angle.auth_seq_id_2 
_pdbx_validate_rmsd_angle.PDB_ins_code_2 
_pdbx_validate_rmsd_angle.label_alt_id_2 
_pdbx_validate_rmsd_angle.auth_atom_id_3 
_pdbx_validate_rmsd_angle.auth_asym_id_3 
_pdbx_validate_rmsd_angle.auth_comp_id_3 
_pdbx_validate_rmsd_angle.auth_seq_id_3 
_pdbx_validate_rmsd_angle.PDB_ins_code_3 
_pdbx_validate_rmsd_angle.label_alt_id_3 
_pdbx_validate_rmsd_angle.angle_value 
_pdbx_validate_rmsd_angle.angle_target_value 
_pdbx_validate_rmsd_angle.angle_deviation 
_pdbx_validate_rmsd_angle.angle_standard_deviation 
_pdbx_validate_rmsd_angle.linker_flag 
1 1 CE1 B HIS 5  ? ? NE2 B HIS 5  ? ? CD2 B HIS 5  ? ? 113.26 109.00 4.26  0.70 N 
2 1 CB  C TYR 14 ? ? CG  C TYR 14 ? ? CD2 C TYR 14 ? ? 124.65 121.00 3.65  0.60 N 
3 1 CB  C TYR 14 ? ? CG  C TYR 14 ? ? CD1 C TYR 14 ? ? 117.35 121.00 -3.65 0.60 N 
# 
_pdbx_validate_torsion.id              1 
_pdbx_validate_torsion.PDB_model_num   1 
_pdbx_validate_torsion.auth_comp_id    SER 
_pdbx_validate_torsion.auth_asym_id    C 
_pdbx_validate_torsion.auth_seq_id     9 
_pdbx_validate_torsion.PDB_ins_code    ? 
_pdbx_validate_torsion.label_alt_id    ? 
_pdbx_validate_torsion.phi             -123.32 
_pdbx_validate_torsion.psi             -135.62 
# 
loop_
_pdbx_validate_main_chain_plane.id 
_pdbx_validate_main_chain_plane.PDB_model_num 
_pdbx_validate_main_chain_plane.auth_comp_id 
_pdbx_validate_main_chain_plane.auth_asym_id 
_pdbx_validate_main_chain_plane.auth_seq_id 
_pdbx_validate_main_chain_plane.PDB_ins_code 
_pdbx_validate_main_chain_plane.label_alt_id 
_pdbx_validate_main_chain_plane.improper_torsion_angle 
1 1 PHE B 1 ? ? -10.07 
2 1 CYS C 7 ? ? -11.35 
# 
loop_
_pdbx_struct_special_symmetry.id 
_pdbx_struct_special_symmetry.PDB_model_num 
_pdbx_struct_special_symmetry.auth_asym_id 
_pdbx_struct_special_symmetry.auth_comp_id 
_pdbx_struct_special_symmetry.auth_seq_id 
_pdbx_struct_special_symmetry.PDB_ins_code 
_pdbx_struct_special_symmetry.label_asym_id 
_pdbx_struct_special_symmetry.label_comp_id 
_pdbx_struct_special_symmetry.label_seq_id 
1 1 B ZN  101 ? E ZN  . 
2 1 D ZN  101 ? F ZN  . 
3 1 D HOH 216 ? J HOH . 
4 1 D HOH 218 ? J HOH . 
# 
loop_
_pdbx_unobs_or_zero_occ_residues.id 
_pdbx_unobs_or_zero_occ_residues.PDB_model_num 
_pdbx_unobs_or_zero_occ_residues.polymer_flag 
_pdbx_unobs_or_zero_occ_residues.occupancy_flag 
_pdbx_unobs_or_zero_occ_residues.auth_asym_id 
_pdbx_unobs_or_zero_occ_residues.auth_comp_id 
_pdbx_unobs_or_zero_occ_residues.auth_seq_id 
_pdbx_unobs_or_zero_occ_residues.PDB_ins_code 
_pdbx_unobs_or_zero_occ_residues.label_asym_id 
_pdbx_unobs_or_zero_occ_residues.label_comp_id 
_pdbx_unobs_or_zero_occ_residues.label_seq_id 
1 1 Y 1 B THR 30 ? B THR 30 
2 1 Y 1 D THR 30 ? D THR 30 
# 
loop_
_chem_comp_atom.comp_id 
_chem_comp_atom.atom_id 
_chem_comp_atom.type_symbol 
_chem_comp_atom.pdbx_aromatic_flag 
_chem_comp_atom.pdbx_stereo_config 
_chem_comp_atom.pdbx_ordinal 
ALA N    N  N N 1   
ALA CA   C  N S 2   
ALA C    C  N N 3   
ALA O    O  N N 4   
ALA CB   C  N N 5   
ALA OXT  O  N N 6   
ALA H    H  N N 7   
ALA H2   H  N N 8   
ALA HA   H  N N 9   
ALA HB1  H  N N 10  
ALA HB2  H  N N 11  
ALA HB3  H  N N 12  
ALA HXT  H  N N 13  
ARG N    N  N N 14  
ARG CA   C  N S 15  
ARG C    C  N N 16  
ARG O    O  N N 17  
ARG CB   C  N N 18  
ARG CG   C  N N 19  
ARG CD   C  N N 20  
ARG NE   N  N N 21  
ARG CZ   C  N N 22  
ARG NH1  N  N N 23  
ARG NH2  N  N N 24  
ARG OXT  O  N N 25  
ARG H    H  N N 26  
ARG H2   H  N N 27  
ARG HA   H  N N 28  
ARG HB2  H  N N 29  
ARG HB3  H  N N 30  
ARG HG2  H  N N 31  
ARG HG3  H  N N 32  
ARG HD2  H  N N 33  
ARG HD3  H  N N 34  
ARG HE   H  N N 35  
ARG HH11 H  N N 36  
ARG HH12 H  N N 37  
ARG HH21 H  N N 38  
ARG HH22 H  N N 39  
ARG HXT  H  N N 40  
ASN N    N  N N 41  
ASN CA   C  N S 42  
ASN C    C  N N 43  
ASN O    O  N N 44  
ASN CB   C  N N 45  
ASN CG   C  N N 46  
ASN OD1  O  N N 47  
ASN ND2  N  N N 48  
ASN OXT  O  N N 49  
ASN H    H  N N 50  
ASN H2   H  N N 51  
ASN HA   H  N N 52  
ASN HB2  H  N N 53  
ASN HB3  H  N N 54  
ASN HD21 H  N N 55  
ASN HD22 H  N N 56  
ASN HXT  H  N N 57  
CYS N    N  N N 58  
CYS CA   C  N R 59  
CYS C    C  N N 60  
CYS O    O  N N 61  
CYS CB   C  N N 62  
CYS SG   S  N N 63  
CYS OXT  O  N N 64  
CYS H    H  N N 65  
CYS H2   H  N N 66  
CYS HA   H  N N 67  
CYS HB2  H  N N 68  
CYS HB3  H  N N 69  
CYS HG   H  N N 70  
CYS HXT  H  N N 71  
GLN N    N  N N 72  
GLN CA   C  N S 73  
GLN C    C  N N 74  
GLN O    O  N N 75  
GLN CB   C  N N 76  
GLN CG   C  N N 77  
GLN CD   C  N N 78  
GLN OE1  O  N N 79  
GLN NE2  N  N N 80  
GLN OXT  O  N N 81  
GLN H    H  N N 82  
GLN H2   H  N N 83  
GLN HA   H  N N 84  
GLN HB2  H  N N 85  
GLN HB3  H  N N 86  
GLN HG2  H  N N 87  
GLN HG3  H  N N 88  
GLN HE21 H  N N 89  
GLN HE22 H  N N 90  
GLN HXT  H  N N 91  
GLU N    N  N N 92  
GLU CA   C  N S 93  
GLU C    C  N N 94  
GLU O    O  N N 95  
GLU CB   C  N N 96  
GLU CG   C  N N 97  
GLU CD   C  N N 98  
GLU OE1  O  N N 99  
GLU OE2  O  N N 100 
GLU OXT  O  N N 101 
GLU H    H  N N 102 
GLU H2   H  N N 103 
GLU HA   H  N N 104 
GLU HB2  H  N N 105 
GLU HB3  H  N N 106 
GLU HG2  H  N N 107 
GLU HG3  H  N N 108 
GLU HE2  H  N N 109 
GLU HXT  H  N N 110 
GLY N    N  N N 111 
GLY CA   C  N N 112 
GLY C    C  N N 113 
GLY O    O  N N 114 
GLY OXT  O  N N 115 
GLY H    H  N N 116 
GLY H2   H  N N 117 
GLY HA2  H  N N 118 
GLY HA3  H  N N 119 
GLY HXT  H  N N 120 
HIS N    N  N N 121 
HIS CA   C  N S 122 
HIS C    C  N N 123 
HIS O    O  N N 124 
HIS CB   C  N N 125 
HIS CG   C  Y N 126 
HIS ND1  N  Y N 127 
HIS CD2  C  Y N 128 
HIS CE1  C  Y N 129 
HIS NE2  N  Y N 130 
HIS OXT  O  N N 131 
HIS H    H  N N 132 
HIS H2   H  N N 133 
HIS HA   H  N N 134 
HIS HB2  H  N N 135 
HIS HB3  H  N N 136 
HIS HD1  H  N N 137 
HIS HD2  H  N N 138 
HIS HE1  H  N N 139 
HIS HE2  H  N N 140 
HIS HXT  H  N N 141 
HOH O    O  N N 142 
HOH H1   H  N N 143 
HOH H2   H  N N 144 
ILE N    N  N N 145 
ILE CA   C  N S 146 
ILE C    C  N N 147 
ILE O    O  N N 148 
ILE CB   C  N S 149 
ILE CG1  C  N N 150 
ILE CG2  C  N N 151 
ILE CD1  C  N N 152 
ILE OXT  O  N N 153 
ILE H    H  N N 154 
ILE H2   H  N N 155 
ILE HA   H  N N 156 
ILE HB   H  N N 157 
ILE HG12 H  N N 158 
ILE HG13 H  N N 159 
ILE HG21 H  N N 160 
ILE HG22 H  N N 161 
ILE HG23 H  N N 162 
ILE HD11 H  N N 163 
ILE HD12 H  N N 164 
ILE HD13 H  N N 165 
ILE HXT  H  N N 166 
LEU N    N  N N 167 
LEU CA   C  N S 168 
LEU C    C  N N 169 
LEU O    O  N N 170 
LEU CB   C  N N 171 
LEU CG   C  N N 172 
LEU CD1  C  N N 173 
LEU CD2  C  N N 174 
LEU OXT  O  N N 175 
LEU H    H  N N 176 
LEU H2   H  N N 177 
LEU HA   H  N N 178 
LEU HB2  H  N N 179 
LEU HB3  H  N N 180 
LEU HG   H  N N 181 
LEU HD11 H  N N 182 
LEU HD12 H  N N 183 
LEU HD13 H  N N 184 
LEU HD21 H  N N 185 
LEU HD22 H  N N 186 
LEU HD23 H  N N 187 
LEU HXT  H  N N 188 
LYS N    N  N N 189 
LYS CA   C  N S 190 
LYS C    C  N N 191 
LYS O    O  N N 192 
LYS CB   C  N N 193 
LYS CG   C  N N 194 
LYS CD   C  N N 195 
LYS CE   C  N N 196 
LYS NZ   N  N N 197 
LYS OXT  O  N N 198 
LYS H    H  N N 199 
LYS H2   H  N N 200 
LYS HA   H  N N 201 
LYS HB2  H  N N 202 
LYS HB3  H  N N 203 
LYS HG2  H  N N 204 
LYS HG3  H  N N 205 
LYS HD2  H  N N 206 
LYS HD3  H  N N 207 
LYS HE2  H  N N 208 
LYS HE3  H  N N 209 
LYS HZ1  H  N N 210 
LYS HZ2  H  N N 211 
LYS HZ3  H  N N 212 
LYS HXT  H  N N 213 
PHE N    N  N N 214 
PHE CA   C  N S 215 
PHE C    C  N N 216 
PHE O    O  N N 217 
PHE CB   C  N N 218 
PHE CG   C  Y N 219 
PHE CD1  C  Y N 220 
PHE CD2  C  Y N 221 
PHE CE1  C  Y N 222 
PHE CE2  C  Y N 223 
PHE CZ   C  Y N 224 
PHE OXT  O  N N 225 
PHE H    H  N N 226 
PHE H2   H  N N 227 
PHE HA   H  N N 228 
PHE HB2  H  N N 229 
PHE HB3  H  N N 230 
PHE HD1  H  N N 231 
PHE HD2  H  N N 232 
PHE HE1  H  N N 233 
PHE HE2  H  N N 234 
PHE HZ   H  N N 235 
PHE HXT  H  N N 236 
PRO N    N  N N 237 
PRO CA   C  N S 238 
PRO C    C  N N 239 
PRO O    O  N N 240 
PRO CB   C  N N 241 
PRO CG   C  N N 242 
PRO CD   C  N N 243 
PRO OXT  O  N N 244 
PRO H    H  N N 245 
PRO HA   H  N N 246 
PRO HB2  H  N N 247 
PRO HB3  H  N N 248 
PRO HG2  H  N N 249 
PRO HG3  H  N N 250 
PRO HD2  H  N N 251 
PRO HD3  H  N N 252 
PRO HXT  H  N N 253 
SER N    N  N N 254 
SER CA   C  N S 255 
SER C    C  N N 256 
SER O    O  N N 257 
SER CB   C  N N 258 
SER OG   O  N N 259 
SER OXT  O  N N 260 
SER H    H  N N 261 
SER H2   H  N N 262 
SER HA   H  N N 263 
SER HB2  H  N N 264 
SER HB3  H  N N 265 
SER HG   H  N N 266 
SER HXT  H  N N 267 
THR N    N  N N 268 
THR CA   C  N S 269 
THR C    C  N N 270 
THR O    O  N N 271 
THR CB   C  N R 272 
THR OG1  O  N N 273 
THR CG2  C  N N 274 
THR OXT  O  N N 275 
THR H    H  N N 276 
THR H2   H  N N 277 
THR HA   H  N N 278 
THR HB   H  N N 279 
THR HG1  H  N N 280 
THR HG21 H  N N 281 
THR HG22 H  N N 282 
THR HG23 H  N N 283 
THR HXT  H  N N 284 
TYR N    N  N N 285 
TYR CA   C  N S 286 
TYR C    C  N N 287 
TYR O    O  N N 288 
TYR CB   C  N N 289 
TYR CG   C  Y N 290 
TYR CD1  C  Y N 291 
TYR CD2  C  Y N 292 
TYR CE1  C  Y N 293 
TYR CE2  C  Y N 294 
TYR CZ   C  Y N 295 
TYR OH   O  N N 296 
TYR OXT  O  N N 297 
TYR H    H  N N 298 
TYR H2   H  N N 299 
TYR HA   H  N N 300 
TYR HB2  H  N N 301 
TYR HB3  H  N N 302 
TYR HD1  H  N N 303 
TYR HD2  H  N N 304 
TYR HE1  H  N N 305 
TYR HE2  H  N N 306 
TYR HH   H  N N 307 
TYR HXT  H  N N 308 
VAL N    N  N N 309 
VAL CA   C  N S 310 
VAL C    C  N N 311 
VAL O    O  N N 312 
VAL CB   C  N N 313 
VAL CG1  C  N N 314 
VAL CG2  C  N N 315 
VAL OXT  O  N N 316 
VAL H    H  N N 317 
VAL H2   H  N N 318 
VAL HA   H  N N 319 
VAL HB   H  N N 320 
VAL HG11 H  N N 321 
VAL HG12 H  N N 322 
VAL HG13 H  N N 323 
VAL HG21 H  N N 324 
VAL HG22 H  N N 325 
VAL HG23 H  N N 326 
VAL HXT  H  N N 327 
ZN  ZN   ZN N N 328 
# 
loop_
_chem_comp_bond.comp_id 
_chem_comp_bond.atom_id_1 
_chem_comp_bond.atom_id_2 
_chem_comp_bond.value_order 
_chem_comp_bond.pdbx_aromatic_flag 
_chem_comp_bond.pdbx_stereo_config 
_chem_comp_bond.pdbx_ordinal 
ALA N   CA   sing N N 1   
ALA N   H    sing N N 2   
ALA N   H2   sing N N 3   
ALA CA  C    sing N N 4   
ALA CA  CB   sing N N 5   
ALA CA  HA   sing N N 6   
ALA C   O    doub N N 7   
ALA C   OXT  sing N N 8   
ALA CB  HB1  sing N N 9   
ALA CB  HB2  sing N N 10  
ALA CB  HB3  sing N N 11  
ALA OXT HXT  sing N N 12  
ARG N   CA   sing N N 13  
ARG N   H    sing N N 14  
ARG N   H2   sing N N 15  
ARG CA  C    sing N N 16  
ARG CA  CB   sing N N 17  
ARG CA  HA   sing N N 18  
ARG C   O    doub N N 19  
ARG C   OXT  sing N N 20  
ARG CB  CG   sing N N 21  
ARG CB  HB2  sing N N 22  
ARG CB  HB3  sing N N 23  
ARG CG  CD   sing N N 24  
ARG CG  HG2  sing N N 25  
ARG CG  HG3  sing N N 26  
ARG CD  NE   sing N N 27  
ARG CD  HD2  sing N N 28  
ARG CD  HD3  sing N N 29  
ARG NE  CZ   sing N N 30  
ARG NE  HE   sing N N 31  
ARG CZ  NH1  sing N N 32  
ARG CZ  NH2  doub N N 33  
ARG NH1 HH11 sing N N 34  
ARG NH1 HH12 sing N N 35  
ARG NH2 HH21 sing N N 36  
ARG NH2 HH22 sing N N 37  
ARG OXT HXT  sing N N 38  
ASN N   CA   sing N N 39  
ASN N   H    sing N N 40  
ASN N   H2   sing N N 41  
ASN CA  C    sing N N 42  
ASN CA  CB   sing N N 43  
ASN CA  HA   sing N N 44  
ASN C   O    doub N N 45  
ASN C   OXT  sing N N 46  
ASN CB  CG   sing N N 47  
ASN CB  HB2  sing N N 48  
ASN CB  HB3  sing N N 49  
ASN CG  OD1  doub N N 50  
ASN CG  ND2  sing N N 51  
ASN ND2 HD21 sing N N 52  
ASN ND2 HD22 sing N N 53  
ASN OXT HXT  sing N N 54  
CYS N   CA   sing N N 55  
CYS N   H    sing N N 56  
CYS N   H2   sing N N 57  
CYS CA  C    sing N N 58  
CYS CA  CB   sing N N 59  
CYS CA  HA   sing N N 60  
CYS C   O    doub N N 61  
CYS C   OXT  sing N N 62  
CYS CB  SG   sing N N 63  
CYS CB  HB2  sing N N 64  
CYS CB  HB3  sing N N 65  
CYS SG  HG   sing N N 66  
CYS OXT HXT  sing N N 67  
GLN N   CA   sing N N 68  
GLN N   H    sing N N 69  
GLN N   H2   sing N N 70  
GLN CA  C    sing N N 71  
GLN CA  CB   sing N N 72  
GLN CA  HA   sing N N 73  
GLN C   O    doub N N 74  
GLN C   OXT  sing N N 75  
GLN CB  CG   sing N N 76  
GLN CB  HB2  sing N N 77  
GLN CB  HB3  sing N N 78  
GLN CG  CD   sing N N 79  
GLN CG  HG2  sing N N 80  
GLN CG  HG3  sing N N 81  
GLN CD  OE1  doub N N 82  
GLN CD  NE2  sing N N 83  
GLN NE2 HE21 sing N N 84  
GLN NE2 HE22 sing N N 85  
GLN OXT HXT  sing N N 86  
GLU N   CA   sing N N 87  
GLU N   H    sing N N 88  
GLU N   H2   sing N N 89  
GLU CA  C    sing N N 90  
GLU CA  CB   sing N N 91  
GLU CA  HA   sing N N 92  
GLU C   O    doub N N 93  
GLU C   OXT  sing N N 94  
GLU CB  CG   sing N N 95  
GLU CB  HB2  sing N N 96  
GLU CB  HB3  sing N N 97  
GLU CG  CD   sing N N 98  
GLU CG  HG2  sing N N 99  
GLU CG  HG3  sing N N 100 
GLU CD  OE1  doub N N 101 
GLU CD  OE2  sing N N 102 
GLU OE2 HE2  sing N N 103 
GLU OXT HXT  sing N N 104 
GLY N   CA   sing N N 105 
GLY N   H    sing N N 106 
GLY N   H2   sing N N 107 
GLY CA  C    sing N N 108 
GLY CA  HA2  sing N N 109 
GLY CA  HA3  sing N N 110 
GLY C   O    doub N N 111 
GLY C   OXT  sing N N 112 
GLY OXT HXT  sing N N 113 
HIS N   CA   sing N N 114 
HIS N   H    sing N N 115 
HIS N   H2   sing N N 116 
HIS CA  C    sing N N 117 
HIS CA  CB   sing N N 118 
HIS CA  HA   sing N N 119 
HIS C   O    doub N N 120 
HIS C   OXT  sing N N 121 
HIS CB  CG   sing N N 122 
HIS CB  HB2  sing N N 123 
HIS CB  HB3  sing N N 124 
HIS CG  ND1  sing Y N 125 
HIS CG  CD2  doub Y N 126 
HIS ND1 CE1  doub Y N 127 
HIS ND1 HD1  sing N N 128 
HIS CD2 NE2  sing Y N 129 
HIS CD2 HD2  sing N N 130 
HIS CE1 NE2  sing Y N 131 
HIS CE1 HE1  sing N N 132 
HIS NE2 HE2  sing N N 133 
HIS OXT HXT  sing N N 134 
HOH O   H1   sing N N 135 
HOH O   H2   sing N N 136 
ILE N   CA   sing N N 137 
ILE N   H    sing N N 138 
ILE N   H2   sing N N 139 
ILE CA  C    sing N N 140 
ILE CA  CB   sing N N 141 
ILE CA  HA   sing N N 142 
ILE C   O    doub N N 143 
ILE C   OXT  sing N N 144 
ILE CB  CG1  sing N N 145 
ILE CB  CG2  sing N N 146 
ILE CB  HB   sing N N 147 
ILE CG1 CD1  sing N N 148 
ILE CG1 HG12 sing N N 149 
ILE CG1 HG13 sing N N 150 
ILE CG2 HG21 sing N N 151 
ILE CG2 HG22 sing N N 152 
ILE CG2 HG23 sing N N 153 
ILE CD1 HD11 sing N N 154 
ILE CD1 HD12 sing N N 155 
ILE CD1 HD13 sing N N 156 
ILE OXT HXT  sing N N 157 
LEU N   CA   sing N N 158 
LEU N   H    sing N N 159 
LEU N   H2   sing N N 160 
LEU CA  C    sing N N 161 
LEU CA  CB   sing N N 162 
LEU CA  HA   sing N N 163 
LEU C   O    doub N N 164 
LEU C   OXT  sing N N 165 
LEU CB  CG   sing N N 166 
LEU CB  HB2  sing N N 167 
LEU CB  HB3  sing N N 168 
LEU CG  CD1  sing N N 169 
LEU CG  CD2  sing N N 170 
LEU CG  HG   sing N N 171 
LEU CD1 HD11 sing N N 172 
LEU CD1 HD12 sing N N 173 
LEU CD1 HD13 sing N N 174 
LEU CD2 HD21 sing N N 175 
LEU CD2 HD22 sing N N 176 
LEU CD2 HD23 sing N N 177 
LEU OXT HXT  sing N N 178 
LYS N   CA   sing N N 179 
LYS N   H    sing N N 180 
LYS N   H2   sing N N 181 
LYS CA  C    sing N N 182 
LYS CA  CB   sing N N 183 
LYS CA  HA   sing N N 184 
LYS C   O    doub N N 185 
LYS C   OXT  sing N N 186 
LYS CB  CG   sing N N 187 
LYS CB  HB2  sing N N 188 
LYS CB  HB3  sing N N 189 
LYS CG  CD   sing N N 190 
LYS CG  HG2  sing N N 191 
LYS CG  HG3  sing N N 192 
LYS CD  CE   sing N N 193 
LYS CD  HD2  sing N N 194 
LYS CD  HD3  sing N N 195 
LYS CE  NZ   sing N N 196 
LYS CE  HE2  sing N N 197 
LYS CE  HE3  sing N N 198 
LYS NZ  HZ1  sing N N 199 
LYS NZ  HZ2  sing N N 200 
LYS NZ  HZ3  sing N N 201 
LYS OXT HXT  sing N N 202 
PHE N   CA   sing N N 203 
PHE N   H    sing N N 204 
PHE N   H2   sing N N 205 
PHE CA  C    sing N N 206 
PHE CA  CB   sing N N 207 
PHE CA  HA   sing N N 208 
PHE C   O    doub N N 209 
PHE C   OXT  sing N N 210 
PHE CB  CG   sing N N 211 
PHE CB  HB2  sing N N 212 
PHE CB  HB3  sing N N 213 
PHE CG  CD1  doub Y N 214 
PHE CG  CD2  sing Y N 215 
PHE CD1 CE1  sing Y N 216 
PHE CD1 HD1  sing N N 217 
PHE CD2 CE2  doub Y N 218 
PHE CD2 HD2  sing N N 219 
PHE CE1 CZ   doub Y N 220 
PHE CE1 HE1  sing N N 221 
PHE CE2 CZ   sing Y N 222 
PHE CE2 HE2  sing N N 223 
PHE CZ  HZ   sing N N 224 
PHE OXT HXT  sing N N 225 
PRO N   CA   sing N N 226 
PRO N   CD   sing N N 227 
PRO N   H    sing N N 228 
PRO CA  C    sing N N 229 
PRO CA  CB   sing N N 230 
PRO CA  HA   sing N N 231 
PRO C   O    doub N N 232 
PRO C   OXT  sing N N 233 
PRO CB  CG   sing N N 234 
PRO CB  HB2  sing N N 235 
PRO CB  HB3  sing N N 236 
PRO CG  CD   sing N N 237 
PRO CG  HG2  sing N N 238 
PRO CG  HG3  sing N N 239 
PRO CD  HD2  sing N N 240 
PRO CD  HD3  sing N N 241 
PRO OXT HXT  sing N N 242 
SER N   CA   sing N N 243 
SER N   H    sing N N 244 
SER N   H2   sing N N 245 
SER CA  C    sing N N 246 
SER CA  CB   sing N N 247 
SER CA  HA   sing N N 248 
SER C   O    doub N N 249 
SER C   OXT  sing N N 250 
SER CB  OG   sing N N 251 
SER CB  HB2  sing N N 252 
SER CB  HB3  sing N N 253 
SER OG  HG   sing N N 254 
SER OXT HXT  sing N N 255 
THR N   CA   sing N N 256 
THR N   H    sing N N 257 
THR N   H2   sing N N 258 
THR CA  C    sing N N 259 
THR CA  CB   sing N N 260 
THR CA  HA   sing N N 261 
THR C   O    doub N N 262 
THR C   OXT  sing N N 263 
THR CB  OG1  sing N N 264 
THR CB  CG2  sing N N 265 
THR CB  HB   sing N N 266 
THR OG1 HG1  sing N N 267 
THR CG2 HG21 sing N N 268 
THR CG2 HG22 sing N N 269 
THR CG2 HG23 sing N N 270 
THR OXT HXT  sing N N 271 
TYR N   CA   sing N N 272 
TYR N   H    sing N N 273 
TYR N   H2   sing N N 274 
TYR CA  C    sing N N 275 
TYR CA  CB   sing N N 276 
TYR CA  HA   sing N N 277 
TYR C   O    doub N N 278 
TYR C   OXT  sing N N 279 
TYR CB  CG   sing N N 280 
TYR CB  HB2  sing N N 281 
TYR CB  HB3  sing N N 282 
TYR CG  CD1  doub Y N 283 
TYR CG  CD2  sing Y N 284 
TYR CD1 CE1  sing Y N 285 
TYR CD1 HD1  sing N N 286 
TYR CD2 CE2  doub Y N 287 
TYR CD2 HD2  sing N N 288 
TYR CE1 CZ   doub Y N 289 
TYR CE1 HE1  sing N N 290 
TYR CE2 CZ   sing Y N 291 
TYR CE2 HE2  sing N N 292 
TYR CZ  OH   sing N N 293 
TYR OH  HH   sing N N 294 
TYR OXT HXT  sing N N 295 
VAL N   CA   sing N N 296 
VAL N   H    sing N N 297 
VAL N   H2   sing N N 298 
VAL CA  C    sing N N 299 
VAL CA  CB   sing N N 300 
VAL CA  HA   sing N N 301 
VAL C   O    doub N N 302 
VAL C   OXT  sing N N 303 
VAL CB  CG1  sing N N 304 
VAL CB  CG2  sing N N 305 
VAL CB  HB   sing N N 306 
VAL CG1 HG11 sing N N 307 
VAL CG1 HG12 sing N N 308 
VAL CG1 HG13 sing N N 309 
VAL CG2 HG21 sing N N 310 
VAL CG2 HG22 sing N N 311 
VAL CG2 HG23 sing N N 312 
VAL OXT HXT  sing N N 313 
# 
_pdbx_initial_refinement_model.id               1 
_pdbx_initial_refinement_model.entity_id_list   ? 
_pdbx_initial_refinement_model.type             'experimental model' 
_pdbx_initial_refinement_model.source_name      PDB 
_pdbx_initial_refinement_model.accession_code   6O17 
_pdbx_initial_refinement_model.details          ? 
# 
_atom_sites.entry_id                    7RKD 
_atom_sites.Cartn_transf_matrix[1][1]   ? 
_atom_sites.Cartn_transf_matrix[1][2]   ? 
_atom_sites.Cartn_transf_matrix[1][3]   ? 
_atom_sites.Cartn_transf_matrix[2][1]   ? 
_atom_sites.Cartn_transf_matrix[2][2]   ? 
_atom_sites.Cartn_transf_matrix[2][3]   ? 
_atom_sites.Cartn_transf_matrix[3][1]   ? 
_atom_sites.Cartn_transf_matrix[3][2]   ? 
_atom_sites.Cartn_transf_matrix[3][3]   ? 
_atom_sites.Cartn_transf_vector[1]      ? 
_atom_sites.Cartn_transf_vector[2]      ? 
_atom_sites.Cartn_transf_vector[3]      ? 
_atom_sites.fract_transf_matrix[1][1]   0.00562190 
_atom_sites.fract_transf_matrix[1][2]   0.01288730 
_atom_sites.fract_transf_matrix[1][3]   -0.00093333 
_atom_sites.fract_transf_matrix[2][1]   -0.00528321 
_atom_sites.fract_transf_matrix[2][2]   0.00934801 
_atom_sites.fract_transf_matrix[2][3]   -0.00912462 
_atom_sites.fract_transf_matrix[3][1]   -0.01891705 
_atom_sites.fract_transf_matrix[3][2]   0.00977048 
_atom_sites.fract_transf_matrix[3][3]   0.02096276 
_atom_sites.fract_transf_vector[1]      -0.170473 
_atom_sites.fract_transf_vector[2]      -0.123475 
_atom_sites.fract_transf_vector[3]      -0.169929 
_atom_sites.solution_primary            ? 
_atom_sites.solution_secondary          ? 
_atom_sites.solution_hydrogens          ? 
_atom_sites.special_details             ? 
# 
loop_
_atom_type.symbol 
C  
N  
O  
S  
ZN 
# 
loop_
_atom_site.group_PDB 
_atom_site.id 
_atom_site.type_symbol 
_atom_site.label_atom_id 
_atom_site.label_alt_id 
_atom_site.label_comp_id 
_atom_site.label_asym_id 
_atom_site.label_entity_id 
_atom_site.label_seq_id 
_atom_site.pdbx_PDB_ins_code 
_atom_site.Cartn_x 
_atom_site.Cartn_y 
_atom_site.Cartn_z 
_atom_site.occupancy 
_atom_site.B_iso_or_equiv 
_atom_site.pdbx_formal_charge 
_atom_site.auth_seq_id 
_atom_site.auth_comp_id 
_atom_site.auth_asym_id 
_atom_site.auth_atom_id 
_atom_site.pdbx_PDB_model_num 
ATOM   1   N  N   . GLY A 1 1  ? 3.585   -11.152 -11.976 1.00 39.37 ? 1   GLY A N   1 
ATOM   2   C  CA  . GLY A 1 1  ? 2.685   -10.742 -10.853 1.00 33.63 ? 1   GLY A CA  1 
ATOM   3   C  C   . GLY A 1 1  ? 2.267   -9.271  -11.049 1.00 30.22 ? 1   GLY A C   1 
ATOM   4   O  O   . GLY A 1 1  ? 2.263   -8.768  -12.172 1.00 27.62 ? 1   GLY A O   1 
ATOM   5   N  N   . ILE A 1 2  ? 2.001   -8.589  -9.925  1.00 25.01 ? 2   ILE A N   1 
ATOM   6   C  CA  . ILE A 1 2  ? 1.438   -7.221  -10.022 1.00 22.62 ? 2   ILE A CA  1 
ATOM   7   C  C   . ILE A 1 2  ? 2.477   -6.309  -10.713 1.00 21.90 ? 2   ILE A C   1 
ATOM   8   O  O   . ILE A 1 2  ? 2.102   -5.418  -11.494 1.00 19.81 ? 2   ILE A O   1 
ATOM   9   C  CB  . ILE A 1 2  ? 1.078   -6.604  -8.674  1.00 22.72 ? 2   ILE A CB  1 
ATOM   10  C  CG1 . ILE A 1 2  ? 0.271   -5.323  -8.972  1.00 22.14 ? 2   ILE A CG1 1 
ATOM   11  C  CG2 . ILE A 1 2  ? 2.332   -6.338  -7.850  1.00 21.02 ? 2   ILE A CG2 1 
ATOM   12  C  CD1 . ILE A 1 2  ? -0.178  -4.728  -7.611  1.00 19.56 ? 2   ILE A CD1 1 
ATOM   13  N  N   . VAL A 1 3  ? 3.805   -6.458  -10.509 1.00 24.38 ? 3   VAL A N   1 
ATOM   14  C  CA  . VAL A 1 3  ? 4.786   -5.570  -11.156 1.00 23.26 ? 3   VAL A CA  1 
ATOM   15  C  C   . VAL A 1 3  ? 4.754   -5.807  -12.677 1.00 26.62 ? 3   VAL A C   1 
ATOM   16  O  O   . VAL A 1 3  ? 4.782   -4.830  -13.444 1.00 26.04 ? 3   VAL A O   1 
ATOM   17  C  CB  . VAL A 1 3  ? 6.226   -5.837  -10.629 1.00 26.49 ? 3   VAL A CB  1 
ATOM   18  C  CG1 . VAL A 1 3  ? 7.301   -5.011  -11.416 1.00 27.45 ? 3   VAL A CG1 1 
ATOM   19  C  CG2 . VAL A 1 3  ? 6.233   -5.481  -9.132  1.00 26.00 ? 3   VAL A CG2 1 
ATOM   20  N  N   . GLU A 1 4  ? 4.662   -7.078  -13.104 1.00 25.59 ? 4   GLU A N   1 
ATOM   21  C  CA  . GLU A 1 4  ? 4.703   -7.311  -14.549 1.00 28.56 ? 4   GLU A CA  1 
ATOM   22  C  C   . GLU A 1 4  ? 3.428   -6.785  -15.161 1.00 28.08 ? 4   GLU A C   1 
ATOM   23  O  O   . GLU A 1 4  ? 3.559   -6.074  -16.142 1.00 26.93 ? 4   GLU A O   1 
ATOM   24  C  CB  . GLU A 1 4  ? 4.725   -8.814  -14.806 1.00 30.42 ? 4   GLU A CB  1 
ATOM   25  C  CG  . GLU A 1 4  ? 6.084   -9.337  -14.305 1.00 40.85 ? 4   GLU A CG  1 
ATOM   26  C  CD  . GLU A 1 4  ? 6.543   -9.243  -12.850 1.00 52.46 ? 4   GLU A CD  1 
ATOM   27  O  OE1 . GLU A 1 4  ? 5.698   -9.454  -11.827 1.00 36.99 ? 4   GLU A OE1 1 
ATOM   28  O  OE2 . GLU A 1 4  ? 7.768   -8.924  -12.712 1.00 53.31 ? 4   GLU A OE2 1 
ATOM   29  N  N   . GLN A 1 5  ? 2.295   -6.957  -14.454 1.00 23.73 ? 5   GLN A N   1 
ATOM   30  C  CA  . GLN A 1 5  ? 0.963   -6.607  -14.974 1.00 25.07 ? 5   GLN A CA  1 
ATOM   31  C  C   . GLN A 1 5  ? 0.802   -5.066  -15.062 1.00 23.12 ? 5   GLN A C   1 
ATOM   32  O  O   . GLN A 1 5  ? 0.240   -4.517  -16.014 1.00 24.24 ? 5   GLN A O   1 
ATOM   33  C  CB  . GLN A 1 5  ? -0.140  -7.053  -14.033 1.00 25.67 ? 5   GLN A CB  1 
ATOM   34  C  CG  . GLN A 1 5  ? -0.553  -8.513  -14.102 1.00 43.11 ? 5   GLN A CG  1 
ATOM   35  C  CD  . GLN A 1 5  ? -0.572  -9.057  -15.504 1.00 57.27 ? 5   GLN A CD  1 
ATOM   36  O  OE1 . GLN A 1 5  ? -1.215  -8.497  -16.392 1.00 51.98 ? 5   GLN A OE1 1 
ATOM   37  N  NE2 . GLN A 1 5  ? 0.110   -10.177 -15.718 1.00 60.80 ? 5   GLN A NE2 1 
ATOM   38  N  N   . CYS A 1 6  ? 1.361   -4.305  -14.062 1.00 22.30 ? 6   CYS A N   1 
ATOM   39  C  CA  . CYS A 1 6  ? 0.972   -2.892  -13.943 1.00 18.78 ? 6   CYS A CA  1 
ATOM   40  C  C   . CYS A 1 6  ? 2.116   -1.919  -14.035 1.00 19.45 ? 6   CYS A C   1 
ATOM   41  O  O   . CYS A 1 6  ? 1.906   -0.738  -14.309 1.00 19.50 ? 6   CYS A O   1 
ATOM   42  C  CB  . CYS A 1 6  ? 0.320   -2.713  -12.542 1.00 19.71 ? 6   CYS A CB  1 
ATOM   43  S  SG  . CYS A 1 6  ? -1.305  -3.433  -12.417 1.00 24.41 ? 6   CYS A SG  1 
ATOM   44  N  N   . CYS A 1 7  ? 3.345   -2.379  -13.761 1.00 19.99 ? 7   CYS A N   1 
ATOM   45  C  CA  . CYS A 1 7  ? 4.511   -1.494  -13.806 1.00 21.67 ? 7   CYS A CA  1 
ATOM   46  C  C   . CYS A 1 7  ? 5.282   -1.673  -15.116 1.00 23.64 ? 7   CYS A C   1 
ATOM   47  O  O   . CYS A 1 7  ? 5.534   -0.691  -15.763 1.00 22.57 ? 7   CYS A O   1 
ATOM   48  C  CB  . CYS A 1 7  ? 5.329   -1.704  -12.521 1.00 21.86 ? 7   CYS A CB  1 
ATOM   49  S  SG  . CYS A 1 7  ? 6.917   -0.816  -12.575 1.00 24.62 ? 7   CYS A SG  1 
ATOM   50  N  N   . THR A 1 8  ? 5.651   -2.913  -15.443 1.00 24.94 ? 8   THR A N   1 
ATOM   51  C  CA  A THR A 1 8  ? 6.472   -3.060  -16.657 0.50 25.29 ? 8   THR A CA  1 
ATOM   52  C  CA  B THR A 1 8  ? 6.475   -3.166  -16.643 0.50 25.85 ? 8   THR A CA  1 
ATOM   53  C  C   . THR A 1 8  ? 5.582   -3.072  -17.871 1.00 21.83 ? 8   THR A C   1 
ATOM   54  O  O   . THR A 1 8  ? 5.888   -2.278  -18.801 1.00 25.80 ? 8   THR A O   1 
ATOM   55  C  CB  A THR A 1 8  ? 7.396   -4.264  -16.552 0.50 25.39 ? 8   THR A CB  1 
ATOM   56  C  CB  B THR A 1 8  ? 7.230   -4.502  -16.501 0.50 23.10 ? 8   THR A CB  1 
ATOM   57  O  OG1 A THR A 1 8  ? 6.565   -5.411  -16.350 0.50 23.73 ? 8   THR A OG1 1 
ATOM   58  O  OG1 B THR A 1 8  ? 7.867   -4.639  -15.228 0.50 24.11 ? 8   THR A OG1 1 
ATOM   59  C  CG2 A THR A 1 8  ? 8.359   -4.011  -15.438 0.50 24.47 ? 8   THR A CG2 1 
ATOM   60  C  CG2 B THR A 1 8  ? 8.284   -4.660  -17.572 0.50 25.69 ? 8   THR A CG2 1 
ATOM   61  N  N   . SER A 1 9  ? 4.445   -3.785  -17.792 1.00 22.90 ? 9   SER A N   1 
ATOM   62  C  CA  . SER A 1 9  ? 3.291   -3.630  -18.681 1.00 22.11 ? 9   SER A CA  1 
ATOM   63  C  C   . SER A 1 9  ? 2.429   -2.410  -18.163 1.00 20.95 ? 9   SER A C   1 
ATOM   64  O  O   . SER A 1 9  ? 2.990   -1.657  -17.342 1.00 22.22 ? 9   SER A O   1 
ATOM   65  C  CB  . SER A 1 9  ? 2.496   -4.862  -18.814 1.00 24.41 ? 9   SER A CB  1 
ATOM   66  O  OG  . SER A 1 9  ? 1.579   -4.661  -19.882 1.00 27.33 ? 9   SER A OG  1 
ATOM   67  N  N   . ILE A 1 10 ? 1.226   -2.245  -18.699 1.00 20.54 ? 10  ILE A N   1 
ATOM   68  C  CA  . ILE A 1 10 ? 0.310   -1.164  -18.186 1.00 18.63 ? 10  ILE A CA  1 
ATOM   69  C  C   . ILE A 1 10 ? -0.967  -1.851  -17.724 1.00 21.33 ? 10  ILE A C   1 
ATOM   70  O  O   . ILE A 1 10 ? -1.355  -2.915  -18.206 1.00 22.12 ? 10  ILE A O   1 
ATOM   71  C  CB  . ILE A 1 10 ? -0.016  -0.106  -19.238 1.00 19.55 ? 10  ILE A CB  1 
ATOM   72  C  CG1 . ILE A 1 10 ? -0.627  -0.788  -20.496 1.00 21.00 ? 10  ILE A CG1 1 
ATOM   73  C  CG2 . ILE A 1 10 ? 1.317   0.628   -19.544 1.00 20.15 ? 10  ILE A CG2 1 
ATOM   74  C  CD1 . ILE A 1 10 ? -0.970  0.157   -21.629 1.00 21.93 ? 10  ILE A CD1 1 
ATOM   75  N  N   . CYS A 1 11 ? -1.606  -1.215  -16.687 1.00 20.62 ? 11  CYS A N   1 
ATOM   76  C  CA  . CYS A 1 11 ? -2.896  -1.661  -16.210 1.00 22.55 ? 11  CYS A CA  1 
ATOM   77  C  C   . CYS A 1 11 ? -3.713  -0.418  -15.813 1.00 18.94 ? 11  CYS A C   1 
ATOM   78  O  O   . CYS A 1 11 ? -3.200  0.696   -15.602 1.00 21.04 ? 11  CYS A O   1 
ATOM   79  C  CB  . CYS A 1 11 ? -2.721  -2.675  -15.076 1.00 20.95 ? 11  CYS A CB  1 
ATOM   80  S  SG  . CYS A 1 11 ? -2.357  -1.895  -13.467 1.00 24.75 ? 11  CYS A SG  1 
ATOM   81  N  N   . SER A 1 12 ? -4.998  -0.682  -15.634 1.00 23.77 ? 12  SER A N   1 
ATOM   82  C  CA  . SER A 1 12 ? -5.952  0.364   -15.220 1.00 24.86 ? 12  SER A CA  1 
ATOM   83  C  C   . SER A 1 12 ? -6.404  -0.010  -13.824 1.00 22.38 ? 12  SER A C   1 
ATOM   84  O  O   . SER A 1 12 ? -6.076  -1.119  -13.289 1.00 22.49 ? 12  SER A O   1 
ATOM   85  C  CB  . SER A 1 12 ? -7.213  0.433   -16.068 1.00 27.70 ? 12  SER A CB  1 
ATOM   86  O  OG  . SER A 1 12 ? -7.926  -0.791  -15.863 1.00 28.94 ? 12  SER A OG  1 
ATOM   87  N  N   . LEU A 1 13 ? -7.199  0.908   -13.258 1.00 24.70 ? 13  LEU A N   1 
ATOM   88  C  CA  . LEU A 1 13 ? -7.740  0.598   -11.927 1.00 26.22 ? 13  LEU A CA  1 
ATOM   89  C  C   . LEU A 1 13 ? -8.560  -0.718  -11.844 1.00 24.86 ? 13  LEU A C   1 
ATOM   90  O  O   . LEU A 1 13 ? -8.537  -1.421  -10.805 1.00 21.36 ? 13  LEU A O   1 
ATOM   91  C  CB  . LEU A 1 13 ? -8.487  1.925   -11.607 1.00 29.67 ? 13  LEU A CB  1 
ATOM   92  C  CG  . LEU A 1 13 ? -7.685  3.240   -11.353 1.00 29.60 ? 13  LEU A CG  1 
ATOM   93  C  CD1 . LEU A 1 13 ? -8.554  4.307   -10.639 1.00 27.97 ? 13  LEU A CD1 1 
ATOM   94  C  CD2 . LEU A 1 13 ? -6.365  3.134   -10.572 1.00 25.79 ? 13  LEU A CD2 1 
ATOM   95  N  N   . TYR A 1 14 ? -9.135  -1.327  -12.883 1.00 23.22 ? 14  TYR A N   1 
ATOM   96  C  CA  . TYR A 1 14 ? -9.776  -2.610  -12.843 1.00 23.59 ? 14  TYR A CA  1 
ATOM   97  C  C   . TYR A 1 14 ? -8.928  -3.797  -12.538 1.00 26.85 ? 14  TYR A C   1 
ATOM   98  O  O   . TYR A 1 14 ? -9.353  -4.702  -11.856 1.00 26.23 ? 14  TYR A O   1 
ATOM   99  C  CB  . TYR A 1 14 ? -10.545 -2.994  -14.125 1.00 28.29 ? 14  TYR A CB  1 
ATOM   100 C  CG  . TYR A 1 14 ? -11.805 -2.202  -14.339 1.00 31.42 ? 14  TYR A CG  1 
ATOM   101 C  CD1 . TYR A 1 14 ? -12.915 -2.411  -13.530 1.00 34.68 ? 14  TYR A CD1 1 
ATOM   102 C  CD2 . TYR A 1 14 ? -11.892 -1.317  -15.413 1.00 33.48 ? 14  TYR A CD2 1 
ATOM   103 C  CE1 . TYR A 1 14 ? -14.043 -1.619  -13.731 1.00 35.42 ? 14  TYR A CE1 1 
ATOM   104 C  CE2 . TYR A 1 14 ? -13.040 -0.570  -15.663 1.00 34.32 ? 14  TYR A CE2 1 
ATOM   105 C  CZ  . TYR A 1 14 ? -14.088 -0.715  -14.790 1.00 42.01 ? 14  TYR A CZ  1 
ATOM   106 O  OH  . TYR A 1 14 ? -15.190 0.095   -15.011 1.00 38.60 ? 14  TYR A OH  1 
ATOM   107 N  N   . GLN A 1 15 ? -7.696  -3.820  -13.045 1.00 23.37 ? 15  GLN A N   1 
ATOM   108 C  CA  . GLN A 1 15 ? -6.813  -4.936  -12.758 1.00 24.13 ? 15  GLN A CA  1 
ATOM   109 C  C   . GLN A 1 15 ? -6.351  -4.746  -11.307 1.00 20.91 ? 15  GLN A C   1 
ATOM   110 O  O   . GLN A 1 15 ? -6.006  -5.735  -10.619 1.00 22.23 ? 15  GLN A O   1 
ATOM   111 C  CB  . GLN A 1 15 ? -5.613  -4.852  -13.707 1.00 27.10 ? 15  GLN A CB  1 
ATOM   112 C  CG  . GLN A 1 15 ? -5.975  -5.428  -15.081 1.00 32.18 ? 15  GLN A CG  1 
ATOM   113 C  CD  . GLN A 1 15 ? -5.443  -4.600  -16.225 1.00 50.24 ? 15  GLN A CD  1 
ATOM   114 O  OE1 . GLN A 1 15 ? -5.758  -3.395  -16.416 1.00 49.51 ? 15  GLN A OE1 1 
ATOM   115 N  NE2 . GLN A 1 15 ? -4.603  -5.268  -17.007 1.00 42.74 ? 15  GLN A NE2 1 
ATOM   116 N  N   . LEU A 1 16 ? -6.192  -3.497  -10.819 1.00 22.39 ? 16  LEU A N   1 
ATOM   117 C  CA  . LEU A 1 16 ? -5.795  -3.286  -9.434  1.00 21.79 ? 16  LEU A CA  1 
ATOM   118 C  C   . LEU A 1 16 ? -6.738  -3.948  -8.483  1.00 22.75 ? 16  LEU A C   1 
ATOM   119 O  O   . LEU A 1 16 ? -6.330  -4.287  -7.389  1.00 20.94 ? 16  LEU A O   1 
ATOM   120 C  CB  . LEU A 1 16 ? -5.662  -1.779  -9.113  1.00 21.63 ? 16  LEU A CB  1 
ATOM   121 C  CG  . LEU A 1 16 ? -4.483  -1.153  -9.808  1.00 22.77 ? 16  LEU A CG  1 
ATOM   122 C  CD1 . LEU A 1 16 ? -4.365  0.244   -9.260  1.00 27.03 ? 16  LEU A CD1 1 
ATOM   123 C  CD2 . LEU A 1 16 ? -3.146  -1.911  -9.505  1.00 23.55 ? 16  LEU A CD2 1 
ATOM   124 N  N   . GLU A 1 17 ? -8.034  -3.931  -8.751  1.00 20.49 ? 17  GLU A N   1 
ATOM   125 C  CA  . GLU A 1 17 ? -9.014  -4.535  -7.865  1.00 22.05 ? 17  GLU A CA  1 
ATOM   126 C  C   . GLU A 1 17 ? -8.672  -5.980  -7.548  1.00 20.22 ? 17  GLU A C   1 
ATOM   127 O  O   . GLU A 1 17 ? -9.152  -6.486  -6.553  1.00 22.88 ? 17  GLU A O   1 
ATOM   128 C  CB  . GLU A 1 17 ? -10.440 -4.532  -8.436  1.00 25.17 ? 17  GLU A CB  1 
ATOM   129 C  CG  . GLU A 1 17 ? -10.977 -3.158  -8.731  1.00 32.21 ? 17  GLU A CG  1 
ATOM   130 C  CD  . GLU A 1 17 ? -12.442 -3.312  -8.422  1.00 36.92 ? 17  GLU A CD  1 
ATOM   131 O  OE1 . GLU A 1 17 ? -13.009 -4.002  -9.221  1.00 37.48 ? 17  GLU A OE1 1 
ATOM   132 O  OE2 . GLU A 1 17 ? -12.992 -2.796  -7.381  1.00 32.42 ? 17  GLU A OE2 1 
ATOM   133 N  N   . ASN A 1 18 ? -7.925  -6.684  -8.422  1.00 21.17 ? 18  ASN A N   1 
ATOM   134 C  CA  . ASN A 1 18 ? -7.498  -8.070  -8.158  1.00 21.26 ? 18  ASN A CA  1 
ATOM   135 C  C   . ASN A 1 18 ? -6.700  -8.225  -6.859  1.00 23.77 ? 18  ASN A C   1 
ATOM   136 O  O   . ASN A 1 18 ? -6.557  -9.346  -6.323  1.00 21.76 ? 18  ASN A O   1 
ATOM   137 C  CB  . ASN A 1 18 ? -6.628  -8.699  -9.288  1.00 21.31 ? 18  ASN A CB  1 
ATOM   138 C  CG  . ASN A 1 18 ? -7.418  -8.705  -10.601 1.00 26.78 ? 18  ASN A CG  1 
ATOM   139 O  OD1 . ASN A 1 18 ? -8.580  -8.994  -10.488 1.00 28.25 ? 18  ASN A OD1 1 
ATOM   140 N  ND2 . ASN A 1 18 ? -6.733  -8.491  -11.724 1.00 27.80 ? 18  ASN A ND2 1 
ATOM   141 N  N   . TYR A 1 19 ? -6.094  -7.121  -6.370  1.00 19.45 ? 19  TYR A N   1 
ATOM   142 C  CA  . TYR A 1 19 ? -5.208  -7.225  -5.170  1.00 18.69 ? 19  TYR A CA  1 
ATOM   143 C  C   . TYR A 1 19 ? -5.896  -6.594  -3.971  1.00 19.24 ? 19  TYR A C   1 
ATOM   144 O  O   . TYR A 1 19 ? -5.274  -6.440  -2.898  1.00 18.81 ? 19  TYR A O   1 
ATOM   145 C  CB  . TYR A 1 19 ? -3.889  -6.531  -5.495  1.00 20.24 ? 19  TYR A CB  1 
ATOM   146 C  CG  . TYR A 1 19 ? -3.303  -7.068  -6.763  1.00 19.67 ? 19  TYR A CG  1 
ATOM   147 C  CD1 . TYR A 1 19 ? -2.554  -8.262  -6.761  1.00 18.51 ? 19  TYR A CD1 1 
ATOM   148 C  CD2 . TYR A 1 19 ? -3.520  -6.418  -7.993  1.00 19.66 ? 19  TYR A CD2 1 
ATOM   149 C  CE1 . TYR A 1 19 ? -2.011  -8.802  -7.905  1.00 19.56 ? 19  TYR A CE1 1 
ATOM   150 C  CE2 . TYR A 1 19 ? -2.997  -6.946  -9.168  1.00 20.26 ? 19  TYR A CE2 1 
ATOM   151 C  CZ  . TYR A 1 19 ? -2.306  -8.160  -9.101  1.00 21.18 ? 19  TYR A CZ  1 
ATOM   152 O  OH  . TYR A 1 19 ? -1.745  -8.664  -10.286 1.00 25.30 ? 19  TYR A OH  1 
ATOM   153 N  N   . CYS A 1 20 ? -7.233  -6.368  -4.006  1.00 20.05 ? 20  CYS A N   1 
ATOM   154 C  CA  . CYS A 1 20 ? -8.011  -5.936  -2.842  1.00 22.59 ? 20  CYS A CA  1 
ATOM   155 C  C   . CYS A 1 20 ? -8.317  -7.153  -1.969  1.00 26.73 ? 20  CYS A C   1 
ATOM   156 O  O   . CYS A 1 20 ? -8.383  -8.265  -2.503  1.00 28.44 ? 20  CYS A O   1 
ATOM   157 C  CB  . CYS A 1 20 ? -9.301  -5.250  -3.244  1.00 21.23 ? 20  CYS A CB  1 
ATOM   158 S  SG  . CYS A 1 20 ? -9.093  -3.721  -4.181  1.00 21.31 ? 20  CYS A SG  1 
ATOM   159 N  N   . ASN A 1 21 ? -8.448  -6.997  -0.681  1.00 26.97 ? 21  ASN A N   1 
ATOM   160 C  CA  . ASN A 1 21 ? -8.951  -8.059  0.217   1.00 31.15 ? 21  ASN A CA  1 
ATOM   161 C  C   . ASN A 1 21 ? -10.422 -8.242  -0.087  1.00 36.53 ? 21  ASN A C   1 
ATOM   162 O  O   . ASN A 1 21 ? -11.199 -7.333  -0.339  1.00 35.42 ? 21  ASN A O   1 
ATOM   163 C  CB  . ASN A 1 21 ? -8.801  -7.656  1.676   1.00 29.90 ? 21  ASN A CB  1 
ATOM   164 C  CG  . ASN A 1 21 ? -7.356  -7.688  2.057   1.00 29.05 ? 21  ASN A CG  1 
ATOM   165 O  OD1 . ASN A 1 21 ? -6.645  -8.460  1.456   1.00 37.93 ? 21  ASN A OD1 1 
ATOM   166 N  ND2 . ASN A 1 21 ? -6.868  -6.926  3.013   1.00 33.86 ? 21  ASN A ND2 1 
ATOM   167 O  OXT . ASN A 1 21 ? -10.960 -9.325  -0.067  1.00 46.80 ? 21  ASN A OXT 1 
ATOM   168 N  N   . PHE B 2 1  ? -11.149 4.516   -17.774 1.00 32.79 ? 1   PHE B N   1 
ATOM   169 C  CA  . PHE B 2 1  ? -9.925  4.385   -16.917 1.00 26.92 ? 1   PHE B CA  1 
ATOM   170 C  C   . PHE B 2 1  ? -8.756  4.081   -17.838 1.00 23.00 ? 1   PHE B C   1 
ATOM   171 O  O   . PHE B 2 1  ? -8.674  2.961   -18.365 1.00 28.67 ? 1   PHE B O   1 
ATOM   172 C  CB  . PHE B 2 1  ? -10.136 3.288   -15.883 1.00 24.19 ? 1   PHE B CB  1 
ATOM   173 C  CG  . PHE B 2 1  ? -11.316 3.603   -14.954 1.00 25.14 ? 1   PHE B CG  1 
ATOM   174 C  CD1 . PHE B 2 1  ? -11.333 4.749   -14.163 1.00 26.72 ? 1   PHE B CD1 1 
ATOM   175 C  CD2 . PHE B 2 1  ? -12.368 2.713   -14.805 1.00 26.30 ? 1   PHE B CD2 1 
ATOM   176 C  CE1 . PHE B 2 1  ? -12.451 5.083   -13.371 1.00 24.20 ? 1   PHE B CE1 1 
ATOM   177 C  CE2 . PHE B 2 1  ? -13.474 3.020   -13.994 1.00 26.24 ? 1   PHE B CE2 1 
ATOM   178 C  CZ  . PHE B 2 1  ? -13.492 4.221   -13.290 1.00 24.54 ? 1   PHE B CZ  1 
ATOM   179 N  N   . VAL B 2 2  ? -7.742  4.889   -17.695 1.00 20.29 ? 2   VAL B N   1 
ATOM   180 C  CA  . VAL B 2 2  ? -6.584  4.754   -18.590 1.00 21.31 ? 2   VAL B CA  1 
ATOM   181 C  C   . VAL B 2 2  ? -5.716  3.625   -18.117 1.00 21.32 ? 2   VAL B C   1 
ATOM   182 O  O   . VAL B 2 2  ? -5.606  3.339   -16.922 1.00 22.80 ? 2   VAL B O   1 
ATOM   183 C  CB  . VAL B 2 2  ? -5.815  6.077   -18.561 1.00 19.40 ? 2   VAL B CB  1 
ATOM   184 C  CG1 . VAL B 2 2  ? -5.089  6.371   -17.221 1.00 22.02 ? 2   VAL B CG1 1 
ATOM   185 C  CG2 . VAL B 2 2  ? -4.756  6.199   -19.660 1.00 22.75 ? 2   VAL B CG2 1 
ATOM   186 N  N   . LYS B 2 3  ? -5.078  2.895   -19.042 1.00 21.23 ? 3   LYS B N   1 
ATOM   187 C  CA  . LYS B 2 3  ? -4.044  1.970   -18.641 1.00 17.99 ? 3   LYS B CA  1 
ATOM   188 C  C   . LYS B 2 3  ? -2.734  2.674   -18.662 1.00 20.88 ? 3   LYS B C   1 
ATOM   189 O  O   . LYS B 2 3  ? -2.431  3.369   -19.646 1.00 21.15 ? 3   LYS B O   1 
ATOM   190 C  CB  . LYS B 2 3  ? -3.969  0.673   -19.482 1.00 22.26 ? 3   LYS B CB  1 
ATOM   191 C  CG  . LYS B 2 3  ? -5.302  -0.118  -19.440 1.00 23.94 ? 3   LYS B CG  1 
ATOM   192 C  CD  . LYS B 2 3  ? -5.371  -1.293  -20.409 1.00 33.61 ? 3   LYS B CD  1 
ATOM   193 C  CE  . LYS B 2 3  ? -4.519  -2.449  -19.991 1.00 38.57 ? 3   LYS B CE  1 
ATOM   194 N  NZ  . LYS B 2 3  ? -5.177  -3.776  -20.172 1.00 38.27 ? 3   LYS B NZ  1 
ATOM   195 N  N   . GLN B 2 4  ? -1.907  2.561   -17.642 1.00 16.65 ? 4   GLN B N   1 
ATOM   196 C  CA  . GLN B 2 4  ? -0.671  3.279   -17.470 1.00 17.89 ? 4   GLN B CA  1 
ATOM   197 C  C   . GLN B 2 4  ? 0.345   2.451   -16.697 1.00 15.76 ? 4   GLN B C   1 
ATOM   198 O  O   . GLN B 2 4  ? -0.029  1.462   -16.093 1.00 17.85 ? 4   GLN B O   1 
ATOM   199 C  CB  . GLN B 2 4  ? -0.887  4.696   -16.974 1.00 20.98 ? 4   GLN B CB  1 
ATOM   200 C  CG  . GLN B 2 4  ? -1.464  4.697   -15.561 1.00 22.05 ? 4   GLN B CG  1 
ATOM   201 C  CD  . GLN B 2 4  ? -1.644  6.169   -15.182 1.00 24.53 ? 4   GLN B CD  1 
ATOM   202 O  OE1 . GLN B 2 4  ? -0.737  7.008   -15.425 1.00 31.58 ? 4   GLN B OE1 1 
ATOM   203 N  NE2 . GLN B 2 4  ? -2.777  6.510   -14.579 1.00 22.04 ? 4   GLN B NE2 1 
ATOM   204 N  N   . HIS B 2 5  ? 1.599   2.878   -16.693 1.00 15.63 ? 5   HIS B N   1 
ATOM   205 C  CA  . HIS B 2 5  ? 2.605   2.214   -15.870 1.00 16.12 ? 5   HIS B CA  1 
ATOM   206 C  C   . HIS B 2 5  ? 2.500   2.819   -14.438 1.00 16.50 ? 5   HIS B C   1 
ATOM   207 O  O   . HIS B 2 5  ? 2.586   4.014   -14.241 1.00 19.33 ? 5   HIS B O   1 
ATOM   208 C  CB  . HIS B 2 5  ? 4.038   2.608   -16.403 1.00 17.83 ? 5   HIS B CB  1 
ATOM   209 C  CG  . HIS B 2 5  ? 4.339   2.054   -17.766 1.00 18.72 ? 5   HIS B CG  1 
ATOM   210 N  ND1 . HIS B 2 5  ? 4.686   0.773   -17.955 1.00 19.02 ? 5   HIS B ND1 1 
ATOM   211 C  CD2 . HIS B 2 5  ? 4.198   2.704   -18.952 1.00 18.62 ? 5   HIS B CD2 1 
ATOM   212 C  CE1 . HIS B 2 5  ? 4.788   0.579   -19.371 1.00 21.56 ? 5   HIS B CE1 1 
ATOM   213 N  NE2 . HIS B 2 5  ? 4.506   1.722   -19.898 1.00 19.03 ? 5   HIS B NE2 1 
ATOM   214 N  N   . LEU B 2 6  ? 2.288   1.854   -13.494 1.00 17.08 ? 6   LEU B N   1 
ATOM   215 C  CA  . LEU B 2 6  ? 2.154   2.210   -12.072 1.00 17.36 ? 6   LEU B CA  1 
ATOM   216 C  C   . LEU B 2 6  ? 3.219   1.410   -11.356 1.00 15.68 ? 6   LEU B C   1 
ATOM   217 O  O   . LEU B 2 6  ? 3.098   0.185   -11.341 1.00 18.15 ? 6   LEU B O   1 
ATOM   218 C  CB  . LEU B 2 6  ? 0.752   1.825   -11.561 1.00 18.97 ? 6   LEU B CB  1 
ATOM   219 C  CG  . LEU B 2 6  ? -0.386  2.576   -12.184 1.00 19.27 ? 6   LEU B CG  1 
ATOM   220 C  CD1 . LEU B 2 6  ? -1.722  1.984   -11.695 1.00 20.05 ? 6   LEU B CD1 1 
ATOM   221 C  CD2 . LEU B 2 6  ? -0.226  4.056   -11.891 1.00 21.08 ? 6   LEU B CD2 1 
ATOM   222 N  N   . CYS B 2 7  ? 4.107   2.150   -10.750 1.00 17.52 ? 7   CYS B N   1 
ATOM   223 C  CA  . CYS B 2 7  ? 5.215   1.436   -10.096 1.00 21.99 ? 7   CYS B CA  1 
ATOM   224 C  C   . CYS B 2 7  ? 5.508   2.019   -8.700  1.00 18.78 ? 7   CYS B C   1 
ATOM   225 O  O   . CYS B 2 7  ? 5.264   3.172   -8.421  1.00 21.46 ? 7   CYS B O   1 
ATOM   226 C  CB  . CYS B 2 7  ? 6.466   1.756   -10.980 1.00 21.75 ? 7   CYS B CB  1 
ATOM   227 S  SG  . CYS B 2 7  ? 6.410   1.152   -12.710 1.00 24.22 ? 7   CYS B SG  1 
ATOM   228 N  N   . GLY B 2 8  ? 6.048   1.059   -7.909  1.00 21.19 ? 8   GLY B N   1 
ATOM   229 C  CA  . GLY B 2 8  ? 6.532   1.444   -6.593  1.00 22.59 ? 8   GLY B CA  1 
ATOM   230 C  C   . GLY B 2 8  ? 5.483   2.210   -5.763  1.00 18.85 ? 8   GLY B C   1 
ATOM   231 O  O   . GLY B 2 8  ? 4.350   1.745   -5.582  1.00 18.19 ? 8   GLY B O   1 
ATOM   232 N  N   . SER B 2 9  ? 5.878   3.313   -5.149  1.00 19.13 ? 9   SER B N   1 
ATOM   233 C  CA  A SER B 2 9  ? 4.962   4.079   -4.288  0.50 20.30 ? 9   SER B CA  1 
ATOM   234 C  CA  B SER B 2 9  ? 4.927   4.003   -4.262  0.50 18.48 ? 9   SER B CA  1 
ATOM   235 C  C   . SER B 2 9  ? 3.660   4.375   -5.037  1.00 18.04 ? 9   SER B C   1 
ATOM   236 O  O   . SER B 2 9  ? 2.573   4.327   -4.437  1.00 19.56 ? 9   SER B O   1 
ATOM   237 C  CB  A SER B 2 9  ? 5.563   5.419   -3.824  0.50 23.29 ? 9   SER B CB  1 
ATOM   238 C  CB  B SER B 2 9  ? 5.483   5.250   -3.569  0.50 20.00 ? 9   SER B CB  1 
ATOM   239 O  OG  A SER B 2 9  ? 6.129   6.067   -4.960  0.50 28.08 ? 9   SER B OG  1 
ATOM   240 O  OG  B SER B 2 9  ? 4.670   5.629   -2.460  0.50 19.51 ? 9   SER B OG  1 
ATOM   241 N  N   . HIS B 2 10 ? 3.746   4.730   -6.331  1.00 17.42 ? 10  HIS B N   1 
ATOM   242 C  CA  A HIS B 2 10 ? 2.562   5.171   -7.055  0.50 17.29 ? 10  HIS B CA  1 
ATOM   243 C  CA  B HIS B 2 10 ? 2.588   5.154   -7.092  0.50 16.44 ? 10  HIS B CA  1 
ATOM   244 C  C   . HIS B 2 10 ? 1.631   3.958   -7.222  1.00 15.69 ? 10  HIS B C   1 
ATOM   245 O  O   . HIS B 2 10 ? 0.403   4.142   -7.230  1.00 16.62 ? 10  HIS B O   1 
ATOM   246 C  CB  A HIS B 2 10 ? 2.900   5.790   -8.434  0.50 19.25 ? 10  HIS B CB  1 
ATOM   247 C  CB  B HIS B 2 10 ? 3.023   5.544   -8.515  0.50 15.82 ? 10  HIS B CB  1 
ATOM   248 C  CG  A HIS B 2 10 ? 3.760   7.008   -8.290  0.50 20.63 ? 10  HIS B CG  1 
ATOM   249 C  CG  B HIS B 2 10 ? 2.019   6.460   -9.144  0.50 16.67 ? 10  HIS B CG  1 
ATOM   250 N  ND1 A HIS B 2 10 ? 3.279   8.285   -7.952  0.50 21.75 ? 10  HIS B ND1 1 
ATOM   251 N  ND1 B HIS B 2 10 ? 1.870   6.573   -10.529 0.50 20.08 ? 10  HIS B ND1 1 
ATOM   252 C  CD2 A HIS B 2 10 ? 5.112   7.077   -8.344  0.50 23.62 ? 10  HIS B CD2 1 
ATOM   253 C  CD2 B HIS B 2 10 ? 1.072   7.267   -8.630  0.50 19.92 ? 10  HIS B CD2 1 
ATOM   254 C  CE1 A HIS B 2 10 ? 4.328   9.111   -7.815  0.50 19.99 ? 10  HIS B CE1 1 
ATOM   255 C  CE1 B HIS B 2 10 ? 0.918   7.433   -10.804 0.50 21.92 ? 10  HIS B CE1 1 
ATOM   256 N  NE2 A HIS B 2 10 ? 5.456   8.397   -8.158  0.50 19.62 ? 10  HIS B NE2 1 
ATOM   257 N  NE2 B HIS B 2 10 ? 0.406   7.857   -9.713  0.50 18.37 ? 10  HIS B NE2 1 
ATOM   258 N  N   . LEU B 2 11 ? 2.194   2.737   -7.390  1.00 14.20 ? 11  LEU B N   1 
ATOM   259 C  CA  . LEU B 2 11 ? 1.330   1.553   -7.535  1.00 14.85 ? 11  LEU B CA  1 
ATOM   260 C  C   . LEU B 2 11 ? 0.581   1.309   -6.203  1.00 13.60 ? 11  LEU B C   1 
ATOM   261 O  O   . LEU B 2 11 ? -0.636  1.043   -6.231  1.00 14.14 ? 11  LEU B O   1 
ATOM   262 C  CB  . LEU B 2 11 ? 2.260   0.407   -7.869  1.00 15.26 ? 11  LEU B CB  1 
ATOM   263 C  CG  . LEU B 2 11 ? 1.558   -0.960  -8.015  1.00 13.85 ? 11  LEU B CG  1 
ATOM   264 C  CD1 . LEU B 2 11 ? 0.340   -0.941  -8.920  1.00 15.33 ? 11  LEU B CD1 1 
ATOM   265 C  CD2 . LEU B 2 11 ? 2.540   -1.962  -8.591  1.00 16.93 ? 11  LEU B CD2 1 
ATOM   266 N  N   . VAL B 2 12 ? 1.274   1.409   -5.034  1.00 13.98 ? 12  VAL B N   1 
ATOM   267 C  CA  . VAL B 2 12 ? 0.468   1.147   -3.804  1.00 13.84 ? 12  VAL B CA  1 
ATOM   268 C  C   . VAL B 2 12 ? -0.454  2.297   -3.498  1.00 13.64 ? 12  VAL B C   1 
ATOM   269 O  O   . VAL B 2 12 ? -1.486  2.059   -2.873  1.00 13.14 ? 12  VAL B O   1 
ATOM   270 C  CB  . VAL B 2 12 ? 1.357   0.765   -2.586  1.00 14.98 ? 12  VAL B CB  1 
ATOM   271 C  CG1 . VAL B 2 12 ? 2.115   -0.588  -2.898  1.00 18.49 ? 12  VAL B CG1 1 
ATOM   272 C  CG2 . VAL B 2 12 ? 2.330   1.892   -2.228  1.00 15.61 ? 12  VAL B CG2 1 
ATOM   273 N  N   . GLU B 2 13 ? -0.135  3.522   -3.879  1.00 13.72 ? 13  GLU B N   1 
ATOM   274 C  CA  . GLU B 2 13 ? -1.125  4.608   -3.761  1.00 14.25 ? 13  GLU B CA  1 
ATOM   275 C  C   . GLU B 2 13 ? -2.352  4.266   -4.601  1.00 14.54 ? 13  GLU B C   1 
ATOM   276 O  O   . GLU B 2 13 ? -3.470  4.577   -4.134  1.00 15.39 ? 13  GLU B O   1 
ATOM   277 C  CB  . GLU B 2 13 ? -0.558  5.972   -4.174  1.00 17.44 ? 13  GLU B CB  1 
ATOM   278 C  CG  . GLU B 2 13 ? 0.461   6.345   -3.057  1.00 26.81 ? 13  GLU B CG  1 
ATOM   279 C  CD  . GLU B 2 13 ? 1.309   7.514   -3.549  1.00 32.02 ? 13  GLU B CD  1 
ATOM   280 O  OE1 . GLU B 2 13 ? 0.702   8.429   -4.137  1.00 46.23 ? 13  GLU B OE1 1 
ATOM   281 O  OE2 . GLU B 2 13 ? 2.586   7.439   -3.395  1.00 31.76 ? 13  GLU B OE2 1 
ATOM   282 N  N   . ALA B 2 14 ? -2.149  3.757   -5.820  1.00 12.92 ? 14  ALA B N   1 
ATOM   283 C  CA  . ALA B 2 14 ? -3.311  3.362   -6.662  1.00 13.33 ? 14  ALA B CA  1 
ATOM   284 C  C   . ALA B 2 14 ? -4.100  2.248   -5.947  1.00 13.91 ? 14  ALA B C   1 
ATOM   285 O  O   . ALA B 2 14 ? -5.358  2.232   -6.044  1.00 13.92 ? 14  ALA B O   1 
ATOM   286 C  CB  . ALA B 2 14 ? -2.830  2.953   -8.061  1.00 14.39 ? 14  ALA B CB  1 
ATOM   287 N  N   . LEU B 2 15 ? -3.376  1.261   -5.331  1.00 12.47 ? 15  LEU B N   1 
ATOM   288 C  CA  . LEU B 2 15 ? -4.108  0.190   -4.629  1.00 13.53 ? 15  LEU B CA  1 
ATOM   289 C  C   . LEU B 2 15 ? -4.939  0.793   -3.491  1.00 12.77 ? 15  LEU B C   1 
ATOM   290 O  O   . LEU B 2 15 ? -6.085  0.349   -3.252  1.00 14.26 ? 15  LEU B O   1 
ATOM   291 C  CB  . LEU B 2 15 ? -3.095  -0.818  -4.067  1.00 13.79 ? 15  LEU B CB  1 
ATOM   292 C  CG  . LEU B 2 15 ? -2.508  -1.699  -5.170  1.00 13.13 ? 15  LEU B CG  1 
ATOM   293 C  CD1 . LEU B 2 15 ? -1.346  -2.496  -4.520  1.00 16.94 ? 15  LEU B CD1 1 
ATOM   294 C  CD2 . LEU B 2 15 ? -3.594  -2.675  -5.702  1.00 17.44 ? 15  LEU B CD2 1 
ATOM   295 N  N   . TYR B 2 16 ? -4.383  1.817   -2.801  1.00 12.71 ? 16  TYR B N   1 
ATOM   296 C  CA  . TYR B 2 16 ? -5.170  2.472   -1.752  1.00 14.09 ? 16  TYR B CA  1 
ATOM   297 C  C   . TYR B 2 16 ? -6.423  3.154   -2.342  1.00 14.86 ? 16  TYR B C   1 
ATOM   298 O  O   . TYR B 2 16 ? -7.495  2.915   -1.756  1.00 15.18 ? 16  TYR B O   1 
ATOM   299 C  CB  . TYR B 2 16 ? -4.275  3.462   -0.977  1.00 15.08 ? 16  TYR B CB  1 
ATOM   300 C  CG  . TYR B 2 16 ? -5.103  4.217   0.036   1.00 15.62 ? 16  TYR B CG  1 
ATOM   301 C  CD1 . TYR B 2 16 ? -5.438  3.657   1.266   1.00 14.73 ? 16  TYR B CD1 1 
ATOM   302 C  CD2 . TYR B 2 16 ? -5.555  5.506   -0.229  1.00 17.43 ? 16  TYR B CD2 1 
ATOM   303 C  CE1 . TYR B 2 16 ? -6.288  4.277   2.213   1.00 17.81 ? 16  TYR B CE1 1 
ATOM   304 C  CE2 . TYR B 2 16 ? -6.385  6.196   0.684   1.00 17.40 ? 16  TYR B CE2 1 
ATOM   305 C  CZ  . TYR B 2 16 ? -6.718  5.557   1.872   1.00 17.46 ? 16  TYR B CZ  1 
ATOM   306 O  OH  . TYR B 2 16 ? -7.479  6.166   2.858   1.00 21.05 ? 16  TYR B OH  1 
ATOM   307 N  N   . LEU B 2 17 ? -6.241  3.825   -3.492  1.00 14.48 ? 17  LEU B N   1 
ATOM   308 C  CA  . LEU B 2 17 ? -7.437  4.506   -4.099  1.00 15.84 ? 17  LEU B CA  1 
ATOM   309 C  C   . LEU B 2 17 ? -8.490  3.478   -4.463  1.00 15.46 ? 17  LEU B C   1 
ATOM   310 O  O   . LEU B 2 17 ? -9.706  3.728   -4.210  1.00 16.89 ? 17  LEU B O   1 
ATOM   311 C  CB  . LEU B 2 17 ? -6.919  5.187   -5.351  1.00 18.62 ? 17  LEU B CB  1 
ATOM   312 C  CG  . LEU B 2 17 ? -7.973  6.088   -6.032  1.00 20.11 ? 17  LEU B CG  1 
ATOM   313 C  CD1 . LEU B 2 17 ? -7.932  7.479   -5.399  1.00 29.63 ? 17  LEU B CD1 1 
ATOM   314 C  CD2 . LEU B 2 17 ? -7.543  6.338   -7.526  1.00 24.63 ? 17  LEU B CD2 1 
ATOM   315 N  N   . VAL B 2 18 ? -8.131  2.291   -5.035  1.00 15.43 ? 18  VAL B N   1 
ATOM   316 C  CA  . VAL B 2 18 ? -9.155  1.361   -5.515  1.00 15.55 ? 18  VAL B CA  1 
ATOM   317 C  C   . VAL B 2 18 ? -9.685  0.457   -4.412  1.00 15.91 ? 18  VAL B C   1 
ATOM   318 O  O   . VAL B 2 18 ? -10.914 0.204   -4.471  1.00 16.66 ? 18  VAL B O   1 
ATOM   319 C  CB  . VAL B 2 18 ? -8.462  0.487   -6.577  1.00 16.24 ? 18  VAL B CB  1 
ATOM   320 C  CG1 . VAL B 2 18 ? -9.336  -0.733  -6.981  1.00 19.50 ? 18  VAL B CG1 1 
ATOM   321 C  CG2 . VAL B 2 18 ? -8.190  1.340   -7.850  1.00 18.71 ? 18  VAL B CG2 1 
ATOM   322 N  N   . CYS B 2 19 ? -8.887  0.166   -3.392  1.00 15.29 ? 19  CYS B N   1 
ATOM   323 C  CA  . CYS B 2 19 ? -9.313  -0.870  -2.400  1.00 16.35 ? 19  CYS B CA  1 
ATOM   324 C  C   . CYS B 2 19 ? -9.771  -0.164  -1.118  1.00 19.17 ? 19  CYS B C   1 
ATOM   325 O  O   . CYS B 2 19 ? -10.561 -0.784  -0.398  1.00 17.74 ? 19  CYS B O   1 
ATOM   326 C  CB  . CYS B 2 19 ? -8.179  -1.801  -2.083  1.00 14.51 ? 19  CYS B CB  1 
ATOM   327 S  SG  . CYS B 2 19 ? -7.519  -2.708  -3.527  1.00 16.27 ? 19  CYS B SG  1 
ATOM   328 N  N   . GLY B 2 20 ? -9.088  0.908   -0.685  1.00 17.42 ? 20  GLY B N   1 
ATOM   329 C  CA  . GLY B 2 20 ? -9.416  1.628   0.538   1.00 19.81 ? 20  GLY B CA  1 
ATOM   330 C  C   . GLY B 2 20 ? -9.606  0.691   1.750   1.00 20.70 ? 20  GLY B C   1 
ATOM   331 O  O   . GLY B 2 20 ? -8.736  -0.141  2.085   1.00 19.86 ? 20  GLY B O   1 
ATOM   332 N  N   . GLU B 2 21 ? -10.795 0.868   2.397   1.00 20.75 ? 21  GLU B N   1 
ATOM   333 C  CA  . GLU B 2 21 ? -11.065 0.155   3.645   1.00 22.48 ? 21  GLU B CA  1 
ATOM   334 C  C   . GLU B 2 21 ? -11.185 -1.337  3.441   1.00 22.11 ? 21  GLU B C   1 
ATOM   335 O  O   . GLU B 2 21 ? -11.049 -2.041  4.419   1.00 24.20 ? 21  GLU B O   1 
ATOM   336 C  CB  . GLU B 2 21 ? -12.403 0.751   4.220   1.00 24.15 ? 21  GLU B CB  1 
ATOM   337 C  CG  . GLU B 2 21 ? -13.565 0.116   3.446   1.00 33.80 ? 21  GLU B CG  1 
ATOM   338 C  CD  . GLU B 2 21 ? -14.044 0.867   2.175   1.00 46.39 ? 21  GLU B CD  1 
ATOM   339 O  OE1 . GLU B 2 21 ? -13.339 1.868   1.711   1.00 41.31 ? 21  GLU B OE1 1 
ATOM   340 O  OE2 . GLU B 2 21 ? -15.198 0.513   1.672   1.00 49.32 ? 21  GLU B OE2 1 
ATOM   341 N  N   . ARG B 2 22 ? -11.253 -1.860  2.217   1.00 19.86 ? 22  ARG B N   1 
ATOM   342 C  CA  A ARG B 2 22 ? -11.184 -3.288  1.954   0.50 18.63 ? 22  ARG B CA  1 
ATOM   343 C  CA  B ARG B 2 22 ? -11.187 -3.287  2.026   0.50 18.68 ? 22  ARG B CA  1 
ATOM   344 C  C   . ARG B 2 22 ? -9.792  -3.816  2.347   1.00 21.12 ? 22  ARG B C   1 
ATOM   345 O  O   . ARG B 2 22 ? -9.591  -4.978  2.724   1.00 20.52 ? 22  ARG B O   1 
ATOM   346 C  CB  A ARG B 2 22 ? -11.366 -3.680  0.492   0.50 20.79 ? 22  ARG B CB  1 
ATOM   347 C  CB  B ARG B 2 22 ? -11.401 -3.633  0.582   0.50 19.40 ? 22  ARG B CB  1 
ATOM   348 C  CG  A ARG B 2 22 ? -12.778 -3.488  -0.052  0.50 22.88 ? 22  ARG B CG  1 
ATOM   349 C  CG  B ARG B 2 22 ? -12.802 -3.216  0.191   0.50 20.07 ? 22  ARG B CG  1 
ATOM   350 C  CD  A ARG B 2 22 ? -12.908 -4.009  -1.461  0.50 25.59 ? 22  ARG B CD  1 
ATOM   351 C  CD  B ARG B 2 22 ? -12.985 -3.734  -1.223  0.50 20.75 ? 22  ARG B CD  1 
ATOM   352 N  NE  A ARG B 2 22 ? -12.752 -2.949  -2.452  0.50 28.10 ? 22  ARG B NE  1 
ATOM   353 N  NE  B ARG B 2 22 ? -12.721 -5.134  -1.639  0.50 22.64 ? 22  ARG B NE  1 
ATOM   354 C  CZ  A ARG B 2 22 ? -12.830 -3.085  -3.790  0.50 24.44 ? 22  ARG B CZ  1 
ATOM   355 C  CZ  B ARG B 2 22 ? -12.708 -5.641  -2.868  0.50 24.84 ? 22  ARG B CZ  1 
ATOM   356 N  NH1 A ARG B 2 22 ? -12.703 -2.016  -4.568  0.50 16.29 ? 22  ARG B NH1 1 
ATOM   357 N  NH1 B ARG B 2 22 ? -12.427 -6.933  -3.028  0.50 26.25 ? 22  ARG B NH1 1 
ATOM   358 N  NH2 A ARG B 2 22 ? -13.040 -4.266  -4.348  0.50 24.62 ? 22  ARG B NH2 1 
ATOM   359 N  NH2 B ARG B 2 22 ? -12.898 -4.879  -3.939  0.50 26.08 ? 22  ARG B NH2 1 
ATOM   360 N  N   . GLY B 2 23 ? -8.761  -2.975  2.275   1.00 17.48 ? 23  GLY B N   1 
ATOM   361 C  CA  . GLY B 2 23 ? -7.365  -3.408  2.346   1.00 16.21 ? 23  GLY B CA  1 
ATOM   362 C  C   . GLY B 2 23 ? -6.854  -4.000  1.046   1.00 13.97 ? 23  GLY B C   1 
ATOM   363 O  O   . GLY B 2 23 ? -7.626  -4.245  0.126   1.00 15.97 ? 23  GLY B O   1 
ATOM   364 N  N   . PHE B 2 24 ? -5.561  -4.238  1.047   1.00 14.16 ? 24  PHE B N   1 
ATOM   365 C  CA  . PHE B 2 24 ? -4.958  -4.891  -0.139  1.00 13.93 ? 24  PHE B CA  1 
ATOM   366 C  C   . PHE B 2 24 ? -3.710  -5.601  0.293   1.00 15.02 ? 24  PHE B C   1 
ATOM   367 O  O   . PHE B 2 24 ? -3.115  -5.379  1.365   1.00 14.31 ? 24  PHE B O   1 
ATOM   368 C  CB  . PHE B 2 24 ? -4.672  -3.822  -1.226  1.00 14.30 ? 24  PHE B CB  1 
ATOM   369 C  CG  . PHE B 2 24 ? -3.714  -2.704  -0.868  1.00 13.08 ? 24  PHE B CG  1 
ATOM   370 C  CD1 . PHE B 2 24 ? -2.351  -2.883  -0.956  1.00 13.06 ? 24  PHE B CD1 1 
ATOM   371 C  CD2 . PHE B 2 24 ? -4.212  -1.480  -0.400  1.00 13.03 ? 24  PHE B CD2 1 
ATOM   372 C  CE1 . PHE B 2 24 ? -1.445  -1.867  -0.610  1.00 12.71 ? 24  PHE B CE1 1 
ATOM   373 C  CE2 . PHE B 2 24 ? -3.329  -0.413  -0.076  1.00 12.57 ? 24  PHE B CE2 1 
ATOM   374 C  CZ  . PHE B 2 24 ? -1.951  -0.621  -0.188  1.00 12.78 ? 24  PHE B CZ  1 
ATOM   375 N  N   . PHE B 2 25 ? -3.133  -6.328  -0.661  1.00 15.01 ? 25  PHE B N   1 
ATOM   376 C  CA  . PHE B 2 25 ? -1.840  -6.957  -0.480  1.00 16.28 ? 25  PHE B CA  1 
ATOM   377 C  C   . PHE B 2 25 ? -0.951  -6.492  -1.625  1.00 16.06 ? 25  PHE B C   1 
ATOM   378 O  O   . PHE B 2 25 ? -1.409  -6.569  -2.812  1.00 17.12 ? 25  PHE B O   1 
ATOM   379 C  CB  . PHE B 2 25 ? -1.990  -8.521  -0.358  1.00 18.71 ? 25  PHE B CB  1 
ATOM   380 C  CG  . PHE B 2 25 ? -2.698  -9.175  -1.517  1.00 18.26 ? 25  PHE B CG  1 
ATOM   381 C  CD1 . PHE B 2 25 ? -4.086  -9.215  -1.598  1.00 20.96 ? 25  PHE B CD1 1 
ATOM   382 C  CD2 . PHE B 2 25 ? -1.946  -9.684  -2.598  1.00 21.92 ? 25  PHE B CD2 1 
ATOM   383 C  CE1 . PHE B 2 25 ? -4.759  -9.769  -2.670  1.00 23.11 ? 25  PHE B CE1 1 
ATOM   384 C  CE2 . PHE B 2 25 ? -2.648  -10.322 -3.680  1.00 20.95 ? 25  PHE B CE2 1 
ATOM   385 C  CZ  . PHE B 2 25 ? -3.978  -10.359 -3.684  1.00 23.46 ? 25  PHE B CZ  1 
ATOM   386 N  N   . TYR B 2 26 ? 0.247   -6.067  -1.274  1.00 16.05 ? 26  TYR B N   1 
ATOM   387 C  CA  . TYR B 2 26 ? 1.220   -5.671  -2.277  1.00 15.87 ? 26  TYR B CA  1 
ATOM   388 C  C   . TYR B 2 26 ? 2.353   -6.685  -2.114  1.00 17.00 ? 26  TYR B C   1 
ATOM   389 O  O   . TYR B 2 26 ? 3.155   -6.634  -1.131  1.00 17.58 ? 26  TYR B O   1 
ATOM   390 C  CB  . TYR B 2 26 ? 1.755   -4.248  -1.999  1.00 16.61 ? 26  TYR B CB  1 
ATOM   391 C  CG  . TYR B 2 26 ? 2.822   -3.876  -2.994  1.00 15.90 ? 26  TYR B CG  1 
ATOM   392 C  CD1 . TYR B 2 26 ? 2.510   -3.928  -4.342  1.00 16.84 ? 26  TYR B CD1 1 
ATOM   393 C  CD2 . TYR B 2 26 ? 4.107   -3.493  -2.562  1.00 16.85 ? 26  TYR B CD2 1 
ATOM   394 C  CE1 . TYR B 2 26 ? 3.502   -3.660  -5.300  1.00 19.04 ? 26  TYR B CE1 1 
ATOM   395 C  CE2 . TYR B 2 26 ? 5.105   -3.178  -3.477  1.00 19.34 ? 26  TYR B CE2 1 
ATOM   396 C  CZ  . TYR B 2 26 ? 4.735   -3.256  -4.808  1.00 19.99 ? 26  TYR B CZ  1 
ATOM   397 O  OH  . TYR B 2 26 ? 5.640   -2.968  -5.863  1.00 22.62 ? 26  TYR B OH  1 
ATOM   398 N  N   . THR B 2 27 ? 2.395   -7.605  -3.112  1.00 17.96 ? 27  THR B N   1 
ATOM   399 C  CA  . THR B 2 27 ? 3.386   -8.759  -2.993  1.00 19.51 ? 27  THR B CA  1 
ATOM   400 C  C   . THR B 2 27 ? 4.099   -8.883  -4.361  1.00 19.91 ? 27  THR B C   1 
ATOM   401 O  O   . THR B 2 27 ? 3.776   -9.782  -5.140  1.00 24.47 ? 27  THR B O   1 
ATOM   402 C  CB  . THR B 2 27 ? 2.652   -10.064 -2.629  1.00 19.45 ? 27  THR B CB  1 
ATOM   403 O  OG1 . THR B 2 27 ? 1.572   -10.304 -3.474  1.00 24.10 ? 27  THR B OG1 1 
ATOM   404 C  CG2 . THR B 2 27 ? 2.148   -10.034 -1.194  1.00 21.39 ? 27  THR B CG2 1 
ATOM   405 N  N   . PRO B 2 28 ? 4.976   -7.983  -4.650  1.00 20.63 ? 28  PRO B N   1 
ATOM   406 C  CA  . PRO B 2 28 ? 5.776   -8.036  -5.878  1.00 24.62 ? 28  PRO B CA  1 
ATOM   407 C  C   . PRO B 2 28 ? 6.783   -9.154  -5.986  1.00 31.81 ? 28  PRO B C   1 
ATOM   408 O  O   . PRO B 2 28 ? 7.059   -9.806  -4.986  1.00 39.64 ? 28  PRO B O   1 
ATOM   409 C  CB  . PRO B 2 28 ? 6.584   -6.747  -5.906  1.00 26.02 ? 28  PRO B CB  1 
ATOM   410 C  CG  . PRO B 2 28 ? 6.561   -6.238  -4.424  1.00 23.86 ? 28  PRO B CG  1 
ATOM   411 C  CD  . PRO B 2 28 ? 5.322   -6.853  -3.798  1.00 21.30 ? 28  PRO B CD  1 
ATOM   412 N  N   . GLU B 2 29 ? 7.102   -9.466  -7.249  1.00 37.55 ? 29  GLU B N   1 
ATOM   413 C  CA  . GLU B 2 29 ? 8.273   -10.318 -7.475  1.00 64.06 ? 29  GLU B CA  1 
ATOM   414 C  C   . GLU B 2 29 ? 8.499   -11.239 -6.248  1.00 63.87 ? 29  GLU B C   1 
ATOM   415 O  O   . GLU B 2 29 ? 7.677   -12.189 -6.042  1.00 74.83 ? 29  GLU B O   1 
ATOM   416 C  CB  . GLU B 2 29 ? 9.512   -9.424  -7.511  1.00 57.47 ? 29  GLU B CB  1 
ATOM   417 C  CG  . GLU B 2 29 ? 10.617  -9.978  -6.623  1.00 70.60 ? 29  GLU B CG  1 
ATOM   418 C  CD  . GLU B 2 29 ? 11.488  -11.067 -7.255  1.00 92.88 ? 29  GLU B CD  1 
ATOM   419 O  OE1 . GLU B 2 29 ? 12.622  -11.262 -6.756  1.00 94.89 ? 29  GLU B OE1 1 
ATOM   420 O  OE2 . GLU B 2 29 ? 11.045  -11.736 -8.246  1.00 97.73 ? 29  GLU B OE2 1 
ATOM   421 N  N   . GLY C 1 1  ? -6.794  -1.949  14.861  1.00 25.01 ? 1   GLY C N   1 
ATOM   422 C  CA  . GLY C 1 1  ? -5.486  -2.467  14.437  1.00 23.85 ? 1   GLY C CA  1 
ATOM   423 C  C   . GLY C 1 1  ? -4.630  -1.267  14.066  1.00 21.96 ? 1   GLY C C   1 
ATOM   424 O  O   . GLY C 1 1  ? -4.895  -0.103  14.396  1.00 22.75 ? 1   GLY C O   1 
ATOM   425 N  N   . ILE C 1 2  ? -3.496  -1.600  13.378  1.00 20.18 ? 2   ILE C N   1 
ATOM   426 C  CA  . ILE C 1 2  ? -2.501  -0.583  13.105  1.00 19.05 ? 2   ILE C CA  1 
ATOM   427 C  C   . ILE C 1 2  ? -3.015  0.605   12.257  1.00 16.27 ? 2   ILE C C   1 
ATOM   428 O  O   . ILE C 1 2  ? -2.569  1.729   12.457  1.00 17.51 ? 2   ILE C O   1 
ATOM   429 C  CB  . ILE C 1 2  ? -1.306  -1.254  12.347  1.00 19.68 ? 2   ILE C CB  1 
ATOM   430 C  CG1 . ILE C 1 2  ? -0.104  -0.290  12.266  1.00 19.08 ? 2   ILE C CG1 1 
ATOM   431 C  CG2 . ILE C 1 2  ? -1.633  -1.735  10.876  1.00 18.72 ? 2   ILE C CG2 1 
ATOM   432 C  CD1 . ILE C 1 2  ? 0.469   0.065   13.614  1.00 20.80 ? 2   ILE C CD1 1 
ATOM   433 N  N   . VAL C 1 3  ? -3.956  0.319   11.363  1.00 18.06 ? 3   VAL C N   1 
ATOM   434 C  CA  . VAL C 1 3  ? -4.412  1.355   10.442  1.00 18.88 ? 3   VAL C CA  1 
ATOM   435 C  C   . VAL C 1 3  ? -5.137  2.435   11.268  1.00 19.63 ? 3   VAL C C   1 
ATOM   436 O  O   . VAL C 1 3  ? -4.991  3.608   11.095  1.00 21.53 ? 3   VAL C O   1 
ATOM   437 C  CB  . VAL C 1 3  ? -5.291  0.772   9.336   1.00 18.15 ? 3   VAL C CB  1 
ATOM   438 C  CG1 . VAL C 1 3  ? -5.938  1.908   8.487   1.00 19.46 ? 3   VAL C CG1 1 
ATOM   439 C  CG2 . VAL C 1 3  ? -4.467  -0.170  8.394   1.00 17.09 ? 3   VAL C CG2 1 
ATOM   440 N  N   . GLU C 1 4  ? -5.966  1.910   12.216  1.00 21.38 ? 4   GLU C N   1 
ATOM   441 C  CA  . GLU C 1 4  ? -6.730  2.809   13.119  1.00 21.67 ? 4   GLU C CA  1 
ATOM   442 C  C   . GLU C 1 4  ? -5.804  3.456   14.086  1.00 21.64 ? 4   GLU C C   1 
ATOM   443 O  O   . GLU C 1 4  ? -5.968  4.664   14.327  1.00 22.45 ? 4   GLU C O   1 
ATOM   444 C  CB  . GLU C 1 4  ? -7.833  1.956   13.765  1.00 24.12 ? 4   GLU C CB  1 
ATOM   445 C  CG  . GLU C 1 4  ? -8.805  1.449   12.751  1.00 27.25 ? 4   GLU C CG  1 
ATOM   446 C  CD  . GLU C 1 4  ? -8.280  0.235   11.933  1.00 27.29 ? 4   GLU C CD  1 
ATOM   447 O  OE1 . GLU C 1 4  ? -7.543  -0.655  12.456  1.00 26.77 ? 4   GLU C OE1 1 
ATOM   448 O  OE2 . GLU C 1 4  ? -8.802  0.074   10.816  1.00 28.98 ? 4   GLU C OE2 1 
ATOM   449 N  N   . GLN C 1 5  ? -4.831  2.756   14.719  1.00 19.70 ? 5   GLN C N   1 
ATOM   450 C  CA  . GLN C 1 5  ? -3.959  3.297   15.683  1.00 20.43 ? 5   GLN C CA  1 
ATOM   451 C  C   . GLN C 1 5  ? -3.177  4.500   15.171  1.00 20.54 ? 5   GLN C C   1 
ATOM   452 O  O   . GLN C 1 5  ? -2.998  5.544   15.806  1.00 21.06 ? 5   GLN C O   1 
ATOM   453 C  CB  . GLN C 1 5  ? -3.104  2.199   16.244  1.00 23.30 ? 5   GLN C CB  1 
ATOM   454 C  CG  . GLN C 1 5  ? -2.209  2.685   17.372  1.00 24.56 ? 5   GLN C CG  1 
ATOM   455 C  CD  . GLN C 1 5  ? -1.069  1.759   17.580  1.00 25.86 ? 5   GLN C CD  1 
ATOM   456 O  OE1 . GLN C 1 5  ? -1.132  0.567   17.450  1.00 30.20 ? 5   GLN C OE1 1 
ATOM   457 N  NE2 . GLN C 1 5  ? 0.086   2.335   17.792  1.00 27.82 ? 5   GLN C NE2 1 
ATOM   458 N  N   . CYS C 1 6  ? -2.581  4.260   13.976  1.00 19.43 ? 6   CYS C N   1 
ATOM   459 C  CA  . CYS C 1 6  ? -1.716  5.333   13.462  1.00 18.25 ? 6   CYS C CA  1 
ATOM   460 C  C   . CYS C 1 6  ? -2.531  6.608   13.139  1.00 20.00 ? 6   CYS C C   1 
ATOM   461 O  O   . CYS C 1 6  ? -1.868  7.638   12.985  1.00 19.21 ? 6   CYS C O   1 
ATOM   462 C  CB  . CYS C 1 6  ? -1.166  4.808   12.072  1.00 18.06 ? 6   CYS C CB  1 
ATOM   463 S  SG  . CYS C 1 6  ? 0.099   3.488   12.207  1.00 20.92 ? 6   CYS C SG  1 
ATOM   464 N  N   . CYS C 1 7  ? -3.848  6.492   12.893  1.00 21.27 ? 7   CYS C N   1 
ATOM   465 C  CA  . CYS C 1 7  ? -4.639  7.664   12.520  1.00 23.46 ? 7   CYS C CA  1 
ATOM   466 C  C   . CYS C 1 7  ? -5.313  8.308   13.750  1.00 24.18 ? 7   CYS C C   1 
ATOM   467 O  O   . CYS C 1 7  ? -5.138  9.508   13.900  1.00 25.95 ? 7   CYS C O   1 
ATOM   468 C  CB  . CYS C 1 7  ? -5.669  7.242   11.510  1.00 22.36 ? 7   CYS C CB  1 
ATOM   469 S  SG  . CYS C 1 7  ? -6.532  8.767   10.874  1.00 30.58 ? 7   CYS C SG  1 
ATOM   470 N  N   . THR C 1 8  ? -5.659  7.508   14.743  1.00 22.84 ? 8   THR C N   1 
ATOM   471 C  CA  . THR C 1 8  ? -6.360  8.177   15.853  1.00 23.53 ? 8   THR C CA  1 
ATOM   472 C  C   . THR C 1 8  ? -5.433  8.423   16.971  1.00 27.05 ? 8   THR C C   1 
ATOM   473 O  O   . THR C 1 8  ? -5.746  9.272   17.817  1.00 26.91 ? 8   THR C O   1 
ATOM   474 C  CB  . THR C 1 8  ? -7.582  7.387   16.336  1.00 25.73 ? 8   THR C CB  1 
ATOM   475 O  OG1 . THR C 1 8  ? -7.082  6.187   16.875  1.00 31.19 ? 8   THR C OG1 1 
ATOM   476 C  CG2 . THR C 1 8  ? -8.671  7.262   15.301  1.00 29.52 ? 8   THR C CG2 1 
ATOM   477 N  N   . SER C 1 9  ? -4.303  7.708   17.063  1.00 22.16 ? 9   SER C N   1 
ATOM   478 C  CA  . SER C 1 9  ? -3.327  7.861   18.064  1.00 20.90 ? 9   SER C CA  1 
ATOM   479 C  C   . SER C 1 9  ? -1.982  8.156   17.311  1.00 19.90 ? 9   SER C C   1 
ATOM   480 O  O   . SER C 1 9  ? -1.950  9.032   16.430  1.00 20.21 ? 9   SER C O   1 
ATOM   481 C  CB  . SER C 1 9  ? -3.336  6.550   18.803  1.00 23.92 ? 9   SER C CB  1 
ATOM   482 O  OG  . SER C 1 9  ? -2.385  6.531   19.772  1.00 29.13 ? 9   SER C OG  1 
ATOM   483 N  N   . ILE C 1 10 ? -0.938  7.489   17.763  1.00 21.01 ? 10  ILE C N   1 
ATOM   484 C  CA  . ILE C 1 10 ? 0.367   7.597   17.075  1.00 20.12 ? 10  ILE C CA  1 
ATOM   485 C  C   . ILE C 1 10 ? 0.797   6.146   17.036  1.00 19.34 ? 10  ILE C C   1 
ATOM   486 O  O   . ILE C 1 10 ? 0.366   5.228   17.764  1.00 21.49 ? 10  ILE C O   1 
ATOM   487 C  CB  . ILE C 1 10 ? 1.432   8.483   17.787  1.00 21.78 ? 10  ILE C CB  1 
ATOM   488 C  CG1 . ILE C 1 10 ? 1.647   8.029   19.246  1.00 21.82 ? 10  ILE C CG1 1 
ATOM   489 C  CG2 . ILE C 1 10 ? 1.063   9.980   17.726  1.00 23.21 ? 10  ILE C CG2 1 
ATOM   490 C  CD1 . ILE C 1 10 ? 2.774   8.799   20.005  1.00 24.58 ? 10  ILE C CD1 1 
ATOM   491 N  N   . CYS C 1 11 ? 1.716   5.864   16.050  1.00 18.77 ? 11  CYS C N   1 
ATOM   492 C  CA  . CYS C 1 11 ? 2.282   4.537   15.887  1.00 17.92 ? 11  CYS C CA  1 
ATOM   493 C  C   . CYS C 1 11 ? 3.755   4.689   15.546  1.00 19.76 ? 11  CYS C C   1 
ATOM   494 O  O   . CYS C 1 11 ? 4.249   5.805   15.389  1.00 23.01 ? 11  CYS C O   1 
ATOM   495 C  CB  . CYS C 1 11 ? 1.566   3.667   14.861  1.00 17.71 ? 11  CYS C CB  1 
ATOM   496 S  SG  . CYS C 1 11 ? 1.671   4.379   13.154  1.00 21.32 ? 11  CYS C SG  1 
ATOM   497 N  N   . SER C 1 12 ? 4.500   3.558   15.575  1.00 18.32 ? 12  SER C N   1 
ATOM   498 C  CA  A SER C 1 12 ? 5.900   3.692   15.283  0.50 15.58 ? 12  SER C CA  1 
ATOM   499 C  CA  B SER C 1 12 ? 5.922   3.476   15.382  0.50 18.12 ? 12  SER C CA  1 
ATOM   500 C  C   . SER C 1 12 ? 6.205   2.834   14.030  1.00 16.00 ? 12  SER C C   1 
ATOM   501 O  O   . SER C 1 12 ? 5.490   1.917   13.627  1.00 17.45 ? 12  SER C O   1 
ATOM   502 C  CB  A SER C 1 12 ? 6.777   3.242   16.476  0.50 15.62 ? 12  SER C CB  1 
ATOM   503 C  CB  B SER C 1 12 ? 6.461   2.482   16.396  0.50 21.62 ? 12  SER C CB  1 
ATOM   504 O  OG  A SER C 1 12 ? 6.664   1.807   16.534  0.50 18.36 ? 12  SER C OG  1 
ATOM   505 O  OG  B SER C 1 12 ? 7.893   2.383   16.245  0.50 18.47 ? 12  SER C OG  1 
ATOM   506 N  N   . LEU C 1 13 ? 7.297   3.311   13.423  1.00 15.79 ? 13  LEU C N   1 
ATOM   507 C  CA  . LEU C 1 13 ? 7.798   2.603   12.231  1.00 15.33 ? 13  LEU C CA  1 
ATOM   508 C  C   . LEU C 1 13 ? 8.198   1.136   12.539  1.00 15.27 ? 13  LEU C C   1 
ATOM   509 O  O   . LEU C 1 13 ? 8.048   0.262   11.693  1.00 14.94 ? 13  LEU C O   1 
ATOM   510 C  CB  . LEU C 1 13 ? 9.023   3.318   11.635  1.00 17.60 ? 13  LEU C CB  1 
ATOM   511 C  CG  . LEU C 1 13 ? 8.708   4.747   11.147  1.00 19.34 ? 13  LEU C CG  1 
ATOM   512 C  CD1 . LEU C 1 13 ? 9.963   5.311   10.543  1.00 21.04 ? 13  LEU C CD1 1 
ATOM   513 C  CD2 . LEU C 1 13 ? 7.624   4.747   10.030  1.00 16.87 ? 13  LEU C CD2 1 
ATOM   514 N  N   . TYR C 1 14 ? 8.539   0.910   13.853  1.00 16.41 ? 14  TYR C N   1 
ATOM   515 C  CA  . TYR C 1 14 ? 8.833   -0.480  14.252  1.00 17.88 ? 14  TYR C CA  1 
ATOM   516 C  C   . TYR C 1 14 ? 7.597   -1.361  14.256  1.00 17.24 ? 14  TYR C C   1 
ATOM   517 O  O   . TYR C 1 14 ? 7.634   -2.577  14.080  1.00 20.75 ? 14  TYR C O   1 
ATOM   518 C  CB  . TYR C 1 14 ? 9.509   -0.442  15.639  1.00 18.52 ? 14  TYR C CB  1 
ATOM   519 C  CG  . TYR C 1 14 ? 10.882  0.153   15.640  1.00 17.57 ? 14  TYR C CG  1 
ATOM   520 C  CD1 . TYR C 1 14 ? 11.937  -0.676  15.283  1.00 20.44 ? 14  TYR C CD1 1 
ATOM   521 C  CD2 . TYR C 1 14 ? 11.162  1.483   15.892  1.00 20.01 ? 14  TYR C CD2 1 
ATOM   522 C  CE1 . TYR C 1 14 ? 13.229  -0.147  15.244  1.00 20.64 ? 14  TYR C CE1 1 
ATOM   523 C  CE2 . TYR C 1 14 ? 12.450  2.045   15.835  1.00 19.38 ? 14  TYR C CE2 1 
ATOM   524 C  CZ  . TYR C 1 14 ? 13.457  1.163   15.537  1.00 21.54 ? 14  TYR C CZ  1 
ATOM   525 O  OH  . TYR C 1 14 ? 14.751  1.676   15.456  1.00 25.87 ? 14  TYR C OH  1 
ATOM   526 N  N   . GLN C 1 15 ? 6.421   -0.795  14.494  1.00 16.87 ? 15  GLN C N   1 
ATOM   527 C  CA  . GLN C 1 15 ? 5.161   -1.525  14.383  1.00 19.62 ? 15  GLN C CA  1 
ATOM   528 C  C   . GLN C 1 15 ? 4.835   -1.864  12.900  1.00 20.29 ? 15  GLN C C   1 
ATOM   529 O  O   . GLN C 1 15 ? 4.356   -2.918  12.559  1.00 20.32 ? 15  GLN C O   1 
ATOM   530 C  CB  . GLN C 1 15 ? 3.943   -0.728  14.887  1.00 20.03 ? 15  GLN C CB  1 
ATOM   531 C  CG  . GLN C 1 15 ? 3.993   -0.698  16.415  1.00 23.94 ? 15  GLN C CG  1 
ATOM   532 C  CD  . GLN C 1 15 ? 2.935   0.239   16.938  1.00 25.39 ? 15  GLN C CD  1 
ATOM   533 O  OE1 . GLN C 1 15 ? 2.954   1.437   16.747  1.00 24.83 ? 15  GLN C OE1 1 
ATOM   534 N  NE2 . GLN C 1 15 ? 1.902   -0.389  17.544  1.00 30.65 ? 15  GLN C NE2 1 
ATOM   535 N  N   . LEU C 1 16 ? 5.153   -0.892  12.022  1.00 18.42 ? 16  LEU C N   1 
ATOM   536 C  CA  . LEU C 1 16 ? 4.784   -1.120  10.565  1.00 17.83 ? 16  LEU C CA  1 
ATOM   537 C  C   . LEU C 1 16 ? 5.611   -2.245  9.998   1.00 18.05 ? 16  LEU C C   1 
ATOM   538 O  O   . LEU C 1 16 ? 5.168   -2.865  9.038   1.00 18.85 ? 16  LEU C O   1 
ATOM   539 C  CB  . LEU C 1 16 ? 5.157   0.184   9.795   1.00 16.66 ? 16  LEU C CB  1 
ATOM   540 C  CG  . LEU C 1 16 ? 4.367   1.413   10.259  1.00 18.94 ? 16  LEU C CG  1 
ATOM   541 C  CD1 . LEU C 1 16 ? 4.474   2.465   9.058   1.00 18.38 ? 16  LEU C CD1 1 
ATOM   542 C  CD2 . LEU C 1 16 ? 2.914   1.124   10.471  1.00 21.21 ? 16  LEU C CD2 1 
ATOM   543 N  N   . GLU C 1 17 ? 6.845   -2.525  10.519  1.00 18.89 ? 17  GLU C N   1 
ATOM   544 C  CA  . GLU C 1 17 ? 7.664   -3.636  10.052  1.00 21.00 ? 17  GLU C CA  1 
ATOM   545 C  C   . GLU C 1 17 ? 6.906   -4.964  10.127  1.00 22.43 ? 17  GLU C C   1 
ATOM   546 O  O   . GLU C 1 17 ? 7.203   -5.879  9.341   1.00 22.00 ? 17  GLU C O   1 
ATOM   547 C  CB  . GLU C 1 17 ? 8.902   -3.875  10.926  1.00 30.34 ? 17  GLU C CB  1 
ATOM   548 C  CG  . GLU C 1 17 ? 10.046  -2.943  10.770  1.00 32.56 ? 17  GLU C CG  1 
ATOM   549 C  CD  . GLU C 1 17 ? 11.343  -3.552  11.339  1.00 36.52 ? 17  GLU C CD  1 
ATOM   550 O  OE1 . GLU C 1 17 ? 11.481  -3.654  12.585  1.00 37.26 ? 17  GLU C OE1 1 
ATOM   551 O  OE2 . GLU C 1 17 ? 12.189  -3.928  10.562  1.00 38.12 ? 17  GLU C OE2 1 
ATOM   552 N  N   . ASN C 1 18 ? 5.960   -5.047  11.068  1.00 22.07 ? 18  ASN C N   1 
ATOM   553 C  CA  . ASN C 1 18 ? 5.198   -6.281  11.263  1.00 24.59 ? 18  ASN C CA  1 
ATOM   554 C  C   . ASN C 1 18 ? 4.278   -6.611  10.076  1.00 25.20 ? 18  ASN C C   1 
ATOM   555 O  O   . ASN C 1 18 ? 3.660   -7.690  10.028  1.00 23.32 ? 18  ASN C O   1 
ATOM   556 C  CB  . ASN C 1 18 ? 4.366   -6.098  12.552  1.00 25.21 ? 18  ASN C CB  1 
ATOM   557 C  CG  . ASN C 1 18 ? 5.187   -5.786  13.822  1.00 35.61 ? 18  ASN C CG  1 
ATOM   558 O  OD1 . ASN C 1 18 ? 6.336   -6.229  13.925  1.00 36.65 ? 18  ASN C OD1 1 
ATOM   559 N  ND2 . ASN C 1 18 ? 4.674   -5.129  14.866  1.00 35.10 ? 18  ASN C ND2 1 
ATOM   560 N  N   . TYR C 1 19 ? 4.095   -5.625  9.154   1.00 19.03 ? 19  TYR C N   1 
ATOM   561 C  CA  . TYR C 1 19 ? 3.116   -5.779  8.075   1.00 18.35 ? 19  TYR C CA  1 
ATOM   562 C  C   . TYR C 1 19 ? 3.842   -6.014  6.777   1.00 18.79 ? 19  TYR C C   1 
ATOM   563 O  O   . TYR C 1 19 ? 3.169   -6.139  5.716   1.00 18.63 ? 19  TYR C O   1 
ATOM   564 C  CB  . TYR C 1 19 ? 2.165   -4.581  7.980   1.00 17.30 ? 19  TYR C CB  1 
ATOM   565 C  CG  . TYR C 1 19 ? 1.298   -4.528  9.211   1.00 18.50 ? 19  TYR C CG  1 
ATOM   566 C  CD1 . TYR C 1 19 ? 0.094   -5.254  9.215   1.00 18.28 ? 19  TYR C CD1 1 
ATOM   567 C  CD2 . TYR C 1 19 ? 1.856   -3.979  10.381  1.00 21.11 ? 19  TYR C CD2 1 
ATOM   568 C  CE1 . TYR C 1 19 ? -0.586  -5.375  10.456  1.00 21.88 ? 19  TYR C CE1 1 
ATOM   569 C  CE2 . TYR C 1 19 ? 1.197   -4.140  11.610  1.00 21.22 ? 19  TYR C CE2 1 
ATOM   570 C  CZ  . TYR C 1 19 ? -0.001  -4.802  11.581  1.00 21.81 ? 19  TYR C CZ  1 
ATOM   571 O  OH  . TYR C 1 19 ? -0.691  -4.883  12.813  1.00 27.22 ? 19  TYR C OH  1 
ATOM   572 N  N   . CYS C 1 20 ? 5.158   -6.182  6.781   1.00 18.17 ? 20  CYS C N   1 
ATOM   573 C  CA  . CYS C 1 20 ? 5.950   -6.509  5.575   1.00 18.20 ? 20  CYS C CA  1 
ATOM   574 C  C   . CYS C 1 20 ? 5.672   -7.980  5.161   1.00 20.32 ? 20  CYS C C   1 
ATOM   575 O  O   . CYS C 1 20 ? 5.386   -8.759  6.052   1.00 22.43 ? 20  CYS C O   1 
ATOM   576 C  CB  . CYS C 1 20 ? 7.453   -6.256  5.742   1.00 18.48 ? 20  CYS C CB  1 
ATOM   577 S  SG  . CYS C 1 20 ? 7.851   -4.534  6.158   1.00 20.83 ? 20  CYS C SG  1 
ATOM   578 N  N   . ASN C 1 21 ? 5.798   -8.239  3.887   1.00 20.31 ? 21  ASN C N   1 
ATOM   579 C  CA  . ASN C 1 21 ? 5.735   -9.627  3.337   1.00 24.27 ? 21  ASN C CA  1 
ATOM   580 C  C   . ASN C 1 21 ? 7.185   -10.107 3.310   1.00 26.89 ? 21  ASN C C   1 
ATOM   581 O  O   . ASN C 1 21 ? 8.162   -9.678  3.920   1.00 26.51 ? 21  ASN C O   1 
ATOM   582 C  CB  . ASN C 1 21 ? 5.132   -9.598  1.933   1.00 21.90 ? 21  ASN C CB  1 
ATOM   583 C  CG  . ASN C 1 21 ? 4.891   -11.003 1.385   1.00 24.06 ? 21  ASN C CG  1 
ATOM   584 O  OD1 . ASN C 1 21 ? 4.396   -11.805 2.156   1.00 25.60 ? 21  ASN C OD1 1 
ATOM   585 N  ND2 . ASN C 1 21 ? 5.084   -11.179 0.098   1.00 25.47 ? 21  ASN C ND2 1 
ATOM   586 O  OXT . ASN C 1 21 ? 7.447   -11.039 2.501   1.00 29.65 ? 21  ASN C OXT 1 
ATOM   587 N  N   . PHE D 2 1  ? 13.364  6.672   15.832  1.00 36.34 ? 1   PHE D N   1 
ATOM   588 C  CA  . PHE D 2 1  ? 12.772  7.498   14.742  1.00 28.97 ? 1   PHE D CA  1 
ATOM   589 C  C   . PHE D 2 1  ? 11.681  8.296   15.447  1.00 29.38 ? 1   PHE D C   1 
ATOM   590 O  O   . PHE D 2 1  ? 11.300  7.941   16.546  1.00 34.32 ? 1   PHE D O   1 
ATOM   591 C  CB  . PHE D 2 1  ? 12.128  6.463   13.818  1.00 28.82 ? 1   PHE D CB  1 
ATOM   592 C  CG  . PHE D 2 1  ? 13.088  5.557   13.086  1.00 25.43 ? 1   PHE D CG  1 
ATOM   593 C  CD1 . PHE D 2 1  ? 13.984  6.102   12.199  1.00 30.19 ? 1   PHE D CD1 1 
ATOM   594 C  CD2 . PHE D 2 1  ? 12.928  4.193   13.098  1.00 24.38 ? 1   PHE D CD2 1 
ATOM   595 C  CE1 . PHE D 2 1  ? 14.831  5.294   11.439  1.00 32.86 ? 1   PHE D CE1 1 
ATOM   596 C  CE2 . PHE D 2 1  ? 13.813  3.371   12.395  1.00 26.94 ? 1   PHE D CE2 1 
ATOM   597 C  CZ  . PHE D 2 1  ? 14.741  3.931   11.570  1.00 34.03 ? 1   PHE D CZ  1 
ATOM   598 N  N   . VAL D 2 2  ? 11.176  9.394   14.854  1.00 23.91 ? 2   VAL D N   1 
ATOM   599 C  CA  . VAL D 2 2  ? 9.965   10.006  15.425  1.00 23.74 ? 2   VAL D CA  1 
ATOM   600 C  C   . VAL D 2 2  ? 8.761   9.038   15.386  1.00 23.59 ? 2   VAL D C   1 
ATOM   601 O  O   . VAL D 2 2  ? 8.632   8.184   14.456  1.00 22.61 ? 2   VAL D O   1 
ATOM   602 C  CB  . VAL D 2 2  ? 9.657   11.378  14.791  1.00 24.52 ? 2   VAL D CB  1 
ATOM   603 C  CG1 . VAL D 2 2  ? 10.975  12.264  14.892  1.00 26.69 ? 2   VAL D CG1 1 
ATOM   604 C  CG2 . VAL D 2 2  ? 9.188   11.238  13.304  1.00 24.02 ? 2   VAL D CG2 1 
ATOM   605 N  N   . LYS D 2 3  ? 7.812   9.172   16.337  1.00 23.72 ? 3   LYS D N   1 
ATOM   606 C  CA  . LYS D 2 3  ? 6.548   8.474   16.257  1.00 24.10 ? 3   LYS D CA  1 
ATOM   607 C  C   . LYS D 2 3  ? 5.769   9.130   15.125  1.00 22.02 ? 3   LYS D C   1 
ATOM   608 O  O   . LYS D 2 3  ? 6.076   10.260  14.614  1.00 23.87 ? 3   LYS D O   1 
ATOM   609 C  CB  . LYS D 2 3  ? 5.847   8.697   17.620  1.00 25.74 ? 3   LYS D CB  1 
ATOM   610 C  CG  . LYS D 2 3  ? 6.579   7.925   18.699  1.00 29.95 ? 3   LYS D CG  1 
ATOM   611 C  CD  . LYS D 2 3  ? 6.385   6.435   18.572  1.00 32.00 ? 3   LYS D CD  1 
ATOM   612 C  CE  . LYS D 2 3  ? 7.546   5.682   19.182  1.00 44.01 ? 3   LYS D CE  1 
ATOM   613 N  NZ  . LYS D 2 3  ? 7.212   5.339   20.571  1.00 43.22 ? 3   LYS D NZ  1 
ATOM   614 N  N   . GLN D 2 4  ? 4.741   8.391   14.714  1.00 18.51 ? 4   GLN D N   1 
ATOM   615 C  CA  . GLN D 2 4  ? 4.050   8.721   13.466  1.00 19.34 ? 4   GLN D CA  1 
ATOM   616 C  C   . GLN D 2 4  ? 2.566   9.008   13.711  1.00 19.29 ? 4   GLN D C   1 
ATOM   617 O  O   . GLN D 2 4  ? 1.976   8.238   14.492  1.00 19.90 ? 4   GLN D O   1 
ATOM   618 C  CB  . GLN D 2 4  ? 4.093   7.467   12.483  1.00 18.11 ? 4   GLN D CB  1 
ATOM   619 C  CG  . GLN D 2 4  ? 5.633   7.095   12.293  1.00 18.94 ? 4   GLN D CG  1 
ATOM   620 C  CD  . GLN D 2 4  ? 6.343   8.117   11.427  1.00 19.93 ? 4   GLN D CD  1 
ATOM   621 O  OE1 . GLN D 2 4  ? 5.792   8.494   10.436  1.00 23.05 ? 4   GLN D OE1 1 
ATOM   622 N  NE2 . GLN D 2 4  ? 7.610   8.401   11.754  1.00 19.14 ? 4   GLN D NE2 1 
ATOM   623 N  N   . HIS D 2 5  ? 2.025   9.959   13.001  1.00 18.20 ? 5   HIS D N   1 
ATOM   624 C  CA  . HIS D 2 5  ? 0.606   10.141  12.951  1.00 16.81 ? 5   HIS D CA  1 
ATOM   625 C  C   . HIS D 2 5  ? 0.258   10.092  11.464  1.00 17.24 ? 5   HIS D C   1 
ATOM   626 O  O   . HIS D 2 5  ? 0.741   10.905  10.688  1.00 19.90 ? 5   HIS D O   1 
ATOM   627 C  CB  . HIS D 2 5  ? 0.243   11.542  13.590  1.00 19.31 ? 5   HIS D CB  1 
ATOM   628 C  CG  . HIS D 2 5  ? -1.186  11.706  13.472  1.00 18.50 ? 5   HIS D CG  1 
ATOM   629 N  ND1 . HIS D 2 5  ? -1.641  13.098  13.638  1.00 23.15 ? 5   HIS D ND1 1 
ATOM   630 C  CD2 . HIS D 2 5  ? -2.263  10.921  13.440  1.00 22.31 ? 5   HIS D CD2 1 
ATOM   631 C  CE1 . HIS D 2 5  ? -2.953  13.003  13.532  1.00 22.41 ? 5   HIS D CE1 1 
ATOM   632 N  NE2 . HIS D 2 5  ? -3.410  11.722  13.436  1.00 23.38 ? 5   HIS D NE2 1 
ATOM   633 N  N   . LEU D 2 6  ? -0.329  8.947   11.033  1.00 16.12 ? 6   LEU D N   1 
ATOM   634 C  CA  . LEU D 2 6  ? -0.453  8.639   9.595   1.00 17.63 ? 6   LEU D CA  1 
ATOM   635 C  C   . LEU D 2 6  ? -1.898  8.216   9.345   1.00 16.30 ? 6   LEU D C   1 
ATOM   636 O  O   . LEU D 2 6  ? -2.350  7.140   9.825   1.00 17.36 ? 6   LEU D O   1 
ATOM   637 C  CB  . LEU D 2 6  ? 0.492   7.462   9.192   1.00 17.45 ? 6   LEU D CB  1 
ATOM   638 C  CG  . LEU D 2 6  ? 1.950   7.755   9.442   1.00 17.38 ? 6   LEU D CG  1 
ATOM   639 C  CD1 . LEU D 2 6  ? 2.746   6.437   9.374   1.00 17.99 ? 6   LEU D CD1 1 
ATOM   640 C  CD2 . LEU D 2 6  ? 2.450   8.767   8.381   1.00 18.53 ? 6   LEU D CD2 1 
ATOM   641 N  N   . CYS D 2 7  ? -2.560  9.031   8.517   1.00 18.87 ? 7   CYS D N   1 
ATOM   642 C  CA  . CYS D 2 7  ? -3.922  8.690   8.126   1.00 20.00 ? 7   CYS D CA  1 
ATOM   643 C  C   . CYS D 2 7  ? -4.033  8.495   6.597   1.00 18.64 ? 7   CYS D C   1 
ATOM   644 O  O   . CYS D 2 7  ? -3.198  8.974   5.795   1.00 21.03 ? 7   CYS D O   1 
ATOM   645 C  CB  . CYS D 2 7  ? -4.804  9.919   8.430   1.00 22.16 ? 7   CYS D CB  1 
ATOM   646 S  SG  . CYS D 2 7  ? -4.962  10.214  10.251  1.00 28.44 ? 7   CYS D SG  1 
ATOM   647 N  N   . GLY D 2 8  ? -4.982  7.606   6.250   1.00 19.82 ? 8   GLY D N   1 
ATOM   648 C  CA  . GLY D 2 8  ? -5.246  7.388   4.830   1.00 19.93 ? 8   GLY D CA  1 
ATOM   649 C  C   . GLY D 2 8  ? -4.015  6.979   4.022   1.00 19.37 ? 8   GLY D C   1 
ATOM   650 O  O   . GLY D 2 8  ? -3.265  6.078   4.435   1.00 17.16 ? 8   GLY D O   1 
ATOM   651 N  N   . SER D 2 9  ? -3.866  7.629   2.874   1.00 18.68 ? 9   SER D N   1 
ATOM   652 C  CA  A SER D 2 9  ? -2.792  7.239   1.955   0.50 17.68 ? 9   SER D CA  1 
ATOM   653 C  CA  B SER D 2 9  ? -2.814  7.185   1.998   0.50 18.10 ? 9   SER D CA  1 
ATOM   654 C  C   . SER D 2 9  ? -1.428  7.440   2.572   1.00 18.12 ? 9   SER D C   1 
ATOM   655 O  O   . SER D 2 9  ? -0.466  6.804   2.192   1.00 16.03 ? 9   SER D O   1 
ATOM   656 C  CB  A SER D 2 9  ? -2.811  7.960   0.596   0.50 18.52 ? 9   SER D CB  1 
ATOM   657 C  CB  B SER D 2 9  ? -3.000  7.853   0.698   0.50 20.93 ? 9   SER D CB  1 
ATOM   658 O  OG  A SER D 2 9  ? -2.700  9.378   0.786   0.50 17.79 ? 9   SER D OG  1 
ATOM   659 O  OG  B SER D 2 9  ? -2.131  7.254   -0.172  0.50 22.48 ? 9   SER D OG  1 
ATOM   660 N  N   . HIS D 2 10 ? -1.344  8.324   3.593   1.00 15.31 ? 10  HIS D N   1 
ATOM   661 C  CA  . HIS D 2 10 ? -0.021  8.577   4.181   1.00 14.74 ? 10  HIS D CA  1 
ATOM   662 C  C   . HIS D 2 10 ? 0.529   7.334   4.886   1.00 13.58 ? 10  HIS D C   1 
ATOM   663 O  O   . HIS D 2 10 ? 1.725   7.074   4.916   1.00 14.27 ? 10  HIS D O   1 
ATOM   664 C  CB  . HIS D 2 10 ? -0.118  9.733   5.166   1.00 17.45 ? 10  HIS D CB  1 
ATOM   665 C  CG  . HIS D 2 10 ? -0.426  11.014  4.367   1.00 19.90 ? 10  HIS D CG  1 
ATOM   666 N  ND1 . HIS D 2 10 ? 0.493   11.609  3.473   1.00 22.24 ? 10  HIS D ND1 1 
ATOM   667 C  CD2 . HIS D 2 10 ? -1.575  11.802  4.327   1.00 24.19 ? 10  HIS D CD2 1 
ATOM   668 C  CE1 . HIS D 2 10 ? -0.051  12.727  2.888   1.00 21.84 ? 10  HIS D CE1 1 
ATOM   669 N  NE2 . HIS D 2 10 ? -1.345  12.906  3.453   1.00 23.30 ? 10  HIS D NE2 1 
ATOM   670 N  N   . LEU D 2 11 ? -0.376  6.458   5.388   1.00 13.84 ? 11  LEU D N   1 
ATOM   671 C  CA  . LEU D 2 11 ? 0.180   5.253   6.076   1.00 12.57 ? 11  LEU D CA  1 
ATOM   672 C  C   . LEU D 2 11 ? 0.645   4.285   4.959   1.00 13.19 ? 11  LEU D C   1 
ATOM   673 O  O   . LEU D 2 11 ? 1.627   3.595   5.205   1.00 12.61 ? 11  LEU D O   1 
ATOM   674 C  CB  . LEU D 2 11 ? -1.001  4.630   6.886   1.00 14.17 ? 11  LEU D CB  1 
ATOM   675 C  CG  . LEU D 2 11 ? -0.600  3.271   7.428   1.00 15.09 ? 11  LEU D CG  1 
ATOM   676 C  CD1 . LEU D 2 11 ? 0.668   3.341   8.315   1.00 17.03 ? 11  LEU D CD1 1 
ATOM   677 C  CD2 . LEU D 2 11 ? -1.701  2.688   8.282   1.00 18.51 ? 11  LEU D CD2 1 
ATOM   678 N  N   . VAL D 2 12 ? -0.045  4.226   3.820   1.00 12.54 ? 12  VAL D N   1 
ATOM   679 C  CA  . VAL D 2 12 ? 0.402   3.299   2.737   1.00 13.17 ? 12  VAL D CA  1 
ATOM   680 C  C   . VAL D 2 12 ? 1.780   3.812   2.246   1.00 13.84 ? 12  VAL D C   1 
ATOM   681 O  O   . VAL D 2 12 ? 2.670   2.970   2.005   1.00 13.59 ? 12  VAL D O   1 
ATOM   682 C  CB  . VAL D 2 12 ? -0.672  3.342   1.639   1.00 14.72 ? 12  VAL D CB  1 
ATOM   683 C  CG1 . VAL D 2 12 ? -0.117  2.751   0.306   1.00 16.14 ? 12  VAL D CG1 1 
ATOM   684 C  CG2 . VAL D 2 12 ? -1.966  2.682   2.130   1.00 17.26 ? 12  VAL D CG2 1 
ATOM   685 N  N   . GLU D 2 13 ? 1.967   5.127   2.116   1.00 14.28 ? 13  GLU D N   1 
ATOM   686 C  CA  . GLU D 2 13 ? 3.313   5.563   1.750   1.00 14.77 ? 13  GLU D CA  1 
ATOM   687 C  C   . GLU D 2 13 ? 4.336   5.207   2.765   1.00 13.99 ? 13  GLU D C   1 
ATOM   688 O  O   . GLU D 2 13 ? 5.475   4.819   2.385   1.00 15.27 ? 13  GLU D O   1 
ATOM   689 C  CB  . GLU D 2 13 ? 3.272   7.119   1.626   1.00 19.19 ? 13  GLU D CB  1 
ATOM   690 C  CG  . GLU D 2 13 ? 2.360   7.599   0.455   1.00 24.97 ? 13  GLU D CG  1 
ATOM   691 C  CD  . GLU D 2 13 ? 2.361   9.175   0.613   1.00 34.33 ? 13  GLU D CD  1 
ATOM   692 O  OE1 . GLU D 2 13 ? 2.308   9.805   1.817   1.00 39.99 ? 13  GLU D OE1 1 
ATOM   693 O  OE2 . GLU D 2 13 ? 2.287   9.815   -0.381  1.00 43.97 ? 13  GLU D OE2 1 
ATOM   694 N  N   . ALA D 2 14 ? 4.020   5.268   4.070   1.00 12.52 ? 14  ALA D N   1 
ATOM   695 C  CA  . ALA D 2 14 ? 4.986   4.866   5.091   1.00 11.85 ? 14  ALA D CA  1 
ATOM   696 C  C   . ALA D 2 14 ? 5.269   3.348   5.045   1.00 14.01 ? 14  ALA D C   1 
ATOM   697 O  O   . ALA D 2 14 ? 6.436   2.934   5.176   1.00 14.18 ? 14  ALA D O   1 
ATOM   698 C  CB  . ALA D 2 14 ? 4.491   5.233   6.496   1.00 12.56 ? 14  ALA D CB  1 
ATOM   699 N  N   . LEU D 2 15 ? 4.224   2.558   4.820   1.00 12.56 ? 15  LEU D N   1 
ATOM   700 C  CA  . LEU D 2 15 ? 4.504   1.098   4.670   1.00 12.78 ? 15  LEU D CA  1 
ATOM   701 C  C   . LEU D 2 15 ? 5.378   0.840   3.447   1.00 13.27 ? 15  LEU D C   1 
ATOM   702 O  O   . LEU D 2 15 ? 6.256   -0.077  3.579   1.00 14.56 ? 15  LEU D O   1 
ATOM   703 C  CB  . LEU D 2 15 ? 3.147   0.391   4.456   1.00 13.33 ? 15  LEU D CB  1 
ATOM   704 C  CG  . LEU D 2 15 ? 2.393   0.201   5.792   1.00 14.34 ? 15  LEU D CG  1 
ATOM   705 C  CD1 . LEU D 2 15 ? 0.945   -0.095  5.490   1.00 15.74 ? 15  LEU D CD1 1 
ATOM   706 C  CD2 . LEU D 2 15 ? 2.971   -1.011  6.586   1.00 16.73 ? 15  LEU D CD2 1 
ATOM   707 N  N   . TYR D 2 16 ? 5.215   1.555   2.357   1.00 12.40 ? 16  TYR D N   1 
ATOM   708 C  CA  . TYR D 2 16 ? 6.136   1.379   1.215   1.00 12.97 ? 16  TYR D CA  1 
ATOM   709 C  C   . TYR D 2 16 ? 7.565   1.756   1.626   1.00 14.83 ? 16  TYR D C   1 
ATOM   710 O  O   . TYR D 2 16 ? 8.561   1.090   1.181   1.00 15.84 ? 16  TYR D O   1 
ATOM   711 C  CB  . TYR D 2 16 ? 5.684   2.175   -0.027  1.00 14.80 ? 16  TYR D CB  1 
ATOM   712 C  CG  . TYR D 2 16 ? 6.499   1.784   -1.208  1.00 14.21 ? 16  TYR D CG  1 
ATOM   713 C  CD1 . TYR D 2 16 ? 6.152   0.646   -1.924  1.00 16.11 ? 16  TYR D CD1 1 
ATOM   714 C  CD2 . TYR D 2 16 ? 7.597   2.531   -1.602  1.00 17.20 ? 16  TYR D CD2 1 
ATOM   715 C  CE1 . TYR D 2 16 ? 6.981   0.168   -2.967  1.00 18.25 ? 16  TYR D CE1 1 
ATOM   716 C  CE2 . TYR D 2 16 ? 8.403   2.147   -2.698  1.00 18.51 ? 16  TYR D CE2 1 
ATOM   717 C  CZ  . TYR D 2 16 ? 8.039   0.984   -3.289  1.00 18.52 ? 16  TYR D CZ  1 
ATOM   718 O  OH  . TYR D 2 16 ? 8.775   0.399   -4.369  1.00 21.62 ? 16  TYR D OH  1 
ATOM   719 N  N   . LEU D 2 17 ? 7.747   2.783   2.420   1.00 12.90 ? 17  LEU D N   1 
ATOM   720 C  CA  . LEU D 2 17 ? 9.122   3.161   2.806   1.00 14.28 ? 17  LEU D CA  1 
ATOM   721 C  C   . LEU D 2 17 ? 9.682   2.101   3.731   1.00 14.87 ? 17  LEU D C   1 
ATOM   722 O  O   . LEU D 2 17 ? 10.969  1.919   3.681   1.00 16.44 ? 17  LEU D O   1 
ATOM   723 C  CB  . LEU D 2 17 ? 9.050   4.562   3.477   1.00 16.16 ? 17  LEU D CB  1 
ATOM   724 C  CG  . LEU D 2 17 ? 8.901   5.647   2.357   1.00 19.40 ? 17  LEU D CG  1 
ATOM   725 C  CD1 . LEU D 2 17 ? 8.576   7.056   2.961   1.00 21.56 ? 17  LEU D CD1 1 
ATOM   726 C  CD2 . LEU D 2 17 ? 10.159  5.754   1.460   1.00 21.30 ? 17  LEU D CD2 1 
ATOM   727 N  N   . VAL D 2 18 ? 8.941   1.493   4.646   1.00 13.72 ? 18  VAL D N   1 
ATOM   728 C  CA  . VAL D 2 18 ? 9.448   0.506   5.576   1.00 14.02 ? 18  VAL D CA  1 
ATOM   729 C  C   . VAL D 2 18 ? 9.663   -0.824  4.869   1.00 16.22 ? 18  VAL D C   1 
ATOM   730 O  O   . VAL D 2 18 ? 10.686  -1.503  5.215   1.00 17.42 ? 18  VAL D O   1 
ATOM   731 C  CB  . VAL D 2 18 ? 8.421   0.342   6.700   1.00 15.29 ? 18  VAL D CB  1 
ATOM   732 C  CG1 . VAL D 2 18 ? 8.710   -0.939  7.590   1.00 17.08 ? 18  VAL D CG1 1 
ATOM   733 C  CG2 . VAL D 2 18 ? 8.479   1.633   7.577   1.00 16.21 ? 18  VAL D CG2 1 
ATOM   734 N  N   . CYS D 2 19 ? 8.803   -1.189  3.945   1.00 15.64 ? 19  CYS D N   1 
ATOM   735 C  CA  . CYS D 2 19 ? 8.861   -2.555  3.405   1.00 16.79 ? 19  CYS D CA  1 
ATOM   736 C  C   . CYS D 2 19 ? 9.366   -2.599  1.968   1.00 19.08 ? 19  CYS D C   1 
ATOM   737 O  O   . CYS D 2 19 ? 9.882   -3.688  1.542   1.00 17.99 ? 19  CYS D O   1 
ATOM   738 C  CB  . CYS D 2 19 ? 7.448   -3.148  3.428   1.00 15.38 ? 19  CYS D CB  1 
ATOM   739 S  SG  . CYS D 2 19 ? 6.671   -3.214  5.064   1.00 16.53 ? 19  CYS D SG  1 
ATOM   740 N  N   . GLY D 2 20 ? 9.051   -1.587  1.153   1.00 15.84 ? 20  GLY D N   1 
ATOM   741 C  CA  . GLY D 2 20 ? 9.463   -1.525  -0.268  1.00 17.67 ? 20  GLY D CA  1 
ATOM   742 C  C   . GLY D 2 20 ? 8.948   -2.740  -1.004  1.00 19.43 ? 20  GLY D C   1 
ATOM   743 O  O   . GLY D 2 20 ? 7.842   -3.293  -0.871  1.00 18.19 ? 20  GLY D O   1 
ATOM   744 N  N   . GLU D 2 21 ? 9.899   -3.168  -1.933  1.00 21.86 ? 21  GLU D N   1 
ATOM   745 C  CA  . GLU D 2 21 ? 9.557   -4.303  -2.768  1.00 23.37 ? 21  GLU D CA  1 
ATOM   746 C  C   . GLU D 2 21 ? 9.674   -5.633  -2.024  1.00 21.59 ? 21  GLU D C   1 
ATOM   747 O  O   . GLU D 2 21 ? 9.289   -6.671  -2.680  1.00 26.07 ? 21  GLU D O   1 
ATOM   748 C  CB  . GLU D 2 21 ? 10.523  -4.268  -3.995  1.00 27.05 ? 21  GLU D CB  1 
ATOM   749 C  CG  . GLU D 2 21 ? 10.282  -3.038  -4.835  1.00 30.96 ? 21  GLU D CG  1 
ATOM   750 C  CD  . GLU D 2 21 ? 8.909   -3.097  -5.451  1.00 37.55 ? 21  GLU D CD  1 
ATOM   751 O  OE1 . GLU D 2 21 ? 8.623   -4.030  -6.341  1.00 39.86 ? 21  GLU D OE1 1 
ATOM   752 O  OE2 . GLU D 2 21 ? 8.165   -2.178  -5.184  1.00 32.38 ? 21  GLU D OE2 1 
ATOM   753 N  N   . ARG D 2 22 ? 9.945   -5.683  -0.724  1.00 21.03 ? 22  ARG D N   1 
ATOM   754 C  CA  . ARG D 2 22 ? 9.550   -6.859  0.041   1.00 21.81 ? 22  ARG D CA  1 
ATOM   755 C  C   . ARG D 2 22 ? 8.056   -7.145  -0.113  1.00 21.55 ? 22  ARG D C   1 
ATOM   756 O  O   . ARG D 2 22 ? 7.605   -8.295  0.142   1.00 24.54 ? 22  ARG D O   1 
ATOM   757 C  CB  . ARG D 2 22 ? 9.872   -6.861  1.526   1.00 25.85 ? 22  ARG D CB  1 
ATOM   758 C  CG  . ARG D 2 22 ? 11.375  -6.669  1.794   1.00 34.12 ? 22  ARG D CG  1 
ATOM   759 C  CD  . ARG D 2 22 ? 11.662  -6.268  3.260   1.00 42.79 ? 22  ARG D CD  1 
ATOM   760 N  NE  . ARG D 2 22 ? 11.229  -7.207  4.333   1.00 56.21 ? 22  ARG D NE  1 
ATOM   761 C  CZ  . ARG D 2 22 ? 11.232  -6.932  5.654   1.00 52.43 ? 22  ARG D CZ  1 
ATOM   762 N  NH1 . ARG D 2 22 ? 11.644  -5.749  6.096   1.00 51.35 ? 22  ARG D NH1 1 
ATOM   763 N  NH2 . ARG D 2 22 ? 10.825  -7.828  6.532   1.00 46.64 ? 22  ARG D NH2 1 
ATOM   764 N  N   . GLY D 2 23 ? 7.238   -6.058  -0.234  1.00 18.75 ? 23  GLY D N   1 
ATOM   765 C  CA  . GLY D 2 23 ? 5.796   -6.187  -0.191  1.00 17.26 ? 23  GLY D CA  1 
ATOM   766 C  C   . GLY D 2 23 ? 5.285   -5.953  1.207   1.00 15.49 ? 23  GLY D C   1 
ATOM   767 O  O   . GLY D 2 23 ? 6.008   -5.938  2.227   1.00 16.05 ? 23  GLY D O   1 
ATOM   768 N  N   . PHE D 2 24 ? 3.979   -5.695  1.296   1.00 14.03 ? 24  PHE D N   1 
ATOM   769 C  CA  . PHE D 2 24 ? 3.330   -5.525  2.604   1.00 13.03 ? 24  PHE D CA  1 
ATOM   770 C  C   . PHE D 2 24 ? 1.819   -5.765  2.494   1.00 13.67 ? 24  PHE D C   1 
ATOM   771 O  O   . PHE D 2 24 ? 1.269   -5.770  1.364   1.00 14.41 ? 24  PHE D O   1 
ATOM   772 C  CB  . PHE D 2 24 ? 3.585   -4.092  3.160   1.00 13.71 ? 24  PHE D CB  1 
ATOM   773 C  CG  . PHE D 2 24 ? 3.073   -2.934  2.321   1.00 13.14 ? 24  PHE D CG  1 
ATOM   774 C  CD1 . PHE D 2 24 ? 1.785   -2.493  2.496   1.00 12.74 ? 24  PHE D CD1 1 
ATOM   775 C  CD2 . PHE D 2 24 ? 3.883   -2.343  1.418   1.00 13.57 ? 24  PHE D CD2 1 
ATOM   776 C  CE1 . PHE D 2 24 ? 1.321   -1.428  1.689   1.00 13.75 ? 24  PHE D CE1 1 
ATOM   777 C  CE2 . PHE D 2 24 ? 3.461   -1.242  0.623   1.00 13.43 ? 24  PHE D CE2 1 
ATOM   778 C  CZ  . PHE D 2 24 ? 2.188   -0.759  0.805   1.00 13.52 ? 24  PHE D CZ  1 
ATOM   779 N  N   . PHE D 2 25 ? 1.158   -5.777  3.630   1.00 14.25 ? 25  PHE D N   1 
ATOM   780 C  CA  . PHE D 2 25 ? -0.275  -5.896  3.705   1.00 14.42 ? 25  PHE D CA  1 
ATOM   781 C  C   . PHE D 2 25 ? -0.832  -4.656  4.380   1.00 15.89 ? 25  PHE D C   1 
ATOM   782 O  O   . PHE D 2 25 ? -0.339  -4.213  5.437   1.00 16.15 ? 25  PHE D O   1 
ATOM   783 C  CB  . PHE D 2 25 ? -0.667  -7.144  4.571   1.00 16.66 ? 25  PHE D CB  1 
ATOM   784 C  CG  . PHE D 2 25 ? -0.025  -8.385  3.957   1.00 17.49 ? 25  PHE D CG  1 
ATOM   785 C  CD1 . PHE D 2 25 ? -0.712  -9.055  2.942   1.00 20.63 ? 25  PHE D CD1 1 
ATOM   786 C  CD2 . PHE D 2 25 ? 1.241   -8.849  4.408   1.00 18.64 ? 25  PHE D CD2 1 
ATOM   787 C  CE1 . PHE D 2 25 ? -0.112  -10.201 2.352   1.00 20.95 ? 25  PHE D CE1 1 
ATOM   788 C  CE2 . PHE D 2 25 ? 1.808   -9.944  3.781   1.00 21.38 ? 25  PHE D CE2 1 
ATOM   789 C  CZ  . PHE D 2 25 ? 1.132   -10.578 2.770   1.00 20.30 ? 25  PHE D CZ  1 
ATOM   790 N  N   . TYR D 2 26 ? -1.844  -4.088  3.691   1.00 13.79 ? 26  TYR D N   1 
ATOM   791 C  CA  . TYR D 2 26 ? -2.561  -2.952  4.221   1.00 15.05 ? 26  TYR D CA  1 
ATOM   792 C  C   . TYR D 2 26 ? -3.894  -3.457  4.656   1.00 16.42 ? 26  TYR D C   1 
ATOM   793 O  O   . TYR D 2 26 ? -4.752  -3.864  3.805   1.00 15.94 ? 26  TYR D O   1 
ATOM   794 C  CB  . TYR D 2 26 ? -2.750  -1.847  3.125   1.00 14.06 ? 26  TYR D CB  1 
ATOM   795 C  CG  . TYR D 2 26 ? -3.530  -0.692  3.638   1.00 14.08 ? 26  TYR D CG  1 
ATOM   796 C  CD1 . TYR D 2 26 ? -3.035  0.216   4.620   1.00 15.16 ? 26  TYR D CD1 1 
ATOM   797 C  CD2 . TYR D 2 26 ? -4.806  -0.452  3.102   1.00 15.52 ? 26  TYR D CD2 1 
ATOM   798 C  CE1 . TYR D 2 26 ? -3.814  1.285   5.071   1.00 16.07 ? 26  TYR D CE1 1 
ATOM   799 C  CE2 . TYR D 2 26 ? -5.608  0.599   3.576   1.00 15.56 ? 26  TYR D CE2 1 
ATOM   800 C  CZ  . TYR D 2 26 ? -5.106  1.443   4.551   1.00 15.62 ? 26  TYR D CZ  1 
ATOM   801 O  OH  . TYR D 2 26 ? -5.852  2.511   5.058   1.00 16.09 ? 26  TYR D OH  1 
ATOM   802 N  N   . THR D 2 27 ? -4.131  -3.447  5.994   1.00 16.63 ? 27  THR D N   1 
ATOM   803 C  CA  . THR D 2 27 ? -5.203  -4.338  6.551   1.00 20.33 ? 27  THR D CA  1 
ATOM   804 C  C   . THR D 2 27 ? -6.055  -3.555  7.561   1.00 19.93 ? 27  THR D C   1 
ATOM   805 O  O   . THR D 2 27 ? -5.814  -3.720  8.800   1.00 20.05 ? 27  THR D O   1 
ATOM   806 C  CB  . THR D 2 27 ? -4.594  -5.623  7.151   1.00 21.39 ? 27  THR D CB  1 
ATOM   807 O  OG1 . THR D 2 27 ? -3.732  -6.242  6.183   1.00 23.84 ? 27  THR D OG1 1 
ATOM   808 C  CG2 . THR D 2 27 ? -5.699  -6.635  7.515   1.00 23.01 ? 27  THR D CG2 1 
ATOM   809 N  N   . PRO D 2 28 ? -6.927  -2.657  7.120   1.00 19.84 ? 28  PRO D N   1 
ATOM   810 C  CA  . PRO D 2 28 ? -7.838  -1.918  8.026   1.00 20.65 ? 28  PRO D CA  1 
ATOM   811 C  C   . PRO D 2 28 ? -8.755  -2.940  8.740   1.00 27.03 ? 28  PRO D C   1 
ATOM   812 O  O   . PRO D 2 28 ? -9.047  -4.001  8.236   1.00 26.23 ? 28  PRO D O   1 
ATOM   813 C  CB  . PRO D 2 28 ? -8.719  -1.026  7.162   1.00 22.58 ? 28  PRO D CB  1 
ATOM   814 C  CG  . PRO D 2 28 ? -7.893  -0.955  5.783   1.00 21.13 ? 28  PRO D CG  1 
ATOM   815 C  CD  . PRO D 2 28 ? -7.138  -2.266  5.697   1.00 21.68 ? 28  PRO D CD  1 
ATOM   816 N  N   . GLU D 2 29 ? -9.144  -2.579  9.962   1.00 28.95 ? 29  GLU D N   1 
ATOM   817 C  CA  . GLU D 2 29 ? -10.136 -3.397  10.701  1.00 36.00 ? 29  GLU D CA  1 
ATOM   818 C  C   . GLU D 2 29 ? -11.482 -2.676  10.829  1.00 48.74 ? 29  GLU D C   1 
ATOM   819 O  O   . GLU D 2 29 ? -11.966 -2.232  9.757   1.00 52.78 ? 29  GLU D O   1 
ATOM   820 C  CB  . GLU D 2 29 ? -9.593  -3.558  12.122  1.00 36.24 ? 29  GLU D CB  1 
ATOM   821 C  CG  . GLU D 2 29 ? -8.413  -4.468  12.182  1.00 43.56 ? 29  GLU D CG  1 
ATOM   822 C  CD  . GLU D 2 29 ? -8.586  -5.159  13.531  1.00 57.20 ? 29  GLU D CD  1 
ATOM   823 O  OE1 . GLU D 2 29 ? -8.426  -4.463  14.604  1.00 42.35 ? 29  GLU D OE1 1 
ATOM   824 O  OE2 . GLU D 2 29 ? -9.011  -6.355  13.525  1.00 61.37 ? 29  GLU D OE2 1 
HETATM 825 ZN ZN  . ZN  E 3 .  ? 7.509   9.351   -8.299  0.33 84.28 ? 101 ZN  B ZN  1 
HETATM 826 ZN ZN  . ZN  F 3 .  ? -2.460  14.500  2.747   0.33 37.64 ? 101 ZN  D ZN  1 
HETATM 827 O  O   . HOH G 4 .  ? -4.367  -6.907  3.506   1.00 30.56 ? 101 HOH A O   1 
HETATM 828 O  O   . HOH G 4 .  ? 5.239   -8.869  -9.295  1.00 28.58 ? 102 HOH A O   1 
HETATM 829 O  O   . HOH G 4 .  ? -0.504  -11.046 -10.626 1.00 31.16 ? 103 HOH A O   1 
HETATM 830 O  O   . HOH G 4 .  ? -3.993  -7.961  -12.362 1.00 34.47 ? 104 HOH A O   1 
HETATM 831 O  O   . HOH H 4 .  ? 1.116   7.642   -16.916 1.00 37.30 ? 201 HOH B O   1 
HETATM 832 O  O   . HOH H 4 .  ? 8.286   4.739   -5.511  1.00 41.28 ? 202 HOH B O   1 
HETATM 833 O  O   . HOH H 4 .  ? 1.629   10.755  -3.386  1.00 36.66 ? 203 HOH B O   1 
HETATM 834 O  O   . HOH H 4 .  ? 1.699   6.568   -14.311 1.00 37.78 ? 204 HOH B O   1 
HETATM 835 O  O   . HOH H 4 .  ? -2.448  3.566   -22.350 1.00 37.27 ? 205 HOH B O   1 
HETATM 836 O  O   . HOH H 4 .  ? -6.802  3.784   -14.521 1.00 23.68 ? 206 HOH B O   1 
HETATM 837 O  O   . HOH H 4 .  ? 6.232   5.955   -0.220  1.00 22.00 ? 207 HOH B O   1 
HETATM 838 O  O   . HOH H 4 .  ? 0.298   -7.447  -4.972  1.00 19.22 ? 208 HOH B O   1 
HETATM 839 O  O   . HOH H 4 .  ? 6.249   -1.726  -8.352  1.00 28.29 ? 209 HOH B O   1 
HETATM 840 O  O   . HOH H 4 .  ? -3.778  7.020   -2.738  1.00 25.83 ? 210 HOH B O   1 
HETATM 841 O  O   . HOH H 4 .  ? -5.604  3.444   -21.803 1.00 34.44 ? 211 HOH B O   1 
HETATM 842 O  O   . HOH H 4 .  ? -9.603  4.708   -0.932  1.00 29.06 ? 212 HOH B O   1 
HETATM 843 O  O   . HOH H 4 .  ? 4.264   5.000   -11.564 1.00 25.69 ? 213 HOH B O   1 
HETATM 844 O  O   . HOH H 4 .  ? 1.004   -9.761  -6.608  1.00 31.52 ? 214 HOH B O   1 
HETATM 845 O  O   . HOH H 4 .  ? -10.051 4.398   2.098   1.00 41.69 ? 215 HOH B O   1 
HETATM 846 O  O   . HOH H 4 .  ? -6.291  8.304   -2.402  1.00 27.75 ? 216 HOH B O   1 
HETATM 847 O  O   . HOH I 4 .  ? -3.210  -4.459  12.951  1.00 26.51 ? 101 HOH C O   1 
HETATM 848 O  O   . HOH I 4 .  ? 9.809   -4.176  14.472  1.00 27.96 ? 102 HOH C O   1 
HETATM 849 O  O   . HOH I 4 .  ? -6.861  11.548  18.513  1.00 23.48 ? 103 HOH C O   1 
HETATM 850 O  O   . HOH I 4 .  ? -5.693  -2.032  11.066  1.00 22.12 ? 104 HOH C O   1 
HETATM 851 O  O   . HOH I 4 .  ? 15.239  4.301   15.920  1.00 32.69 ? 105 HOH C O   1 
HETATM 852 O  O   . HOH I 4 .  ? -4.120  5.169   9.025   1.00 18.66 ? 106 HOH C O   1 
HETATM 853 O  O   . HOH I 4 .  ? 3.126   -9.395  7.615   1.00 33.13 ? 107 HOH C O   1 
HETATM 854 O  O   . HOH I 4 .  ? 3.972   -13.498 -1.449  1.00 30.97 ? 108 HOH C O   1 
HETATM 855 O  O   . HOH I 4 .  ? 0.655   -8.689  7.948   1.00 43.95 ? 109 HOH C O   1 
HETATM 856 O  O   . HOH J 4 .  ? -0.146  15.094  13.914  1.00 35.05 ? 201 HOH D O   1 
HETATM 857 O  O   . HOH J 4 .  ? -2.328  -7.797  7.583   1.00 34.80 ? 202 HOH D O   1 
HETATM 858 O  O   . HOH J 4 .  ? -4.473  4.356   6.270   1.00 18.83 ? 203 HOH D O   1 
HETATM 859 O  O   . HOH J 4 .  ? 12.107  -1.778  -2.382  1.00 29.40 ? 204 HOH D O   1 
HETATM 860 O  O   . HOH J 4 .  ? 2.827   12.277  9.744   1.00 38.16 ? 205 HOH D O   1 
HETATM 861 O  O   . HOH J 4 .  ? -5.501  9.725   2.329   1.00 33.79 ? 206 HOH D O   1 
HETATM 862 O  O   . HOH J 4 .  ? -8.611  2.448   4.965   1.00 37.50 ? 207 HOH D O   1 
HETATM 863 O  O   . HOH J 4 .  ? -1.662  -2.889  7.502   1.00 19.57 ? 208 HOH D O   1 
HETATM 864 O  O   . HOH J 4 .  ? 3.882   8.854   4.835   1.00 28.83 ? 209 HOH D O   1 
HETATM 865 O  O   . HOH J 4 .  ? 6.240   12.305  12.696  1.00 37.26 ? 210 HOH D O   1 
HETATM 866 O  O   . HOH J 4 .  ? 8.727   5.387   14.737  1.00 19.70 ? 211 HOH D O   1 
HETATM 867 O  O   . HOH J 4 .  ? 6.380   -9.506  -2.087  1.00 29.25 ? 212 HOH D O   1 
HETATM 868 O  O   . HOH J 4 .  ? -7.049  6.406   7.853   1.00 35.97 ? 213 HOH D O   1 
HETATM 869 O  O   . HOH J 4 .  ? -1.592  11.661  7.850   1.00 32.37 ? 214 HOH D O   1 
HETATM 870 O  O   . HOH J 4 .  ? 5.283   11.092  9.155   1.00 29.13 ? 215 HOH D O   1 
HETATM 871 O  O   . HOH J 4 .  ? 1.557   12.425  -1.704  0.33 61.88 ? 216 HOH D O   1 
HETATM 872 O  O   . HOH J 4 .  ? 10.035  4.985   17.116  1.00 35.28 ? 217 HOH D O   1 
HETATM 873 O  O   . HOH J 4 .  ? 3.362   11.493  -3.704  0.33 22.43 ? 218 HOH D O   1 
# 
